data_4DPO
# 
_entry.id   4DPO 
# 
_audit_conform.dict_name       mmcif_pdbx.dic 
_audit_conform.dict_version    5.399 
_audit_conform.dict_location   http://mmcif.pdb.org/dictionaries/ascii/mmcif_pdbx.dic 
# 
loop_
_database_2.database_id 
_database_2.database_code 
_database_2.pdbx_database_accession 
_database_2.pdbx_DOI 
PDB   4DPO         pdb_00004dpo 10.2210/pdb4dpo/pdb 
RCSB  RCSB070627   ?            ?                   
WWPDB D_1000070627 ?            ?                   
# 
loop_
_pdbx_audit_revision_history.ordinal 
_pdbx_audit_revision_history.data_content_type 
_pdbx_audit_revision_history.major_revision 
_pdbx_audit_revision_history.minor_revision 
_pdbx_audit_revision_history.revision_date 
1 'Structure model' 1 0 2012-02-29 
2 'Structure model' 1 1 2017-11-15 
3 'Structure model' 1 2 2024-11-27 
# 
_pdbx_audit_revision_details.ordinal             1 
_pdbx_audit_revision_details.revision_ordinal    1 
_pdbx_audit_revision_details.data_content_type   'Structure model' 
_pdbx_audit_revision_details.provider            repository 
_pdbx_audit_revision_details.type                'Initial release' 
_pdbx_audit_revision_details.description         ? 
_pdbx_audit_revision_details.details             ? 
# 
loop_
_pdbx_audit_revision_group.ordinal 
_pdbx_audit_revision_group.revision_ordinal 
_pdbx_audit_revision_group.data_content_type 
_pdbx_audit_revision_group.group 
1 2 'Structure model' 'Refinement description' 
2 3 'Structure model' 'Data collection'        
3 3 'Structure model' 'Database references'    
4 3 'Structure model' 'Derived calculations'   
5 3 'Structure model' 'Structure summary'      
# 
loop_
_pdbx_audit_revision_category.ordinal 
_pdbx_audit_revision_category.revision_ordinal 
_pdbx_audit_revision_category.data_content_type 
_pdbx_audit_revision_category.category 
1 2 'Structure model' software                  
2 3 'Structure model' chem_comp_atom            
3 3 'Structure model' chem_comp_bond            
4 3 'Structure model' database_2                
5 3 'Structure model' pdbx_entry_details        
6 3 'Structure model' pdbx_modification_feature 
7 3 'Structure model' struct_conn               
8 3 'Structure model' struct_ref_seq_dif        
# 
loop_
_pdbx_audit_revision_item.ordinal 
_pdbx_audit_revision_item.revision_ordinal 
_pdbx_audit_revision_item.data_content_type 
_pdbx_audit_revision_item.item 
1 3 'Structure model' '_database_2.pdbx_DOI'                
2 3 'Structure model' '_database_2.pdbx_database_accession' 
3 3 'Structure model' '_struct_conn.pdbx_leaving_atom_flag' 
4 3 'Structure model' '_struct_ref_seq_dif.details'         
# 
_pdbx_database_status.status_code                     REL 
_pdbx_database_status.entry_id                        4DPO 
_pdbx_database_status.recvd_initial_deposition_date   2012-02-13 
_pdbx_database_status.deposit_site                    RCSB 
_pdbx_database_status.process_site                    RCSB 
_pdbx_database_status.status_code_sf                  REL 
_pdbx_database_status.status_code_mr                  ? 
_pdbx_database_status.SG_entry                        Y 
_pdbx_database_status.status_code_cs                  ? 
_pdbx_database_status.methods_development_category    ? 
_pdbx_database_status.pdb_format_compatible           Y 
_pdbx_database_status.status_code_nmr_data            ? 
# 
_pdbx_database_related.db_name        TargetTrack 
_pdbx_database_related.db_id          NYSGRC-013905 
_pdbx_database_related.details        . 
_pdbx_database_related.content_type   unspecified 
# 
loop_
_audit_author.name 
_audit_author.pdbx_ordinal 
'Agarwal, R.'                                               1  
'Chamala, S.'                                               2  
'Evans, R.'                                                 3  
'Gizzi, A.'                                                 4  
'Hillerich, B.'                                             5  
'Kar, A.'                                                   6  
'LaFleur, J.'                                               7  
'Foti, R.'                                                  8  
'Siedel, R.'                                                9  
'Zencheck, W.'                                              10 
'Villigas, G.'                                              11 
'Almo, S.C.'                                                12 
'Swaminathan, S.'                                           13 
'New York Structural Genomics Research Consortium (NYSGRC)' 14 
# 
_citation.id                        primary 
_citation.title                     'Crystal structure of a conserved protein MM_1583 from Methanosarcina mazei Go1' 
_citation.journal_abbrev            'To be Published' 
_citation.journal_volume            ? 
_citation.page_first                ? 
_citation.page_last                 ? 
_citation.year                      ? 
_citation.journal_id_ASTM           ? 
_citation.country                   ? 
_citation.journal_id_ISSN           ? 
_citation.journal_id_CSD            0353 
_citation.book_publisher            ? 
_citation.pdbx_database_id_PubMed   ? 
_citation.pdbx_database_id_DOI      ? 
# 
loop_
_citation_author.citation_id 
_citation_author.name 
_citation_author.ordinal 
_citation_author.identifier_ORCID 
primary 'Agarwal, R.'     1 ? 
primary 'Almo, S.C.'      2 ? 
primary 'Swaminathan, S.' 3 ? 
# 
loop_
_entity.id 
_entity.type 
_entity.src_method 
_entity.pdbx_description 
_entity.formula_weight 
_entity.pdbx_number_of_molecules 
_entity.pdbx_ec 
_entity.pdbx_mutation 
_entity.pdbx_fragment 
_entity.details 
1 polymer man 'Conserved protein' 14249.553 2 ? ? ? ? 
2 water   nat water               18.015    5 ? ? ? ? 
# 
_entity_poly.entity_id                      1 
_entity_poly.type                           'polypeptide(L)' 
_entity_poly.nstd_linkage                   no 
_entity_poly.nstd_monomer                   yes 
_entity_poly.pdbx_seq_one_letter_code       
;(MSE)HHHHHHSSGVDLGTENLYFQS(MSE)LAIRVVAKNQVKPEKVQEF(MSE)NLCKSLIEETLKEEGCIDYGVYQEL
ENPEILT(MSE)LEEWKDEGSLDQHIRSDHFKEIFPLLSECLDKETEINIYRKKL
;
_entity_poly.pdbx_seq_one_letter_code_can   
;MHHHHHHSSGVDLGTENLYFQSMLAIRVVAKNQVKPEKVQEFMNLCKSLIEETLKEEGCIDYGVYQELENPEILTMLEEW
KDEGSLDQHIRSDHFKEIFPLLSECLDKETEINIYRKKL
;
_entity_poly.pdbx_strand_id                 A,B 
_entity_poly.pdbx_target_identifier         NYSGRC-013905 
# 
_pdbx_entity_nonpoly.entity_id   2 
_pdbx_entity_nonpoly.name        water 
_pdbx_entity_nonpoly.comp_id     HOH 
# 
loop_
_entity_poly_seq.entity_id 
_entity_poly_seq.num 
_entity_poly_seq.mon_id 
_entity_poly_seq.hetero 
1 1   MSE n 
1 2   HIS n 
1 3   HIS n 
1 4   HIS n 
1 5   HIS n 
1 6   HIS n 
1 7   HIS n 
1 8   SER n 
1 9   SER n 
1 10  GLY n 
1 11  VAL n 
1 12  ASP n 
1 13  LEU n 
1 14  GLY n 
1 15  THR n 
1 16  GLU n 
1 17  ASN n 
1 18  LEU n 
1 19  TYR n 
1 20  PHE n 
1 21  GLN n 
1 22  SER n 
1 23  MSE n 
1 24  LEU n 
1 25  ALA n 
1 26  ILE n 
1 27  ARG n 
1 28  VAL n 
1 29  VAL n 
1 30  ALA n 
1 31  LYS n 
1 32  ASN n 
1 33  GLN n 
1 34  VAL n 
1 35  LYS n 
1 36  PRO n 
1 37  GLU n 
1 38  LYS n 
1 39  VAL n 
1 40  GLN n 
1 41  GLU n 
1 42  PHE n 
1 43  MSE n 
1 44  ASN n 
1 45  LEU n 
1 46  CYS n 
1 47  LYS n 
1 48  SER n 
1 49  LEU n 
1 50  ILE n 
1 51  GLU n 
1 52  GLU n 
1 53  THR n 
1 54  LEU n 
1 55  LYS n 
1 56  GLU n 
1 57  GLU n 
1 58  GLY n 
1 59  CYS n 
1 60  ILE n 
1 61  ASP n 
1 62  TYR n 
1 63  GLY n 
1 64  VAL n 
1 65  TYR n 
1 66  GLN n 
1 67  GLU n 
1 68  LEU n 
1 69  GLU n 
1 70  ASN n 
1 71  PRO n 
1 72  GLU n 
1 73  ILE n 
1 74  LEU n 
1 75  THR n 
1 76  MSE n 
1 77  LEU n 
1 78  GLU n 
1 79  GLU n 
1 80  TRP n 
1 81  LYS n 
1 82  ASP n 
1 83  GLU n 
1 84  GLY n 
1 85  SER n 
1 86  LEU n 
1 87  ASP n 
1 88  GLN n 
1 89  HIS n 
1 90  ILE n 
1 91  ARG n 
1 92  SER n 
1 93  ASP n 
1 94  HIS n 
1 95  PHE n 
1 96  LYS n 
1 97  GLU n 
1 98  ILE n 
1 99  PHE n 
1 100 PRO n 
1 101 LEU n 
1 102 LEU n 
1 103 SER n 
1 104 GLU n 
1 105 CYS n 
1 106 LEU n 
1 107 ASP n 
1 108 LYS n 
1 109 GLU n 
1 110 THR n 
1 111 GLU n 
1 112 ILE n 
1 113 ASN n 
1 114 ILE n 
1 115 TYR n 
1 116 ARG n 
1 117 LYS n 
1 118 LYS n 
1 119 LEU n 
# 
_entity_src_gen.entity_id                          1 
_entity_src_gen.pdbx_src_id                        1 
_entity_src_gen.pdbx_alt_source_flag               sample 
_entity_src_gen.pdbx_seq_type                      ? 
_entity_src_gen.pdbx_beg_seq_num                   ? 
_entity_src_gen.pdbx_end_seq_num                   ? 
_entity_src_gen.gene_src_common_name               ? 
_entity_src_gen.gene_src_genus                     ? 
_entity_src_gen.pdbx_gene_src_gene                 MM_1583 
_entity_src_gen.gene_src_species                   ? 
_entity_src_gen.gene_src_strain                    Go1 
_entity_src_gen.gene_src_tissue                    ? 
_entity_src_gen.gene_src_tissue_fraction           ? 
_entity_src_gen.gene_src_details                   ? 
_entity_src_gen.pdbx_gene_src_fragment             ? 
_entity_src_gen.pdbx_gene_src_scientific_name      'Methanosarcina mazei' 
_entity_src_gen.pdbx_gene_src_ncbi_taxonomy_id     192952 
_entity_src_gen.pdbx_gene_src_variant              ? 
_entity_src_gen.pdbx_gene_src_cell_line            ? 
_entity_src_gen.pdbx_gene_src_atcc                 ? 
_entity_src_gen.pdbx_gene_src_organ                ? 
_entity_src_gen.pdbx_gene_src_organelle            ? 
_entity_src_gen.pdbx_gene_src_cell                 ? 
_entity_src_gen.pdbx_gene_src_cellular_location    ? 
_entity_src_gen.host_org_common_name               ? 
_entity_src_gen.pdbx_host_org_scientific_name      'Escherichia coli' 
_entity_src_gen.pdbx_host_org_ncbi_taxonomy_id     562 
_entity_src_gen.host_org_genus                     ? 
_entity_src_gen.pdbx_host_org_gene                 ? 
_entity_src_gen.pdbx_host_org_organ                ? 
_entity_src_gen.host_org_species                   ? 
_entity_src_gen.pdbx_host_org_tissue               ? 
_entity_src_gen.pdbx_host_org_tissue_fraction      ? 
_entity_src_gen.pdbx_host_org_strain               'BL21(DE3)RIPL' 
_entity_src_gen.pdbx_host_org_variant              ? 
_entity_src_gen.pdbx_host_org_cell_line            ? 
_entity_src_gen.pdbx_host_org_atcc                 ? 
_entity_src_gen.pdbx_host_org_culture_collection   ? 
_entity_src_gen.pdbx_host_org_cell                 ? 
_entity_src_gen.pdbx_host_org_organelle            ? 
_entity_src_gen.pdbx_host_org_cellular_location    ? 
_entity_src_gen.pdbx_host_org_vector_type          Plasmid 
_entity_src_gen.pdbx_host_org_vector               ? 
_entity_src_gen.host_org_details                   ? 
_entity_src_gen.expression_system_id               ? 
_entity_src_gen.plasmid_name                       pET 
_entity_src_gen.plasmid_details                    ? 
_entity_src_gen.pdbx_description                   ? 
# 
loop_
_chem_comp.id 
_chem_comp.type 
_chem_comp.mon_nstd_flag 
_chem_comp.name 
_chem_comp.pdbx_synonyms 
_chem_comp.formula 
_chem_comp.formula_weight 
ALA 'L-peptide linking' y ALANINE          ? 'C3 H7 N O2'     89.093  
ARG 'L-peptide linking' y ARGININE         ? 'C6 H15 N4 O2 1' 175.209 
ASN 'L-peptide linking' y ASPARAGINE       ? 'C4 H8 N2 O3'    132.118 
ASP 'L-peptide linking' y 'ASPARTIC ACID'  ? 'C4 H7 N O4'     133.103 
CYS 'L-peptide linking' y CYSTEINE         ? 'C3 H7 N O2 S'   121.158 
GLN 'L-peptide linking' y GLUTAMINE        ? 'C5 H10 N2 O3'   146.144 
GLU 'L-peptide linking' y 'GLUTAMIC ACID'  ? 'C5 H9 N O4'     147.129 
GLY 'peptide linking'   y GLYCINE          ? 'C2 H5 N O2'     75.067  
HIS 'L-peptide linking' y HISTIDINE        ? 'C6 H10 N3 O2 1' 156.162 
HOH non-polymer         . WATER            ? 'H2 O'           18.015  
ILE 'L-peptide linking' y ISOLEUCINE       ? 'C6 H13 N O2'    131.173 
LEU 'L-peptide linking' y LEUCINE          ? 'C6 H13 N O2'    131.173 
LYS 'L-peptide linking' y LYSINE           ? 'C6 H15 N2 O2 1' 147.195 
MSE 'L-peptide linking' n SELENOMETHIONINE ? 'C5 H11 N O2 Se' 196.106 
PHE 'L-peptide linking' y PHENYLALANINE    ? 'C9 H11 N O2'    165.189 
PRO 'L-peptide linking' y PROLINE          ? 'C5 H9 N O2'     115.130 
SER 'L-peptide linking' y SERINE           ? 'C3 H7 N O3'     105.093 
THR 'L-peptide linking' y THREONINE        ? 'C4 H9 N O3'     119.119 
TRP 'L-peptide linking' y TRYPTOPHAN       ? 'C11 H12 N2 O2'  204.225 
TYR 'L-peptide linking' y TYROSINE         ? 'C9 H11 N O3'    181.189 
VAL 'L-peptide linking' y VALINE           ? 'C5 H11 N O2'    117.146 
# 
loop_
_pdbx_poly_seq_scheme.asym_id 
_pdbx_poly_seq_scheme.entity_id 
_pdbx_poly_seq_scheme.seq_id 
_pdbx_poly_seq_scheme.mon_id 
_pdbx_poly_seq_scheme.ndb_seq_num 
_pdbx_poly_seq_scheme.pdb_seq_num 
_pdbx_poly_seq_scheme.auth_seq_num 
_pdbx_poly_seq_scheme.pdb_mon_id 
_pdbx_poly_seq_scheme.auth_mon_id 
_pdbx_poly_seq_scheme.pdb_strand_id 
_pdbx_poly_seq_scheme.pdb_ins_code 
_pdbx_poly_seq_scheme.hetero 
A 1 1   MSE 1   -21 ?  ?   ?   A . n 
A 1 2   HIS 2   -20 ?  ?   ?   A . n 
A 1 3   HIS 3   -19 ?  ?   ?   A . n 
A 1 4   HIS 4   -18 ?  ?   ?   A . n 
A 1 5   HIS 5   -17 ?  ?   ?   A . n 
A 1 6   HIS 6   -16 ?  ?   ?   A . n 
A 1 7   HIS 7   -15 ?  ?   ?   A . n 
A 1 8   SER 8   -14 ?  ?   ?   A . n 
A 1 9   SER 9   -13 ?  ?   ?   A . n 
A 1 10  GLY 10  -12 ?  ?   ?   A . n 
A 1 11  VAL 11  -11 ?  ?   ?   A . n 
A 1 12  ASP 12  -10 ?  ?   ?   A . n 
A 1 13  LEU 13  -9  ?  ?   ?   A . n 
A 1 14  GLY 14  -8  ?  ?   ?   A . n 
A 1 15  THR 15  -7  ?  ?   ?   A . n 
A 1 16  GLU 16  -6  ?  ?   ?   A . n 
A 1 17  ASN 17  -5  -5 ASN ASN A . n 
A 1 18  LEU 18  -4  -4 LEU LEU A . n 
A 1 19  TYR 19  -3  -3 TYR TYR A . n 
A 1 20  PHE 20  -2  -2 PHE PHE A . n 
A 1 21  GLN 21  -1  -1 GLN GLN A . n 
A 1 22  SER 22  0   0  SER SER A . n 
A 1 23  MSE 23  1   1  MSE MSE A . n 
A 1 24  LEU 24  2   2  LEU LEU A . n 
A 1 25  ALA 25  3   3  ALA ALA A . n 
A 1 26  ILE 26  4   4  ILE ILE A . n 
A 1 27  ARG 27  5   5  ARG ARG A . n 
A 1 28  VAL 28  6   6  VAL VAL A . n 
A 1 29  VAL 29  7   7  VAL VAL A . n 
A 1 30  ALA 30  8   8  ALA ALA A . n 
A 1 31  LYS 31  9   9  LYS LYS A . n 
A 1 32  ASN 32  10  10 ASN ASN A . n 
A 1 33  GLN 33  11  11 GLN GLN A . n 
A 1 34  VAL 34  12  12 VAL VAL A . n 
A 1 35  LYS 35  13  13 LYS LYS A . n 
A 1 36  PRO 36  14  14 PRO PRO A . n 
A 1 37  GLU 37  15  15 GLU GLU A . n 
A 1 38  LYS 38  16  16 LYS LYS A . n 
A 1 39  VAL 39  17  17 VAL VAL A . n 
A 1 40  GLN 40  18  18 GLN GLN A . n 
A 1 41  GLU 41  19  19 GLU GLU A . n 
A 1 42  PHE 42  20  20 PHE PHE A . n 
A 1 43  MSE 43  21  21 MSE MSE A . n 
A 1 44  ASN 44  22  22 ASN ASN A . n 
A 1 45  LEU 45  23  23 LEU LEU A . n 
A 1 46  CYS 46  24  24 CYS CYS A . n 
A 1 47  LYS 47  25  25 LYS LYS A . n 
A 1 48  SER 48  26  26 SER SER A . n 
A 1 49  LEU 49  27  27 LEU LEU A . n 
A 1 50  ILE 50  28  28 ILE ILE A . n 
A 1 51  GLU 51  29  29 GLU GLU A . n 
A 1 52  GLU 52  30  30 GLU GLU A . n 
A 1 53  THR 53  31  31 THR THR A . n 
A 1 54  LEU 54  32  32 LEU LEU A . n 
A 1 55  LYS 55  33  33 LYS LYS A . n 
A 1 56  GLU 56  34  34 GLU GLU A . n 
A 1 57  GLU 57  35  35 GLU GLU A . n 
A 1 58  GLY 58  36  36 GLY GLY A . n 
A 1 59  CYS 59  37  37 CYS CYS A . n 
A 1 60  ILE 60  38  38 ILE ILE A . n 
A 1 61  ASP 61  39  39 ASP ASP A . n 
A 1 62  TYR 62  40  40 TYR TYR A . n 
A 1 63  GLY 63  41  41 GLY GLY A . n 
A 1 64  VAL 64  42  42 VAL VAL A . n 
A 1 65  TYR 65  43  43 TYR TYR A . n 
A 1 66  GLN 66  44  44 GLN GLN A . n 
A 1 67  GLU 67  45  45 GLU GLU A . n 
A 1 68  LEU 68  46  46 LEU LEU A . n 
A 1 69  GLU 69  47  47 GLU GLU A . n 
A 1 70  ASN 70  48  48 ASN ASN A . n 
A 1 71  PRO 71  49  49 PRO PRO A . n 
A 1 72  GLU 72  50  50 GLU GLU A . n 
A 1 73  ILE 73  51  51 ILE ILE A . n 
A 1 74  LEU 74  52  52 LEU LEU A . n 
A 1 75  THR 75  53  53 THR THR A . n 
A 1 76  MSE 76  54  54 MSE MSE A . n 
A 1 77  LEU 77  55  55 LEU LEU A . n 
A 1 78  GLU 78  56  56 GLU GLU A . n 
A 1 79  GLU 79  57  57 GLU GLU A . n 
A 1 80  TRP 80  58  58 TRP TRP A . n 
A 1 81  LYS 81  59  59 LYS LYS A . n 
A 1 82  ASP 82  60  60 ASP ASP A . n 
A 1 83  GLU 83  61  61 GLU GLU A . n 
A 1 84  GLY 84  62  62 GLY GLY A . n 
A 1 85  SER 85  63  63 SER SER A . n 
A 1 86  LEU 86  64  64 LEU LEU A . n 
A 1 87  ASP 87  65  65 ASP ASP A . n 
A 1 88  GLN 88  66  66 GLN GLN A . n 
A 1 89  HIS 89  67  67 HIS HIS A . n 
A 1 90  ILE 90  68  68 ILE ILE A . n 
A 1 91  ARG 91  69  69 ARG ARG A . n 
A 1 92  SER 92  70  70 SER SER A . n 
A 1 93  ASP 93  71  71 ASP ASP A . n 
A 1 94  HIS 94  72  72 HIS HIS A . n 
A 1 95  PHE 95  73  73 PHE PHE A . n 
A 1 96  LYS 96  74  74 LYS LYS A . n 
A 1 97  GLU 97  75  75 GLU GLU A . n 
A 1 98  ILE 98  76  76 ILE ILE A . n 
A 1 99  PHE 99  77  77 PHE PHE A . n 
A 1 100 PRO 100 78  78 PRO PRO A . n 
A 1 101 LEU 101 79  79 LEU LEU A . n 
A 1 102 LEU 102 80  80 LEU LEU A . n 
A 1 103 SER 103 81  81 SER SER A . n 
A 1 104 GLU 104 82  82 GLU GLU A . n 
A 1 105 CYS 105 83  83 CYS CYS A . n 
A 1 106 LEU 106 84  84 LEU LEU A . n 
A 1 107 ASP 107 85  85 ASP ASP A . n 
A 1 108 LYS 108 86  86 LYS LYS A . n 
A 1 109 GLU 109 87  87 GLU GLU A . n 
A 1 110 THR 110 88  88 THR THR A . n 
A 1 111 GLU 111 89  89 GLU GLU A . n 
A 1 112 ILE 112 90  90 ILE ILE A . n 
A 1 113 ASN 113 91  91 ASN ASN A . n 
A 1 114 ILE 114 92  92 ILE ILE A . n 
A 1 115 TYR 115 93  93 TYR TYR A . n 
A 1 116 ARG 116 94  94 ARG ARG A . n 
A 1 117 LYS 117 95  95 LYS LYS A . n 
A 1 118 LYS 118 96  96 LYS ALA A . n 
A 1 119 LEU 119 97  ?  ?   ?   A . n 
B 1 1   MSE 1   -21 ?  ?   ?   B . n 
B 1 2   HIS 2   -20 ?  ?   ?   B . n 
B 1 3   HIS 3   -19 ?  ?   ?   B . n 
B 1 4   HIS 4   -18 ?  ?   ?   B . n 
B 1 5   HIS 5   -17 ?  ?   ?   B . n 
B 1 6   HIS 6   -16 ?  ?   ?   B . n 
B 1 7   HIS 7   -15 ?  ?   ?   B . n 
B 1 8   SER 8   -14 ?  ?   ?   B . n 
B 1 9   SER 9   -13 ?  ?   ?   B . n 
B 1 10  GLY 10  -12 ?  ?   ?   B . n 
B 1 11  VAL 11  -11 ?  ?   ?   B . n 
B 1 12  ASP 12  -10 ?  ?   ?   B . n 
B 1 13  LEU 13  -9  ?  ?   ?   B . n 
B 1 14  GLY 14  -8  ?  ?   ?   B . n 
B 1 15  THR 15  -7  ?  ?   ?   B . n 
B 1 16  GLU 16  -6  ?  ?   ?   B . n 
B 1 17  ASN 17  -5  ?  ?   ?   B . n 
B 1 18  LEU 18  -4  -4 LEU LEU B . n 
B 1 19  TYR 19  -3  -3 TYR TYR B . n 
B 1 20  PHE 20  -2  -2 PHE PHE B . n 
B 1 21  GLN 21  -1  -1 GLN GLN B . n 
B 1 22  SER 22  0   0  SER SER B . n 
B 1 23  MSE 23  1   1  MSE MSE B . n 
B 1 24  LEU 24  2   2  LEU LEU B . n 
B 1 25  ALA 25  3   3  ALA ALA B . n 
B 1 26  ILE 26  4   4  ILE ILE B . n 
B 1 27  ARG 27  5   5  ARG ARG B . n 
B 1 28  VAL 28  6   6  VAL VAL B . n 
B 1 29  VAL 29  7   7  VAL VAL B . n 
B 1 30  ALA 30  8   8  ALA ALA B . n 
B 1 31  LYS 31  9   9  LYS LYS B . n 
B 1 32  ASN 32  10  10 ASN ASN B . n 
B 1 33  GLN 33  11  11 GLN GLN B . n 
B 1 34  VAL 34  12  12 VAL VAL B . n 
B 1 35  LYS 35  13  13 LYS LYS B . n 
B 1 36  PRO 36  14  14 PRO PRO B . n 
B 1 37  GLU 37  15  15 GLU GLU B . n 
B 1 38  LYS 38  16  16 LYS LYS B . n 
B 1 39  VAL 39  17  17 VAL VAL B . n 
B 1 40  GLN 40  18  18 GLN GLN B . n 
B 1 41  GLU 41  19  19 GLU GLU B . n 
B 1 42  PHE 42  20  20 PHE PHE B . n 
B 1 43  MSE 43  21  21 MSE MSE B . n 
B 1 44  ASN 44  22  22 ASN ASN B . n 
B 1 45  LEU 45  23  23 LEU LEU B . n 
B 1 46  CYS 46  24  24 CYS CYS B . n 
B 1 47  LYS 47  25  25 LYS LYS B . n 
B 1 48  SER 48  26  26 SER SER B . n 
B 1 49  LEU 49  27  27 LEU LEU B . n 
B 1 50  ILE 50  28  28 ILE ILE B . n 
B 1 51  GLU 51  29  29 GLU GLU B . n 
B 1 52  GLU 52  30  30 GLU GLU B . n 
B 1 53  THR 53  31  31 THR THR B . n 
B 1 54  LEU 54  32  32 LEU LEU B . n 
B 1 55  LYS 55  33  33 LYS LYS B . n 
B 1 56  GLU 56  34  34 GLU GLU B . n 
B 1 57  GLU 57  35  35 GLU GLU B . n 
B 1 58  GLY 58  36  36 GLY GLY B . n 
B 1 59  CYS 59  37  37 CYS CYS B . n 
B 1 60  ILE 60  38  38 ILE ILE B . n 
B 1 61  ASP 61  39  39 ASP ASP B . n 
B 1 62  TYR 62  40  40 TYR TYR B . n 
B 1 63  GLY 63  41  41 GLY GLY B . n 
B 1 64  VAL 64  42  42 VAL VAL B . n 
B 1 65  TYR 65  43  43 TYR TYR B . n 
B 1 66  GLN 66  44  44 GLN GLN B . n 
B 1 67  GLU 67  45  45 GLU GLU B . n 
B 1 68  LEU 68  46  46 LEU LEU B . n 
B 1 69  GLU 69  47  47 GLU GLU B . n 
B 1 70  ASN 70  48  48 ASN ASN B . n 
B 1 71  PRO 71  49  49 PRO PRO B . n 
B 1 72  GLU 72  50  50 GLU GLU B . n 
B 1 73  ILE 73  51  51 ILE ILE B . n 
B 1 74  LEU 74  52  52 LEU LEU B . n 
B 1 75  THR 75  53  53 THR THR B . n 
B 1 76  MSE 76  54  54 MSE MSE B . n 
B 1 77  LEU 77  55  55 LEU LEU B . n 
B 1 78  GLU 78  56  56 GLU GLU B . n 
B 1 79  GLU 79  57  57 GLU GLU B . n 
B 1 80  TRP 80  58  58 TRP TRP B . n 
B 1 81  LYS 81  59  59 LYS LYS B . n 
B 1 82  ASP 82  60  60 ASP ASP B . n 
B 1 83  GLU 83  61  61 GLU GLU B . n 
B 1 84  GLY 84  62  62 GLY GLY B . n 
B 1 85  SER 85  63  63 SER SER B . n 
B 1 86  LEU 86  64  64 LEU LEU B . n 
B 1 87  ASP 87  65  65 ASP ASP B . n 
B 1 88  GLN 88  66  66 GLN GLN B . n 
B 1 89  HIS 89  67  67 HIS HIS B . n 
B 1 90  ILE 90  68  68 ILE ILE B . n 
B 1 91  ARG 91  69  69 ARG ARG B . n 
B 1 92  SER 92  70  70 SER SER B . n 
B 1 93  ASP 93  71  71 ASP ASP B . n 
B 1 94  HIS 94  72  72 HIS HIS B . n 
B 1 95  PHE 95  73  73 PHE PHE B . n 
B 1 96  LYS 96  74  74 LYS LYS B . n 
B 1 97  GLU 97  75  75 GLU GLU B . n 
B 1 98  ILE 98  76  76 ILE ILE B . n 
B 1 99  PHE 99  77  77 PHE PHE B . n 
B 1 100 PRO 100 78  78 PRO PRO B . n 
B 1 101 LEU 101 79  79 LEU LEU B . n 
B 1 102 LEU 102 80  80 LEU LEU B . n 
B 1 103 SER 103 81  81 SER SER B . n 
B 1 104 GLU 104 82  82 GLU GLU B . n 
B 1 105 CYS 105 83  83 CYS CYS B . n 
B 1 106 LEU 106 84  84 LEU LEU B . n 
B 1 107 ASP 107 85  85 ASP ASP B . n 
B 1 108 LYS 108 86  86 LYS LYS B . n 
B 1 109 GLU 109 87  87 GLU GLU B . n 
B 1 110 THR 110 88  88 THR THR B . n 
B 1 111 GLU 111 89  89 GLU GLU B . n 
B 1 112 ILE 112 90  90 ILE ILE B . n 
B 1 113 ASN 113 91  91 ASN ASN B . n 
B 1 114 ILE 114 92  92 ILE ILE B . n 
B 1 115 TYR 115 93  93 TYR TYR B . n 
B 1 116 ARG 116 94  94 ARG ARG B . n 
B 1 117 LYS 117 95  95 LYS LYS B . n 
B 1 118 LYS 118 96  96 LYS LYS B . n 
B 1 119 LEU 119 97  ?  ?   ?   B . n 
# 
loop_
_pdbx_nonpoly_scheme.asym_id 
_pdbx_nonpoly_scheme.entity_id 
_pdbx_nonpoly_scheme.mon_id 
_pdbx_nonpoly_scheme.ndb_seq_num 
_pdbx_nonpoly_scheme.pdb_seq_num 
_pdbx_nonpoly_scheme.auth_seq_num 
_pdbx_nonpoly_scheme.pdb_mon_id 
_pdbx_nonpoly_scheme.auth_mon_id 
_pdbx_nonpoly_scheme.pdb_strand_id 
_pdbx_nonpoly_scheme.pdb_ins_code 
C 2 HOH 1 101 2 HOH HOH A . 
C 2 HOH 2 102 4 HOH HOH A . 
C 2 HOH 3 103 5 HOH HOH A . 
D 2 HOH 1 101 1 HOH HOH B . 
D 2 HOH 2 102 3 HOH HOH B . 
# 
loop_
_pdbx_unobs_or_zero_occ_atoms.id 
_pdbx_unobs_or_zero_occ_atoms.PDB_model_num 
_pdbx_unobs_or_zero_occ_atoms.polymer_flag 
_pdbx_unobs_or_zero_occ_atoms.occupancy_flag 
_pdbx_unobs_or_zero_occ_atoms.auth_asym_id 
_pdbx_unobs_or_zero_occ_atoms.auth_comp_id 
_pdbx_unobs_or_zero_occ_atoms.auth_seq_id 
_pdbx_unobs_or_zero_occ_atoms.PDB_ins_code 
_pdbx_unobs_or_zero_occ_atoms.auth_atom_id 
_pdbx_unobs_or_zero_occ_atoms.label_alt_id 
_pdbx_unobs_or_zero_occ_atoms.label_asym_id 
_pdbx_unobs_or_zero_occ_atoms.label_comp_id 
_pdbx_unobs_or_zero_occ_atoms.label_seq_id 
_pdbx_unobs_or_zero_occ_atoms.label_atom_id 
1   1 Y 1 A ASN -5 ? CG  ? A ASN 17  CG  
2   1 Y 1 A ASN -5 ? OD1 ? A ASN 17  OD1 
3   1 Y 1 A ASN -5 ? ND2 ? A ASN 17  ND2 
4   1 Y 1 A LEU -4 ? CG  ? A LEU 18  CG  
5   1 Y 1 A LEU -4 ? CD1 ? A LEU 18  CD1 
6   1 Y 1 A LEU -4 ? CD2 ? A LEU 18  CD2 
7   1 Y 1 A LEU 2  ? CD1 ? A LEU 24  CD1 
8   1 Y 1 A LEU 2  ? CD2 ? A LEU 24  CD2 
9   1 Y 1 A GLU 15 ? CG  ? A GLU 37  CG  
10  1 Y 1 A GLU 15 ? CD  ? A GLU 37  CD  
11  1 Y 1 A GLU 15 ? OE1 ? A GLU 37  OE1 
12  1 Y 1 A GLU 15 ? OE2 ? A GLU 37  OE2 
13  1 Y 1 A LYS 16 ? CG  ? A LYS 38  CG  
14  1 Y 1 A LYS 16 ? CD  ? A LYS 38  CD  
15  1 Y 1 A LYS 16 ? CE  ? A LYS 38  CE  
16  1 Y 1 A LYS 16 ? NZ  ? A LYS 38  NZ  
17  1 Y 1 A GLN 18 ? CG  ? A GLN 40  CG  
18  1 Y 1 A GLN 18 ? CD  ? A GLN 40  CD  
19  1 Y 1 A GLN 18 ? OE1 ? A GLN 40  OE1 
20  1 Y 1 A GLN 18 ? NE2 ? A GLN 40  NE2 
21  1 Y 1 A GLU 19 ? CG  ? A GLU 41  CG  
22  1 Y 1 A GLU 19 ? CD  ? A GLU 41  CD  
23  1 Y 1 A GLU 19 ? OE1 ? A GLU 41  OE1 
24  1 Y 1 A GLU 19 ? OE2 ? A GLU 41  OE2 
25  1 Y 1 A LYS 25 ? CG  ? A LYS 47  CG  
26  1 Y 1 A LYS 25 ? CD  ? A LYS 47  CD  
27  1 Y 1 A LYS 25 ? CE  ? A LYS 47  CE  
28  1 Y 1 A LYS 25 ? NZ  ? A LYS 47  NZ  
29  1 Y 1 A ILE 28 ? CG1 ? A ILE 50  CG1 
30  1 Y 1 A ILE 28 ? CG2 ? A ILE 50  CG2 
31  1 Y 1 A ILE 28 ? CD1 ? A ILE 50  CD1 
32  1 Y 1 A GLU 29 ? CG  ? A GLU 51  CG  
33  1 Y 1 A GLU 29 ? CD  ? A GLU 51  CD  
34  1 Y 1 A GLU 29 ? OE1 ? A GLU 51  OE1 
35  1 Y 1 A GLU 29 ? OE2 ? A GLU 51  OE2 
36  1 Y 1 A LYS 33 ? CG  ? A LYS 55  CG  
37  1 Y 1 A LYS 33 ? CD  ? A LYS 55  CD  
38  1 Y 1 A LYS 33 ? CE  ? A LYS 55  CE  
39  1 Y 1 A LYS 33 ? NZ  ? A LYS 55  NZ  
40  1 Y 1 A GLU 35 ? CG  ? A GLU 57  CG  
41  1 Y 1 A GLU 35 ? CD  ? A GLU 57  CD  
42  1 Y 1 A GLU 35 ? OE1 ? A GLU 57  OE1 
43  1 Y 1 A GLU 35 ? OE2 ? A GLU 57  OE2 
44  1 Y 1 A ILE 38 ? CD1 ? A ILE 60  CD1 
45  1 Y 1 A GLU 47 ? CG  ? A GLU 69  CG  
46  1 Y 1 A GLU 47 ? CD  ? A GLU 69  CD  
47  1 Y 1 A GLU 47 ? OE1 ? A GLU 69  OE1 
48  1 Y 1 A GLU 47 ? OE2 ? A GLU 69  OE2 
49  1 Y 1 A LYS 59 ? CD  ? A LYS 81  CD  
50  1 Y 1 A LYS 59 ? CE  ? A LYS 81  CE  
51  1 Y 1 A LYS 59 ? NZ  ? A LYS 81  NZ  
52  1 Y 1 A ASP 65 ? OD1 ? A ASP 87  OD1 
53  1 Y 1 A ASP 65 ? OD2 ? A ASP 87  OD2 
54  1 Y 1 A ILE 68 ? CD1 ? A ILE 90  CD1 
55  1 Y 1 A ARG 69 ? CG  ? A ARG 91  CG  
56  1 Y 1 A ARG 69 ? CD  ? A ARG 91  CD  
57  1 Y 1 A ARG 69 ? NE  ? A ARG 91  NE  
58  1 Y 1 A ARG 69 ? CZ  ? A ARG 91  CZ  
59  1 Y 1 A ARG 69 ? NH1 ? A ARG 91  NH1 
60  1 Y 1 A ARG 69 ? NH2 ? A ARG 91  NH2 
61  1 Y 1 A LYS 74 ? CD  ? A LYS 96  CD  
62  1 Y 1 A LYS 74 ? CE  ? A LYS 96  CE  
63  1 Y 1 A LYS 74 ? NZ  ? A LYS 96  NZ  
64  1 Y 1 A GLU 75 ? CG  ? A GLU 97  CG  
65  1 Y 1 A GLU 75 ? CD  ? A GLU 97  CD  
66  1 Y 1 A GLU 75 ? OE1 ? A GLU 97  OE1 
67  1 Y 1 A GLU 75 ? OE2 ? A GLU 97  OE2 
68  1 Y 1 A GLU 82 ? CG  ? A GLU 104 CG  
69  1 Y 1 A GLU 82 ? CD  ? A GLU 104 CD  
70  1 Y 1 A GLU 82 ? OE1 ? A GLU 104 OE1 
71  1 Y 1 A GLU 82 ? OE2 ? A GLU 104 OE2 
72  1 Y 1 A LYS 86 ? CE  ? A LYS 108 CE  
73  1 Y 1 A LYS 86 ? NZ  ? A LYS 108 NZ  
74  1 Y 1 A GLU 87 ? CG  ? A GLU 109 CG  
75  1 Y 1 A GLU 87 ? CD  ? A GLU 109 CD  
76  1 Y 1 A GLU 87 ? OE1 ? A GLU 109 OE1 
77  1 Y 1 A GLU 87 ? OE2 ? A GLU 109 OE2 
78  1 Y 1 A ILE 92 ? CD1 ? A ILE 114 CD1 
79  1 Y 1 A LYS 96 ? CG  ? A LYS 118 CG  
80  1 Y 1 A LYS 96 ? CD  ? A LYS 118 CD  
81  1 Y 1 A LYS 96 ? CE  ? A LYS 118 CE  
82  1 Y 1 A LYS 96 ? NZ  ? A LYS 118 NZ  
83  1 Y 1 B LEU -4 ? CG  ? B LEU 18  CG  
84  1 Y 1 B LEU -4 ? CD1 ? B LEU 18  CD1 
85  1 Y 1 B LEU -4 ? CD2 ? B LEU 18  CD2 
86  1 Y 1 B LYS 13 ? CG  ? B LYS 35  CG  
87  1 Y 1 B LYS 13 ? CD  ? B LYS 35  CD  
88  1 Y 1 B LYS 13 ? CE  ? B LYS 35  CE  
89  1 Y 1 B LYS 13 ? NZ  ? B LYS 35  NZ  
90  1 Y 1 B PRO 14 ? CG  ? B PRO 36  CG  
91  1 Y 1 B PRO 14 ? CD  ? B PRO 36  CD  
92  1 Y 1 B LYS 16 ? CG  ? B LYS 38  CG  
93  1 Y 1 B LYS 16 ? CD  ? B LYS 38  CD  
94  1 Y 1 B LYS 16 ? CE  ? B LYS 38  CE  
95  1 Y 1 B LYS 16 ? NZ  ? B LYS 38  NZ  
96  1 Y 1 B VAL 17 ? CG1 ? B VAL 39  CG1 
97  1 Y 1 B VAL 17 ? CG2 ? B VAL 39  CG2 
98  1 Y 1 B GLN 18 ? CG  ? B GLN 40  CG  
99  1 Y 1 B GLN 18 ? CD  ? B GLN 40  CD  
100 1 Y 1 B GLN 18 ? OE1 ? B GLN 40  OE1 
101 1 Y 1 B GLN 18 ? NE2 ? B GLN 40  NE2 
102 1 Y 1 B GLU 19 ? CG  ? B GLU 41  CG  
103 1 Y 1 B GLU 19 ? CD  ? B GLU 41  CD  
104 1 Y 1 B GLU 19 ? OE1 ? B GLU 41  OE1 
105 1 Y 1 B GLU 19 ? OE2 ? B GLU 41  OE2 
106 1 Y 1 B LYS 25 ? CG  ? B LYS 47  CG  
107 1 Y 1 B LYS 25 ? CD  ? B LYS 47  CD  
108 1 Y 1 B LYS 25 ? CE  ? B LYS 47  CE  
109 1 Y 1 B LYS 25 ? NZ  ? B LYS 47  NZ  
110 1 Y 1 B LYS 33 ? CG  ? B LYS 55  CG  
111 1 Y 1 B LYS 33 ? CD  ? B LYS 55  CD  
112 1 Y 1 B LYS 33 ? CE  ? B LYS 55  CE  
113 1 Y 1 B LYS 33 ? NZ  ? B LYS 55  NZ  
114 1 Y 1 B GLU 35 ? CG  ? B GLU 57  CG  
115 1 Y 1 B GLU 35 ? CD  ? B GLU 57  CD  
116 1 Y 1 B GLU 35 ? OE1 ? B GLU 57  OE1 
117 1 Y 1 B GLU 35 ? OE2 ? B GLU 57  OE2 
118 1 Y 1 B GLU 47 ? CG  ? B GLU 69  CG  
119 1 Y 1 B GLU 47 ? CD  ? B GLU 69  CD  
120 1 Y 1 B GLU 47 ? OE1 ? B GLU 69  OE1 
121 1 Y 1 B GLU 47 ? OE2 ? B GLU 69  OE2 
122 1 Y 1 B LYS 59 ? CG  ? B LYS 81  CG  
123 1 Y 1 B LYS 59 ? CD  ? B LYS 81  CD  
124 1 Y 1 B LYS 59 ? CE  ? B LYS 81  CE  
125 1 Y 1 B LYS 59 ? NZ  ? B LYS 81  NZ  
126 1 Y 1 B LYS 74 ? CG  ? B LYS 96  CG  
127 1 Y 1 B LYS 74 ? CD  ? B LYS 96  CD  
128 1 Y 1 B LYS 74 ? CE  ? B LYS 96  CE  
129 1 Y 1 B LYS 74 ? NZ  ? B LYS 96  NZ  
130 1 Y 1 B GLU 75 ? CG  ? B GLU 97  CG  
131 1 Y 1 B GLU 75 ? CD  ? B GLU 97  CD  
132 1 Y 1 B GLU 75 ? OE1 ? B GLU 97  OE1 
133 1 Y 1 B GLU 75 ? OE2 ? B GLU 97  OE2 
134 1 Y 1 B LYS 86 ? CE  ? B LYS 108 CE  
135 1 Y 1 B LYS 86 ? NZ  ? B LYS 108 NZ  
136 1 Y 1 B GLU 87 ? CG  ? B GLU 109 CG  
137 1 Y 1 B GLU 87 ? CD  ? B GLU 109 CD  
138 1 Y 1 B GLU 87 ? OE1 ? B GLU 109 OE1 
139 1 Y 1 B GLU 87 ? OE2 ? B GLU 109 OE2 
140 1 Y 1 B LYS 96 ? CE  ? B LYS 118 CE  
141 1 Y 1 B LYS 96 ? NZ  ? B LYS 118 NZ  
# 
loop_
_software.name 
_software.classification 
_software.version 
_software.citation_id 
_software.pdbx_ordinal 
CBASS    'data collection' .        ? 1 
AutoSol  phasing           .        ? 2 
Coot     'model building'  .        ? 3 
CCP4     'model building'  .        ? 4 
REFMAC   refinement        5.5.0109 ? 5 
HKL-2000 'data reduction'  .        ? 6 
HKL-2000 'data scaling'    .        ? 7 
CCP4     phasing           .        ? 8 
# 
_cell.entry_id           4DPO 
_cell.length_a           59.761 
_cell.length_b           60.255 
_cell.length_c           104.312 
_cell.angle_alpha        90.00 
_cell.angle_beta         90.00 
_cell.angle_gamma        90.00 
_cell.Z_PDB              8 
_cell.pdbx_unique_axis   ? 
_cell.length_a_esd       ? 
_cell.length_b_esd       ? 
_cell.length_c_esd       ? 
_cell.angle_alpha_esd    ? 
_cell.angle_beta_esd     ? 
_cell.angle_gamma_esd    ? 
# 
_symmetry.entry_id                         4DPO 
_symmetry.space_group_name_H-M             'P 21 21 21' 
_symmetry.pdbx_full_space_group_name_H-M   ? 
_symmetry.cell_setting                     ? 
_symmetry.Int_Tables_number                19 
_symmetry.space_group_name_Hall            ? 
# 
_exptl.entry_id          4DPO 
_exptl.method            'X-RAY DIFFRACTION' 
_exptl.crystals_number   1 
# 
_exptl_crystal.id                    1 
_exptl_crystal.density_meas          ? 
_exptl_crystal.density_Matthews      3.29 
_exptl_crystal.density_percent_sol   62.67 
_exptl_crystal.description           ? 
_exptl_crystal.F_000                 ? 
_exptl_crystal.preparation           ? 
# 
_exptl_crystal_grow.crystal_id      1 
_exptl_crystal_grow.method          'VAPOR DIFFUSION, SITTING DROP' 
_exptl_crystal_grow.temp            293 
_exptl_crystal_grow.temp_details    ? 
_exptl_crystal_grow.pH              8.5 
_exptl_crystal_grow.pdbx_details    '0.1M Tris, pH 8.5, 2M Ammonium Sulfate, VAPOR DIFFUSION, SITTING DROP, temperature 293K' 
_exptl_crystal_grow.pdbx_pH_range   ? 
# 
_diffrn.id                     1 
_diffrn.ambient_temp           100 
_diffrn.ambient_temp_details   ? 
_diffrn.crystal_id             1 
# 
_diffrn_detector.diffrn_id              1 
_diffrn_detector.detector               CCD 
_diffrn_detector.type                   'ADSC QUANTUM 315' 
_diffrn_detector.pdbx_collection_date   2012-02-12 
_diffrn_detector.details                Mirrors 
# 
_diffrn_radiation.diffrn_id                        1 
_diffrn_radiation.wavelength_id                    1 
_diffrn_radiation.pdbx_monochromatic_or_laue_m_l   M 
_diffrn_radiation.monochromator                    SI-III 
_diffrn_radiation.pdbx_diffrn_protocol             'SINGLE WAVELENGTH' 
_diffrn_radiation.pdbx_scattering_type             x-ray 
# 
_diffrn_radiation_wavelength.id           1 
_diffrn_radiation_wavelength.wavelength   0.9790 
_diffrn_radiation_wavelength.wt           1.0 
# 
_diffrn_source.diffrn_id                   1 
_diffrn_source.source                      SYNCHROTRON 
_diffrn_source.type                        'NSLS BEAMLINE X29A' 
_diffrn_source.pdbx_synchrotron_site       NSLS 
_diffrn_source.pdbx_synchrotron_beamline   X29A 
_diffrn_source.pdbx_wavelength             ? 
_diffrn_source.pdbx_wavelength_list        0.9790 
# 
_reflns.entry_id                     4DPO 
_reflns.observed_criterion_sigma_I   0 
_reflns.observed_criterion_sigma_F   ? 
_reflns.d_resolution_low             50 
_reflns.d_resolution_high            2.71 
_reflns.number_obs                   10299 
_reflns.number_all                   10299 
_reflns.percent_possible_obs         98.7 
_reflns.pdbx_Rmerge_I_obs            0.06 
_reflns.pdbx_Rsym_value              ? 
_reflns.pdbx_netI_over_sigmaI        13.8 
_reflns.B_iso_Wilson_estimate        ? 
_reflns.pdbx_redundancy              13.7 
_reflns.R_free_details               ? 
_reflns.limit_h_max                  ? 
_reflns.limit_h_min                  ? 
_reflns.limit_k_max                  ? 
_reflns.limit_k_min                  ? 
_reflns.limit_l_max                  ? 
_reflns.limit_l_min                  ? 
_reflns.observed_criterion_F_max     ? 
_reflns.observed_criterion_F_min     ? 
_reflns.pdbx_chi_squared             ? 
_reflns.pdbx_scaling_rejects         ? 
_reflns.pdbx_ordinal                 1 
_reflns.pdbx_diffrn_id               1 
# 
_reflns_shell.d_res_high             2.71 
_reflns_shell.d_res_low              2.81 
_reflns_shell.percent_possible_all   100 
_reflns_shell.Rmerge_I_obs           0.6 
_reflns_shell.pdbx_Rsym_value        ? 
_reflns_shell.meanI_over_sigI_obs    5 
_reflns_shell.pdbx_redundancy        14.5 
_reflns_shell.percent_possible_obs   ? 
_reflns_shell.number_unique_all      1024 
_reflns_shell.number_measured_all    ? 
_reflns_shell.number_measured_obs    ? 
_reflns_shell.number_unique_obs      ? 
_reflns_shell.pdbx_chi_squared       ? 
_reflns_shell.pdbx_ordinal           1 
_reflns_shell.pdbx_diffrn_id         1 
# 
_refine.entry_id                                 4DPO 
_refine.ls_number_reflns_obs                     9723 
_refine.ls_number_reflns_all                     10299 
_refine.pdbx_ls_sigma_I                          0 
_refine.pdbx_ls_sigma_F                          ? 
_refine.pdbx_data_cutoff_high_absF               ? 
_refine.pdbx_data_cutoff_low_absF                ? 
_refine.pdbx_data_cutoff_high_rms_absF           ? 
_refine.ls_d_res_low                             39.43 
_refine.ls_d_res_high                            2.73 
_refine.ls_percent_reflns_obs                    97.05 
_refine.ls_R_factor_obs                          0.23826 
_refine.ls_R_factor_all                          ? 
_refine.ls_R_factor_R_work                       0.23607 
_refine.ls_R_factor_R_free                       0.28291 
_refine.ls_R_factor_R_free_error                 ? 
_refine.ls_R_factor_R_free_error_details         ? 
_refine.ls_percent_reflns_R_free                 4.8 
_refine.ls_number_reflns_R_free                  490 
_refine.ls_number_parameters                     ? 
_refine.ls_number_restraints                     ? 
_refine.occupancy_min                            ? 
_refine.occupancy_max                            ? 
_refine.correlation_coeff_Fo_to_Fc               0.920 
_refine.correlation_coeff_Fo_to_Fc_free          0.907 
_refine.B_iso_mean                               58.320 
_refine.aniso_B[1][1]                            -0.03 
_refine.aniso_B[2][2]                            -0.01 
_refine.aniso_B[3][3]                            0.04 
_refine.aniso_B[1][2]                            0.00 
_refine.aniso_B[1][3]                            0.00 
_refine.aniso_B[2][3]                            0.00 
_refine.solvent_model_details                    MASK 
_refine.solvent_model_param_ksol                 ? 
_refine.solvent_model_param_bsol                 ? 
_refine.pdbx_solvent_vdw_probe_radii             1.40 
_refine.pdbx_solvent_ion_probe_radii             0.80 
_refine.pdbx_solvent_shrinkage_radii             0.80 
_refine.pdbx_ls_cross_valid_method               THROUGHOUT 
_refine.details                                  'HYDROGENS HAVE BEEN ADDED IN THE RIDING POSITIONS' 
_refine.pdbx_starting_model                      None 
_refine.pdbx_method_to_determine_struct          SAD 
_refine.pdbx_isotropic_thermal_model             ? 
_refine.pdbx_stereochemistry_target_values       'MAXIMUM LIKELIHOOD' 
_refine.pdbx_stereochem_target_val_spec_case     ? 
_refine.pdbx_R_Free_selection_details            RANDOM 
_refine.pdbx_overall_ESU_R                       0.436 
_refine.pdbx_overall_ESU_R_Free                  0.316 
_refine.overall_SU_ML                            0.231 
_refine.pdbx_overall_phase_error                 ? 
_refine.overall_SU_B                             11.305 
_refine.overall_SU_R_Cruickshank_DPI             ? 
_refine.ls_redundancy_reflns_obs                 ? 
_refine.B_iso_min                                ? 
_refine.B_iso_max                                ? 
_refine.overall_SU_R_free                        ? 
_refine.ls_wR_factor_R_free                      ? 
_refine.ls_wR_factor_R_work                      ? 
_refine.overall_FOM_free_R_set                   ? 
_refine.overall_FOM_work_R_set                   ? 
_refine.pdbx_diffrn_id                           1 
_refine.pdbx_refine_id                           'X-RAY DIFFRACTION' 
_refine.pdbx_TLS_residual_ADP_flag               ? 
_refine.pdbx_overall_SU_R_free_Cruickshank_DPI   ? 
_refine.pdbx_overall_SU_R_Blow_DPI               ? 
_refine.pdbx_overall_SU_R_free_Blow_DPI          ? 
# 
_refine_hist.pdbx_refine_id                   'X-RAY DIFFRACTION' 
_refine_hist.cycle_id                         LAST 
_refine_hist.pdbx_number_atoms_protein        1549 
_refine_hist.pdbx_number_atoms_nucleic_acid   0 
_refine_hist.pdbx_number_atoms_ligand         0 
_refine_hist.number_atoms_solvent             5 
_refine_hist.number_atoms_total               1554 
_refine_hist.d_res_high                       2.73 
_refine_hist.d_res_low                        39.43 
# 
loop_
_refine_ls_restr.type 
_refine_ls_restr.dev_ideal 
_refine_ls_restr.dev_ideal_target 
_refine_ls_restr.weight 
_refine_ls_restr.number 
_refine_ls_restr.pdbx_restraint_function 
_refine_ls_restr.pdbx_refine_id 
r_bond_refined_d       0.022  0.022  ? 1566 ? 'X-RAY DIFFRACTION' 
r_angle_refined_deg    1.962  1.961  ? 2129 ? 'X-RAY DIFFRACTION' 
r_dihedral_angle_1_deg 7.177  5.000  ? 201  ? 'X-RAY DIFFRACTION' 
r_dihedral_angle_2_deg 37.519 26.000 ? 70   ? 'X-RAY DIFFRACTION' 
r_dihedral_angle_3_deg 21.729 15.000 ? 250  ? 'X-RAY DIFFRACTION' 
r_dihedral_angle_4_deg 13.554 15.000 ? 3    ? 'X-RAY DIFFRACTION' 
r_chiral_restr         0.120  0.200  ? 248  ? 'X-RAY DIFFRACTION' 
r_gen_planes_refined   0.007  0.021  ? 1183 ? 'X-RAY DIFFRACTION' 
r_mcbond_it            0.954  1.500  ? 1012 ? 'X-RAY DIFFRACTION' 
r_mcangle_it           1.858  2.000  ? 1608 ? 'X-RAY DIFFRACTION' 
r_scbond_it            3.067  3.000  ? 554  ? 'X-RAY DIFFRACTION' 
r_scangle_it           4.806  4.500  ? 521  ? 'X-RAY DIFFRACTION' 
# 
_refine_ls_shell.pdbx_total_number_of_bins_used   20 
_refine_ls_shell.d_res_high                       2.726 
_refine_ls_shell.d_res_low                        2.797 
_refine_ls_shell.number_reflns_R_work             592 
_refine_ls_shell.R_factor_R_work                  0.331 
_refine_ls_shell.percent_reflns_obs               82.29 
_refine_ls_shell.R_factor_R_free                  0.497 
_refine_ls_shell.R_factor_R_free_error            ? 
_refine_ls_shell.percent_reflns_R_free            ? 
_refine_ls_shell.number_reflns_R_free             26 
_refine_ls_shell.number_reflns_all                ? 
_refine_ls_shell.R_factor_all                     ? 
_refine_ls_shell.number_reflns_obs                ? 
_refine_ls_shell.redundancy_reflns_obs            ? 
_refine_ls_shell.pdbx_refine_id                   'X-RAY DIFFRACTION' 
# 
_struct.entry_id                  4DPO 
_struct.title                     'Crystal structure of a conserved protein MM_1583 from Methanosarcina mazei Go1' 
_struct.pdbx_model_details        ? 
_struct.pdbx_CASP_flag            ? 
_struct.pdbx_model_type_details   ? 
# 
_struct_keywords.entry_id        4DPO 
_struct_keywords.pdbx_keywords   'UNKNOWN FUNCTION' 
_struct_keywords.text            
;Structural Genomics, PSI-Biology, New York Structural Genomics Research Consortium, NYSGRC, Putative antibitic biosynthesis mono oxygenase, UNKNOWN FUNCTION
;
# 
loop_
_struct_asym.id 
_struct_asym.pdbx_blank_PDB_chainid_flag 
_struct_asym.pdbx_modified 
_struct_asym.entity_id 
_struct_asym.details 
A N N 1 ? 
B N N 1 ? 
C N N 2 ? 
D N N 2 ? 
# 
_struct_ref.id                         1 
_struct_ref.db_name                    UNP 
_struct_ref.db_code                    Q8PWK2_METMA 
_struct_ref.pdbx_db_accession          Q8PWK2 
_struct_ref.entity_id                  1 
_struct_ref.pdbx_seq_one_letter_code   
;AIRVVAKNQVKPEKVQEFMNLCKSLIEETLKEEGCIDYGVYQELENPEILTMLEEWKDEGSLDQHIRSDHFKEIFPLLSE
CLDKETEINIYRKKL
;
_struct_ref.pdbx_align_begin           2 
_struct_ref.pdbx_db_isoform            ? 
# 
loop_
_struct_ref_seq.align_id 
_struct_ref_seq.ref_id 
_struct_ref_seq.pdbx_PDB_id_code 
_struct_ref_seq.pdbx_strand_id 
_struct_ref_seq.seq_align_beg 
_struct_ref_seq.pdbx_seq_align_beg_ins_code 
_struct_ref_seq.seq_align_end 
_struct_ref_seq.pdbx_seq_align_end_ins_code 
_struct_ref_seq.pdbx_db_accession 
_struct_ref_seq.db_align_beg 
_struct_ref_seq.pdbx_db_align_beg_ins_code 
_struct_ref_seq.db_align_end 
_struct_ref_seq.pdbx_db_align_end_ins_code 
_struct_ref_seq.pdbx_auth_seq_align_beg 
_struct_ref_seq.pdbx_auth_seq_align_end 
1 1 4DPO A 25 ? 119 ? Q8PWK2 2 ? 96 ? 3 97 
2 1 4DPO B 25 ? 119 ? Q8PWK2 2 ? 96 ? 3 97 
# 
loop_
_struct_ref_seq_dif.align_id 
_struct_ref_seq_dif.pdbx_pdb_id_code 
_struct_ref_seq_dif.mon_id 
_struct_ref_seq_dif.pdbx_pdb_strand_id 
_struct_ref_seq_dif.seq_num 
_struct_ref_seq_dif.pdbx_pdb_ins_code 
_struct_ref_seq_dif.pdbx_seq_db_name 
_struct_ref_seq_dif.pdbx_seq_db_accession_code 
_struct_ref_seq_dif.db_mon_id 
_struct_ref_seq_dif.pdbx_seq_db_seq_num 
_struct_ref_seq_dif.details 
_struct_ref_seq_dif.pdbx_auth_seq_num 
_struct_ref_seq_dif.pdbx_ordinal 
1 4DPO MSE A 1  ? UNP Q8PWK2 ? ? 'expression tag' -21 1  
1 4DPO HIS A 2  ? UNP Q8PWK2 ? ? 'expression tag' -20 2  
1 4DPO HIS A 3  ? UNP Q8PWK2 ? ? 'expression tag' -19 3  
1 4DPO HIS A 4  ? UNP Q8PWK2 ? ? 'expression tag' -18 4  
1 4DPO HIS A 5  ? UNP Q8PWK2 ? ? 'expression tag' -17 5  
1 4DPO HIS A 6  ? UNP Q8PWK2 ? ? 'expression tag' -16 6  
1 4DPO HIS A 7  ? UNP Q8PWK2 ? ? 'expression tag' -15 7  
1 4DPO SER A 8  ? UNP Q8PWK2 ? ? 'expression tag' -14 8  
1 4DPO SER A 9  ? UNP Q8PWK2 ? ? 'expression tag' -13 9  
1 4DPO GLY A 10 ? UNP Q8PWK2 ? ? 'expression tag' -12 10 
1 4DPO VAL A 11 ? UNP Q8PWK2 ? ? 'expression tag' -11 11 
1 4DPO ASP A 12 ? UNP Q8PWK2 ? ? 'expression tag' -10 12 
1 4DPO LEU A 13 ? UNP Q8PWK2 ? ? 'expression tag' -9  13 
1 4DPO GLY A 14 ? UNP Q8PWK2 ? ? 'expression tag' -8  14 
1 4DPO THR A 15 ? UNP Q8PWK2 ? ? 'expression tag' -7  15 
1 4DPO GLU A 16 ? UNP Q8PWK2 ? ? 'expression tag' -6  16 
1 4DPO ASN A 17 ? UNP Q8PWK2 ? ? 'expression tag' -5  17 
1 4DPO LEU A 18 ? UNP Q8PWK2 ? ? 'expression tag' -4  18 
1 4DPO TYR A 19 ? UNP Q8PWK2 ? ? 'expression tag' -3  19 
1 4DPO PHE A 20 ? UNP Q8PWK2 ? ? 'expression tag' -2  20 
1 4DPO GLN A 21 ? UNP Q8PWK2 ? ? 'expression tag' -1  21 
1 4DPO SER A 22 ? UNP Q8PWK2 ? ? 'expression tag' 0   22 
1 4DPO MSE A 23 ? UNP Q8PWK2 ? ? 'expression tag' 1   23 
1 4DPO LEU A 24 ? UNP Q8PWK2 ? ? 'expression tag' 2   24 
2 4DPO MSE B 1  ? UNP Q8PWK2 ? ? 'expression tag' -21 25 
2 4DPO HIS B 2  ? UNP Q8PWK2 ? ? 'expression tag' -20 26 
2 4DPO HIS B 3  ? UNP Q8PWK2 ? ? 'expression tag' -19 27 
2 4DPO HIS B 4  ? UNP Q8PWK2 ? ? 'expression tag' -18 28 
2 4DPO HIS B 5  ? UNP Q8PWK2 ? ? 'expression tag' -17 29 
2 4DPO HIS B 6  ? UNP Q8PWK2 ? ? 'expression tag' -16 30 
2 4DPO HIS B 7  ? UNP Q8PWK2 ? ? 'expression tag' -15 31 
2 4DPO SER B 8  ? UNP Q8PWK2 ? ? 'expression tag' -14 32 
2 4DPO SER B 9  ? UNP Q8PWK2 ? ? 'expression tag' -13 33 
2 4DPO GLY B 10 ? UNP Q8PWK2 ? ? 'expression tag' -12 34 
2 4DPO VAL B 11 ? UNP Q8PWK2 ? ? 'expression tag' -11 35 
2 4DPO ASP B 12 ? UNP Q8PWK2 ? ? 'expression tag' -10 36 
2 4DPO LEU B 13 ? UNP Q8PWK2 ? ? 'expression tag' -9  37 
2 4DPO GLY B 14 ? UNP Q8PWK2 ? ? 'expression tag' -8  38 
2 4DPO THR B 15 ? UNP Q8PWK2 ? ? 'expression tag' -7  39 
2 4DPO GLU B 16 ? UNP Q8PWK2 ? ? 'expression tag' -6  40 
2 4DPO ASN B 17 ? UNP Q8PWK2 ? ? 'expression tag' -5  41 
2 4DPO LEU B 18 ? UNP Q8PWK2 ? ? 'expression tag' -4  42 
2 4DPO TYR B 19 ? UNP Q8PWK2 ? ? 'expression tag' -3  43 
2 4DPO PHE B 20 ? UNP Q8PWK2 ? ? 'expression tag' -2  44 
2 4DPO GLN B 21 ? UNP Q8PWK2 ? ? 'expression tag' -1  45 
2 4DPO SER B 22 ? UNP Q8PWK2 ? ? 'expression tag' 0   46 
2 4DPO MSE B 23 ? UNP Q8PWK2 ? ? 'expression tag' 1   47 
2 4DPO LEU B 24 ? UNP Q8PWK2 ? ? 'expression tag' 2   48 
# 
_pdbx_struct_assembly.id                   1 
_pdbx_struct_assembly.details              author_and_software_defined_assembly 
_pdbx_struct_assembly.method_details       PISA 
_pdbx_struct_assembly.oligomeric_details   dimeric 
_pdbx_struct_assembly.oligomeric_count     2 
# 
loop_
_pdbx_struct_assembly_prop.biol_id 
_pdbx_struct_assembly_prop.type 
_pdbx_struct_assembly_prop.value 
_pdbx_struct_assembly_prop.details 
1 'ABSA (A^2)' 2370  ? 
1 MORE         -5    ? 
1 'SSA (A^2)'  10510 ? 
# 
_pdbx_struct_assembly_gen.assembly_id       1 
_pdbx_struct_assembly_gen.oper_expression   1 
_pdbx_struct_assembly_gen.asym_id_list      A,B,C,D 
# 
_pdbx_struct_oper_list.id                   1 
_pdbx_struct_oper_list.type                 'identity operation' 
_pdbx_struct_oper_list.name                 1_555 
_pdbx_struct_oper_list.symmetry_operation   x,y,z 
_pdbx_struct_oper_list.matrix[1][1]         1.0000000000 
_pdbx_struct_oper_list.matrix[1][2]         0.0000000000 
_pdbx_struct_oper_list.matrix[1][3]         0.0000000000 
_pdbx_struct_oper_list.vector[1]            0.0000000000 
_pdbx_struct_oper_list.matrix[2][1]         0.0000000000 
_pdbx_struct_oper_list.matrix[2][2]         1.0000000000 
_pdbx_struct_oper_list.matrix[2][3]         0.0000000000 
_pdbx_struct_oper_list.vector[2]            0.0000000000 
_pdbx_struct_oper_list.matrix[3][1]         0.0000000000 
_pdbx_struct_oper_list.matrix[3][2]         0.0000000000 
_pdbx_struct_oper_list.matrix[3][3]         1.0000000000 
_pdbx_struct_oper_list.vector[3]            0.0000000000 
# 
_struct_biol.id        1 
_struct_biol.details   ? 
# 
loop_
_struct_conf.conf_type_id 
_struct_conf.id 
_struct_conf.pdbx_PDB_helix_id 
_struct_conf.beg_label_comp_id 
_struct_conf.beg_label_asym_id 
_struct_conf.beg_label_seq_id 
_struct_conf.pdbx_beg_PDB_ins_code 
_struct_conf.end_label_comp_id 
_struct_conf.end_label_asym_id 
_struct_conf.end_label_seq_id 
_struct_conf.pdbx_end_PDB_ins_code 
_struct_conf.beg_auth_comp_id 
_struct_conf.beg_auth_asym_id 
_struct_conf.beg_auth_seq_id 
_struct_conf.end_auth_comp_id 
_struct_conf.end_auth_asym_id 
_struct_conf.end_auth_seq_id 
_struct_conf.pdbx_PDB_helix_class 
_struct_conf.details 
_struct_conf.pdbx_PDB_helix_length 
HELX_P HELX_P1 1 ASN A 17 ? ALA A 25  ? ASN A -5 ALA A 3  1 ? 9  
HELX_P HELX_P2 2 LYS A 38 ? LYS A 55  ? LYS A 16 LYS A 33 1 ? 18 
HELX_P HELX_P3 3 ASP A 82 ? ARG A 91  ? ASP A 60 ARG A 69 1 ? 10 
HELX_P HELX_P4 4 SER A 92 ? CYS A 105 ? SER A 70 CYS A 83 1 ? 14 
HELX_P HELX_P5 5 TYR B 19 ? ALA B 25  ? TYR B -3 ALA B 3  1 ? 7  
HELX_P HELX_P6 6 LYS B 35 ? GLU B 37  ? LYS B 13 GLU B 15 5 ? 3  
HELX_P HELX_P7 7 LYS B 38 ? LYS B 55  ? LYS B 16 LYS B 33 1 ? 18 
HELX_P HELX_P8 8 ASP B 82 ? ILE B 90  ? ASP B 60 ILE B 68 1 ? 9  
HELX_P HELX_P9 9 SER B 92 ? GLU B 104 ? SER B 70 GLU B 82 1 ? 13 
# 
_struct_conf_type.id          HELX_P 
_struct_conf_type.criteria    ? 
_struct_conf_type.reference   ? 
# 
loop_
_struct_conn.id 
_struct_conn.conn_type_id 
_struct_conn.pdbx_leaving_atom_flag 
_struct_conn.pdbx_PDB_id 
_struct_conn.ptnr1_label_asym_id 
_struct_conn.ptnr1_label_comp_id 
_struct_conn.ptnr1_label_seq_id 
_struct_conn.ptnr1_label_atom_id 
_struct_conn.pdbx_ptnr1_label_alt_id 
_struct_conn.pdbx_ptnr1_PDB_ins_code 
_struct_conn.pdbx_ptnr1_standard_comp_id 
_struct_conn.ptnr1_symmetry 
_struct_conn.ptnr2_label_asym_id 
_struct_conn.ptnr2_label_comp_id 
_struct_conn.ptnr2_label_seq_id 
_struct_conn.ptnr2_label_atom_id 
_struct_conn.pdbx_ptnr2_label_alt_id 
_struct_conn.pdbx_ptnr2_PDB_ins_code 
_struct_conn.ptnr1_auth_asym_id 
_struct_conn.ptnr1_auth_comp_id 
_struct_conn.ptnr1_auth_seq_id 
_struct_conn.ptnr2_auth_asym_id 
_struct_conn.ptnr2_auth_comp_id 
_struct_conn.ptnr2_auth_seq_id 
_struct_conn.ptnr2_symmetry 
_struct_conn.pdbx_ptnr3_label_atom_id 
_struct_conn.pdbx_ptnr3_label_seq_id 
_struct_conn.pdbx_ptnr3_label_comp_id 
_struct_conn.pdbx_ptnr3_label_asym_id 
_struct_conn.pdbx_ptnr3_label_alt_id 
_struct_conn.pdbx_ptnr3_PDB_ins_code 
_struct_conn.details 
_struct_conn.pdbx_dist_value 
_struct_conn.pdbx_value_order 
_struct_conn.pdbx_role 
covale1  covale both ? A SER 22 C ? ? ? 1_555 A MSE 23 N ? ? A SER 0  A MSE 1  1_555 ? ? ? ? ? ? ? 1.318 ? ? 
covale2  covale both ? A MSE 23 C ? ? ? 1_555 A LEU 24 N ? ? A MSE 1  A LEU 2  1_555 ? ? ? ? ? ? ? 1.346 ? ? 
covale3  covale both ? A PHE 42 C ? ? ? 1_555 A MSE 43 N ? ? A PHE 20 A MSE 21 1_555 ? ? ? ? ? ? ? 1.335 ? ? 
covale4  covale both ? A MSE 43 C ? ? ? 1_555 A ASN 44 N ? ? A MSE 21 A ASN 22 1_555 ? ? ? ? ? ? ? 1.339 ? ? 
covale5  covale both ? A THR 75 C ? ? ? 1_555 A MSE 76 N ? ? A THR 53 A MSE 54 1_555 ? ? ? ? ? ? ? 1.327 ? ? 
covale6  covale both ? A MSE 76 C ? ? ? 1_555 A LEU 77 N ? ? A MSE 54 A LEU 55 1_555 ? ? ? ? ? ? ? 1.326 ? ? 
covale7  covale both ? B SER 22 C ? ? ? 1_555 B MSE 23 N ? ? B SER 0  B MSE 1  1_555 ? ? ? ? ? ? ? 1.318 ? ? 
covale8  covale both ? B MSE 23 C ? ? ? 1_555 B LEU 24 N ? ? B MSE 1  B LEU 2  1_555 ? ? ? ? ? ? ? 1.330 ? ? 
covale9  covale both ? B PHE 42 C ? ? ? 1_555 B MSE 43 N ? ? B PHE 20 B MSE 21 1_555 ? ? ? ? ? ? ? 1.320 ? ? 
covale10 covale both ? B MSE 43 C ? ? ? 1_555 B ASN 44 N ? ? B MSE 21 B ASN 22 1_555 ? ? ? ? ? ? ? 1.342 ? ? 
covale11 covale both ? B THR 75 C ? ? ? 1_555 B MSE 76 N ? ? B THR 53 B MSE 54 1_555 ? ? ? ? ? ? ? 1.311 ? ? 
covale12 covale both ? B MSE 76 C ? ? ? 1_555 B LEU 77 N ? ? B MSE 54 B LEU 55 1_555 ? ? ? ? ? ? ? 1.332 ? ? 
# 
_struct_conn_type.id          covale 
_struct_conn_type.criteria    ? 
_struct_conn_type.reference   ? 
# 
loop_
_pdbx_modification_feature.ordinal 
_pdbx_modification_feature.label_comp_id 
_pdbx_modification_feature.label_asym_id 
_pdbx_modification_feature.label_seq_id 
_pdbx_modification_feature.label_alt_id 
_pdbx_modification_feature.modified_residue_label_comp_id 
_pdbx_modification_feature.modified_residue_label_asym_id 
_pdbx_modification_feature.modified_residue_label_seq_id 
_pdbx_modification_feature.modified_residue_label_alt_id 
_pdbx_modification_feature.auth_comp_id 
_pdbx_modification_feature.auth_asym_id 
_pdbx_modification_feature.auth_seq_id 
_pdbx_modification_feature.PDB_ins_code 
_pdbx_modification_feature.symmetry 
_pdbx_modification_feature.modified_residue_auth_comp_id 
_pdbx_modification_feature.modified_residue_auth_asym_id 
_pdbx_modification_feature.modified_residue_auth_seq_id 
_pdbx_modification_feature.modified_residue_PDB_ins_code 
_pdbx_modification_feature.modified_residue_symmetry 
_pdbx_modification_feature.comp_id_linking_atom 
_pdbx_modification_feature.modified_residue_id_linking_atom 
_pdbx_modification_feature.modified_residue_id 
_pdbx_modification_feature.ref_pcm_id 
_pdbx_modification_feature.ref_comp_id 
_pdbx_modification_feature.type 
_pdbx_modification_feature.category 
1 MSE A 23 ? . . . . MSE A 1  ? 1_555 . . . . . . . MET 1 MSE Selenomethionine 'Named protein modification' 
2 MSE A 43 ? . . . . MSE A 21 ? 1_555 . . . . . . . MET 1 MSE Selenomethionine 'Named protein modification' 
3 MSE A 76 ? . . . . MSE A 54 ? 1_555 . . . . . . . MET 1 MSE Selenomethionine 'Named protein modification' 
4 MSE B 23 ? . . . . MSE B 1  ? 1_555 . . . . . . . MET 1 MSE Selenomethionine 'Named protein modification' 
5 MSE B 43 ? . . . . MSE B 21 ? 1_555 . . . . . . . MET 1 MSE Selenomethionine 'Named protein modification' 
6 MSE B 76 ? . . . . MSE B 54 ? 1_555 . . . . . . . MET 1 MSE Selenomethionine 'Named protein modification' 
# 
_struct_sheet.id               A 
_struct_sheet.type             ? 
_struct_sheet.number_strands   9 
_struct_sheet.details          ? 
# 
loop_
_struct_sheet_order.sheet_id 
_struct_sheet_order.range_id_1 
_struct_sheet_order.range_id_2 
_struct_sheet_order.offset 
_struct_sheet_order.sense 
A 1 2 ? anti-parallel 
A 2 3 ? anti-parallel 
A 3 4 ? anti-parallel 
A 4 5 ? anti-parallel 
A 5 6 ? anti-parallel 
A 6 7 ? anti-parallel 
A 7 8 ? anti-parallel 
A 8 9 ? anti-parallel 
# 
loop_
_struct_sheet_range.sheet_id 
_struct_sheet_range.id 
_struct_sheet_range.beg_label_comp_id 
_struct_sheet_range.beg_label_asym_id 
_struct_sheet_range.beg_label_seq_id 
_struct_sheet_range.pdbx_beg_PDB_ins_code 
_struct_sheet_range.end_label_comp_id 
_struct_sheet_range.end_label_asym_id 
_struct_sheet_range.end_label_seq_id 
_struct_sheet_range.pdbx_end_PDB_ins_code 
_struct_sheet_range.beg_auth_comp_id 
_struct_sheet_range.beg_auth_asym_id 
_struct_sheet_range.beg_auth_seq_id 
_struct_sheet_range.end_auth_comp_id 
_struct_sheet_range.end_auth_asym_id 
_struct_sheet_range.end_auth_seq_id 
A 1 ILE A 26  ? GLN A 33  ? ILE A 4  GLN A 11 
A 2 ASN A 70  ? TRP A 80  ? ASN A 48 TRP A 58 
A 3 CYS A 59  ? GLU A 67  ? CYS A 37 GLU A 45 
A 4 GLU B 111 ? LYS B 117 ? GLU B 89 LYS B 95 
A 5 ILE B 26  ? GLN B 33  ? ILE B 4  GLN B 11 
A 6 ILE B 73  ? TRP B 80  ? ILE B 51 TRP B 58 
A 7 CYS B 59  ? GLU B 67  ? CYS B 37 GLU B 45 
A 8 GLU A 111 ? LYS A 117 ? GLU A 89 LYS A 95 
A 9 ILE A 26  ? GLN A 33  ? ILE A 4  GLN A 11 
# 
loop_
_pdbx_struct_sheet_hbond.sheet_id 
_pdbx_struct_sheet_hbond.range_id_1 
_pdbx_struct_sheet_hbond.range_id_2 
_pdbx_struct_sheet_hbond.range_1_label_atom_id 
_pdbx_struct_sheet_hbond.range_1_label_comp_id 
_pdbx_struct_sheet_hbond.range_1_label_asym_id 
_pdbx_struct_sheet_hbond.range_1_label_seq_id 
_pdbx_struct_sheet_hbond.range_1_PDB_ins_code 
_pdbx_struct_sheet_hbond.range_1_auth_atom_id 
_pdbx_struct_sheet_hbond.range_1_auth_comp_id 
_pdbx_struct_sheet_hbond.range_1_auth_asym_id 
_pdbx_struct_sheet_hbond.range_1_auth_seq_id 
_pdbx_struct_sheet_hbond.range_2_label_atom_id 
_pdbx_struct_sheet_hbond.range_2_label_comp_id 
_pdbx_struct_sheet_hbond.range_2_label_asym_id 
_pdbx_struct_sheet_hbond.range_2_label_seq_id 
_pdbx_struct_sheet_hbond.range_2_PDB_ins_code 
_pdbx_struct_sheet_hbond.range_2_auth_atom_id 
_pdbx_struct_sheet_hbond.range_2_auth_comp_id 
_pdbx_struct_sheet_hbond.range_2_auth_asym_id 
_pdbx_struct_sheet_hbond.range_2_auth_seq_id 
A 1 2 N ILE A 26  ? N ILE A 4  O TRP A 80  ? O TRP A 58 
A 2 3 O THR A 75  ? O THR A 53 N TYR A 65  ? N TYR A 43 
A 3 4 N GLN A 66  ? N GLN A 44 O ARG B 116 ? O ARG B 94 
A 4 5 O TYR B 115 ? O TYR B 93 N ARG B 27  ? N ARG B 5  
A 5 6 N ALA B 30  ? N ALA B 8  O MSE B 76  ? O MSE B 54 
A 6 7 O THR B 75  ? O THR B 53 N TYR B 65  ? N TYR B 43 
A 7 8 O GLN B 66  ? O GLN B 44 N ARG A 116 ? N ARG A 94 
A 8 9 O ASN A 113 ? O ASN A 91 N VAL A 29  ? N VAL A 7  
# 
_pdbx_entry_details.entry_id                   4DPO 
_pdbx_entry_details.compound_details           ? 
_pdbx_entry_details.source_details             ? 
_pdbx_entry_details.nonpolymer_details         ? 
_pdbx_entry_details.sequence_details           ? 
_pdbx_entry_details.has_ligand_of_interest     ? 
_pdbx_entry_details.has_protein_modification   Y 
# 
loop_
_pdbx_validate_torsion.id 
_pdbx_validate_torsion.PDB_model_num 
_pdbx_validate_torsion.auth_comp_id 
_pdbx_validate_torsion.auth_asym_id 
_pdbx_validate_torsion.auth_seq_id 
_pdbx_validate_torsion.PDB_ins_code 
_pdbx_validate_torsion.label_alt_id 
_pdbx_validate_torsion.phi 
_pdbx_validate_torsion.psi 
1 1 TYR A 40 ? ? -167.24 118.29 
2 1 GLU A 47 ? ? -95.35  34.77  
3 1 ASN A 48 ? ? -158.34 71.39  
4 1 LYS B 33 ? ? -49.70  -16.90 
5 1 SER B 70 ? ? -49.48  160.12 
# 
_pdbx_SG_project.id                    1 
_pdbx_SG_project.project_name          PSI:Biology 
_pdbx_SG_project.full_name_of_center   'New York Structural Genomics Research Consortium' 
_pdbx_SG_project.initial_of_center     NYSGRC 
# 
loop_
_pdbx_struct_mod_residue.id 
_pdbx_struct_mod_residue.label_asym_id 
_pdbx_struct_mod_residue.label_comp_id 
_pdbx_struct_mod_residue.label_seq_id 
_pdbx_struct_mod_residue.auth_asym_id 
_pdbx_struct_mod_residue.auth_comp_id 
_pdbx_struct_mod_residue.auth_seq_id 
_pdbx_struct_mod_residue.PDB_ins_code 
_pdbx_struct_mod_residue.parent_comp_id 
_pdbx_struct_mod_residue.details 
1 A MSE 23 A MSE 1  ? MET SELENOMETHIONINE 
2 A MSE 43 A MSE 21 ? MET SELENOMETHIONINE 
3 A MSE 76 A MSE 54 ? MET SELENOMETHIONINE 
4 B MSE 23 B MSE 1  ? MET SELENOMETHIONINE 
5 B MSE 43 B MSE 21 ? MET SELENOMETHIONINE 
6 B MSE 76 B MSE 54 ? MET SELENOMETHIONINE 
# 
loop_
_pdbx_unobs_or_zero_occ_residues.id 
_pdbx_unobs_or_zero_occ_residues.PDB_model_num 
_pdbx_unobs_or_zero_occ_residues.polymer_flag 
_pdbx_unobs_or_zero_occ_residues.occupancy_flag 
_pdbx_unobs_or_zero_occ_residues.auth_asym_id 
_pdbx_unobs_or_zero_occ_residues.auth_comp_id 
_pdbx_unobs_or_zero_occ_residues.auth_seq_id 
_pdbx_unobs_or_zero_occ_residues.PDB_ins_code 
_pdbx_unobs_or_zero_occ_residues.label_asym_id 
_pdbx_unobs_or_zero_occ_residues.label_comp_id 
_pdbx_unobs_or_zero_occ_residues.label_seq_id 
1  1 Y 1 A MSE -21 ? A MSE 1   
2  1 Y 1 A HIS -20 ? A HIS 2   
3  1 Y 1 A HIS -19 ? A HIS 3   
4  1 Y 1 A HIS -18 ? A HIS 4   
5  1 Y 1 A HIS -17 ? A HIS 5   
6  1 Y 1 A HIS -16 ? A HIS 6   
7  1 Y 1 A HIS -15 ? A HIS 7   
8  1 Y 1 A SER -14 ? A SER 8   
9  1 Y 1 A SER -13 ? A SER 9   
10 1 Y 1 A GLY -12 ? A GLY 10  
11 1 Y 1 A VAL -11 ? A VAL 11  
12 1 Y 1 A ASP -10 ? A ASP 12  
13 1 Y 1 A LEU -9  ? A LEU 13  
14 1 Y 1 A GLY -8  ? A GLY 14  
15 1 Y 1 A THR -7  ? A THR 15  
16 1 Y 1 A GLU -6  ? A GLU 16  
17 1 Y 1 A LEU 97  ? A LEU 119 
18 1 Y 1 B MSE -21 ? B MSE 1   
19 1 Y 1 B HIS -20 ? B HIS 2   
20 1 Y 1 B HIS -19 ? B HIS 3   
21 1 Y 1 B HIS -18 ? B HIS 4   
22 1 Y 1 B HIS -17 ? B HIS 5   
23 1 Y 1 B HIS -16 ? B HIS 6   
24 1 Y 1 B HIS -15 ? B HIS 7   
25 1 Y 1 B SER -14 ? B SER 8   
26 1 Y 1 B SER -13 ? B SER 9   
27 1 Y 1 B GLY -12 ? B GLY 10  
28 1 Y 1 B VAL -11 ? B VAL 11  
29 1 Y 1 B ASP -10 ? B ASP 12  
30 1 Y 1 B LEU -9  ? B LEU 13  
31 1 Y 1 B GLY -8  ? B GLY 14  
32 1 Y 1 B THR -7  ? B THR 15  
33 1 Y 1 B GLU -6  ? B GLU 16  
34 1 Y 1 B ASN -5  ? B ASN 17  
35 1 Y 1 B LEU 97  ? B LEU 119 
# 
loop_
_chem_comp_atom.comp_id 
_chem_comp_atom.atom_id 
_chem_comp_atom.type_symbol 
_chem_comp_atom.pdbx_aromatic_flag 
_chem_comp_atom.pdbx_stereo_config 
_chem_comp_atom.pdbx_ordinal 
ALA N    N  N N 1   
ALA CA   C  N S 2   
ALA C    C  N N 3   
ALA O    O  N N 4   
ALA CB   C  N N 5   
ALA OXT  O  N N 6   
ALA H    H  N N 7   
ALA H2   H  N N 8   
ALA HA   H  N N 9   
ALA HB1  H  N N 10  
ALA HB2  H  N N 11  
ALA HB3  H  N N 12  
ALA HXT  H  N N 13  
ARG N    N  N N 14  
ARG CA   C  N S 15  
ARG C    C  N N 16  
ARG O    O  N N 17  
ARG CB   C  N N 18  
ARG CG   C  N N 19  
ARG CD   C  N N 20  
ARG NE   N  N N 21  
ARG CZ   C  N N 22  
ARG NH1  N  N N 23  
ARG NH2  N  N N 24  
ARG OXT  O  N N 25  
ARG H    H  N N 26  
ARG H2   H  N N 27  
ARG HA   H  N N 28  
ARG HB2  H  N N 29  
ARG HB3  H  N N 30  
ARG HG2  H  N N 31  
ARG HG3  H  N N 32  
ARG HD2  H  N N 33  
ARG HD3  H  N N 34  
ARG HE   H  N N 35  
ARG HH11 H  N N 36  
ARG HH12 H  N N 37  
ARG HH21 H  N N 38  
ARG HH22 H  N N 39  
ARG HXT  H  N N 40  
ASN N    N  N N 41  
ASN CA   C  N S 42  
ASN C    C  N N 43  
ASN O    O  N N 44  
ASN CB   C  N N 45  
ASN CG   C  N N 46  
ASN OD1  O  N N 47  
ASN ND2  N  N N 48  
ASN OXT  O  N N 49  
ASN H    H  N N 50  
ASN H2   H  N N 51  
ASN HA   H  N N 52  
ASN HB2  H  N N 53  
ASN HB3  H  N N 54  
ASN HD21 H  N N 55  
ASN HD22 H  N N 56  
ASN HXT  H  N N 57  
ASP N    N  N N 58  
ASP CA   C  N S 59  
ASP C    C  N N 60  
ASP O    O  N N 61  
ASP CB   C  N N 62  
ASP CG   C  N N 63  
ASP OD1  O  N N 64  
ASP OD2  O  N N 65  
ASP OXT  O  N N 66  
ASP H    H  N N 67  
ASP H2   H  N N 68  
ASP HA   H  N N 69  
ASP HB2  H  N N 70  
ASP HB3  H  N N 71  
ASP HD2  H  N N 72  
ASP HXT  H  N N 73  
CYS N    N  N N 74  
CYS CA   C  N R 75  
CYS C    C  N N 76  
CYS O    O  N N 77  
CYS CB   C  N N 78  
CYS SG   S  N N 79  
CYS OXT  O  N N 80  
CYS H    H  N N 81  
CYS H2   H  N N 82  
CYS HA   H  N N 83  
CYS HB2  H  N N 84  
CYS HB3  H  N N 85  
CYS HG   H  N N 86  
CYS HXT  H  N N 87  
GLN N    N  N N 88  
GLN CA   C  N S 89  
GLN C    C  N N 90  
GLN O    O  N N 91  
GLN CB   C  N N 92  
GLN CG   C  N N 93  
GLN CD   C  N N 94  
GLN OE1  O  N N 95  
GLN NE2  N  N N 96  
GLN OXT  O  N N 97  
GLN H    H  N N 98  
GLN H2   H  N N 99  
GLN HA   H  N N 100 
GLN HB2  H  N N 101 
GLN HB3  H  N N 102 
GLN HG2  H  N N 103 
GLN HG3  H  N N 104 
GLN HE21 H  N N 105 
GLN HE22 H  N N 106 
GLN HXT  H  N N 107 
GLU N    N  N N 108 
GLU CA   C  N S 109 
GLU C    C  N N 110 
GLU O    O  N N 111 
GLU CB   C  N N 112 
GLU CG   C  N N 113 
GLU CD   C  N N 114 
GLU OE1  O  N N 115 
GLU OE2  O  N N 116 
GLU OXT  O  N N 117 
GLU H    H  N N 118 
GLU H2   H  N N 119 
GLU HA   H  N N 120 
GLU HB2  H  N N 121 
GLU HB3  H  N N 122 
GLU HG2  H  N N 123 
GLU HG3  H  N N 124 
GLU HE2  H  N N 125 
GLU HXT  H  N N 126 
GLY N    N  N N 127 
GLY CA   C  N N 128 
GLY C    C  N N 129 
GLY O    O  N N 130 
GLY OXT  O  N N 131 
GLY H    H  N N 132 
GLY H2   H  N N 133 
GLY HA2  H  N N 134 
GLY HA3  H  N N 135 
GLY HXT  H  N N 136 
HIS N    N  N N 137 
HIS CA   C  N S 138 
HIS C    C  N N 139 
HIS O    O  N N 140 
HIS CB   C  N N 141 
HIS CG   C  Y N 142 
HIS ND1  N  Y N 143 
HIS CD2  C  Y N 144 
HIS CE1  C  Y N 145 
HIS NE2  N  Y N 146 
HIS OXT  O  N N 147 
HIS H    H  N N 148 
HIS H2   H  N N 149 
HIS HA   H  N N 150 
HIS HB2  H  N N 151 
HIS HB3  H  N N 152 
HIS HD1  H  N N 153 
HIS HD2  H  N N 154 
HIS HE1  H  N N 155 
HIS HE2  H  N N 156 
HIS HXT  H  N N 157 
HOH O    O  N N 158 
HOH H1   H  N N 159 
HOH H2   H  N N 160 
ILE N    N  N N 161 
ILE CA   C  N S 162 
ILE C    C  N N 163 
ILE O    O  N N 164 
ILE CB   C  N S 165 
ILE CG1  C  N N 166 
ILE CG2  C  N N 167 
ILE CD1  C  N N 168 
ILE OXT  O  N N 169 
ILE H    H  N N 170 
ILE H2   H  N N 171 
ILE HA   H  N N 172 
ILE HB   H  N N 173 
ILE HG12 H  N N 174 
ILE HG13 H  N N 175 
ILE HG21 H  N N 176 
ILE HG22 H  N N 177 
ILE HG23 H  N N 178 
ILE HD11 H  N N 179 
ILE HD12 H  N N 180 
ILE HD13 H  N N 181 
ILE HXT  H  N N 182 
LEU N    N  N N 183 
LEU CA   C  N S 184 
LEU C    C  N N 185 
LEU O    O  N N 186 
LEU CB   C  N N 187 
LEU CG   C  N N 188 
LEU CD1  C  N N 189 
LEU CD2  C  N N 190 
LEU OXT  O  N N 191 
LEU H    H  N N 192 
LEU H2   H  N N 193 
LEU HA   H  N N 194 
LEU HB2  H  N N 195 
LEU HB3  H  N N 196 
LEU HG   H  N N 197 
LEU HD11 H  N N 198 
LEU HD12 H  N N 199 
LEU HD13 H  N N 200 
LEU HD21 H  N N 201 
LEU HD22 H  N N 202 
LEU HD23 H  N N 203 
LEU HXT  H  N N 204 
LYS N    N  N N 205 
LYS CA   C  N S 206 
LYS C    C  N N 207 
LYS O    O  N N 208 
LYS CB   C  N N 209 
LYS CG   C  N N 210 
LYS CD   C  N N 211 
LYS CE   C  N N 212 
LYS NZ   N  N N 213 
LYS OXT  O  N N 214 
LYS H    H  N N 215 
LYS H2   H  N N 216 
LYS HA   H  N N 217 
LYS HB2  H  N N 218 
LYS HB3  H  N N 219 
LYS HG2  H  N N 220 
LYS HG3  H  N N 221 
LYS HD2  H  N N 222 
LYS HD3  H  N N 223 
LYS HE2  H  N N 224 
LYS HE3  H  N N 225 
LYS HZ1  H  N N 226 
LYS HZ2  H  N N 227 
LYS HZ3  H  N N 228 
LYS HXT  H  N N 229 
MSE N    N  N N 230 
MSE CA   C  N S 231 
MSE C    C  N N 232 
MSE O    O  N N 233 
MSE OXT  O  N N 234 
MSE CB   C  N N 235 
MSE CG   C  N N 236 
MSE SE   SE N N 237 
MSE CE   C  N N 238 
MSE H    H  N N 239 
MSE H2   H  N N 240 
MSE HA   H  N N 241 
MSE HXT  H  N N 242 
MSE HB2  H  N N 243 
MSE HB3  H  N N 244 
MSE HG2  H  N N 245 
MSE HG3  H  N N 246 
MSE HE1  H  N N 247 
MSE HE2  H  N N 248 
MSE HE3  H  N N 249 
PHE N    N  N N 250 
PHE CA   C  N S 251 
PHE C    C  N N 252 
PHE O    O  N N 253 
PHE CB   C  N N 254 
PHE CG   C  Y N 255 
PHE CD1  C  Y N 256 
PHE CD2  C  Y N 257 
PHE CE1  C  Y N 258 
PHE CE2  C  Y N 259 
PHE CZ   C  Y N 260 
PHE OXT  O  N N 261 
PHE H    H  N N 262 
PHE H2   H  N N 263 
PHE HA   H  N N 264 
PHE HB2  H  N N 265 
PHE HB3  H  N N 266 
PHE HD1  H  N N 267 
PHE HD2  H  N N 268 
PHE HE1  H  N N 269 
PHE HE2  H  N N 270 
PHE HZ   H  N N 271 
PHE HXT  H  N N 272 
PRO N    N  N N 273 
PRO CA   C  N S 274 
PRO C    C  N N 275 
PRO O    O  N N 276 
PRO CB   C  N N 277 
PRO CG   C  N N 278 
PRO CD   C  N N 279 
PRO OXT  O  N N 280 
PRO H    H  N N 281 
PRO HA   H  N N 282 
PRO HB2  H  N N 283 
PRO HB3  H  N N 284 
PRO HG2  H  N N 285 
PRO HG3  H  N N 286 
PRO HD2  H  N N 287 
PRO HD3  H  N N 288 
PRO HXT  H  N N 289 
SER N    N  N N 290 
SER CA   C  N S 291 
SER C    C  N N 292 
SER O    O  N N 293 
SER CB   C  N N 294 
SER OG   O  N N 295 
SER OXT  O  N N 296 
SER H    H  N N 297 
SER H2   H  N N 298 
SER HA   H  N N 299 
SER HB2  H  N N 300 
SER HB3  H  N N 301 
SER HG   H  N N 302 
SER HXT  H  N N 303 
THR N    N  N N 304 
THR CA   C  N S 305 
THR C    C  N N 306 
THR O    O  N N 307 
THR CB   C  N R 308 
THR OG1  O  N N 309 
THR CG2  C  N N 310 
THR OXT  O  N N 311 
THR H    H  N N 312 
THR H2   H  N N 313 
THR HA   H  N N 314 
THR HB   H  N N 315 
THR HG1  H  N N 316 
THR HG21 H  N N 317 
THR HG22 H  N N 318 
THR HG23 H  N N 319 
THR HXT  H  N N 320 
TRP N    N  N N 321 
TRP CA   C  N S 322 
TRP C    C  N N 323 
TRP O    O  N N 324 
TRP CB   C  N N 325 
TRP CG   C  Y N 326 
TRP CD1  C  Y N 327 
TRP CD2  C  Y N 328 
TRP NE1  N  Y N 329 
TRP CE2  C  Y N 330 
TRP CE3  C  Y N 331 
TRP CZ2  C  Y N 332 
TRP CZ3  C  Y N 333 
TRP CH2  C  Y N 334 
TRP OXT  O  N N 335 
TRP H    H  N N 336 
TRP H2   H  N N 337 
TRP HA   H  N N 338 
TRP HB2  H  N N 339 
TRP HB3  H  N N 340 
TRP HD1  H  N N 341 
TRP HE1  H  N N 342 
TRP HE3  H  N N 343 
TRP HZ2  H  N N 344 
TRP HZ3  H  N N 345 
TRP HH2  H  N N 346 
TRP HXT  H  N N 347 
TYR N    N  N N 348 
TYR CA   C  N S 349 
TYR C    C  N N 350 
TYR O    O  N N 351 
TYR CB   C  N N 352 
TYR CG   C  Y N 353 
TYR CD1  C  Y N 354 
TYR CD2  C  Y N 355 
TYR CE1  C  Y N 356 
TYR CE2  C  Y N 357 
TYR CZ   C  Y N 358 
TYR OH   O  N N 359 
TYR OXT  O  N N 360 
TYR H    H  N N 361 
TYR H2   H  N N 362 
TYR HA   H  N N 363 
TYR HB2  H  N N 364 
TYR HB3  H  N N 365 
TYR HD1  H  N N 366 
TYR HD2  H  N N 367 
TYR HE1  H  N N 368 
TYR HE2  H  N N 369 
TYR HH   H  N N 370 
TYR HXT  H  N N 371 
VAL N    N  N N 372 
VAL CA   C  N S 373 
VAL C    C  N N 374 
VAL O    O  N N 375 
VAL CB   C  N N 376 
VAL CG1  C  N N 377 
VAL CG2  C  N N 378 
VAL OXT  O  N N 379 
VAL H    H  N N 380 
VAL H2   H  N N 381 
VAL HA   H  N N 382 
VAL HB   H  N N 383 
VAL HG11 H  N N 384 
VAL HG12 H  N N 385 
VAL HG13 H  N N 386 
VAL HG21 H  N N 387 
VAL HG22 H  N N 388 
VAL HG23 H  N N 389 
VAL HXT  H  N N 390 
# 
loop_
_chem_comp_bond.comp_id 
_chem_comp_bond.atom_id_1 
_chem_comp_bond.atom_id_2 
_chem_comp_bond.value_order 
_chem_comp_bond.pdbx_aromatic_flag 
_chem_comp_bond.pdbx_stereo_config 
_chem_comp_bond.pdbx_ordinal 
ALA N   CA   sing N N 1   
ALA N   H    sing N N 2   
ALA N   H2   sing N N 3   
ALA CA  C    sing N N 4   
ALA CA  CB   sing N N 5   
ALA CA  HA   sing N N 6   
ALA C   O    doub N N 7   
ALA C   OXT  sing N N 8   
ALA CB  HB1  sing N N 9   
ALA CB  HB2  sing N N 10  
ALA CB  HB3  sing N N 11  
ALA OXT HXT  sing N N 12  
ARG N   CA   sing N N 13  
ARG N   H    sing N N 14  
ARG N   H2   sing N N 15  
ARG CA  C    sing N N 16  
ARG CA  CB   sing N N 17  
ARG CA  HA   sing N N 18  
ARG C   O    doub N N 19  
ARG C   OXT  sing N N 20  
ARG CB  CG   sing N N 21  
ARG CB  HB2  sing N N 22  
ARG CB  HB3  sing N N 23  
ARG CG  CD   sing N N 24  
ARG CG  HG2  sing N N 25  
ARG CG  HG3  sing N N 26  
ARG CD  NE   sing N N 27  
ARG CD  HD2  sing N N 28  
ARG CD  HD3  sing N N 29  
ARG NE  CZ   sing N N 30  
ARG NE  HE   sing N N 31  
ARG CZ  NH1  sing N N 32  
ARG CZ  NH2  doub N N 33  
ARG NH1 HH11 sing N N 34  
ARG NH1 HH12 sing N N 35  
ARG NH2 HH21 sing N N 36  
ARG NH2 HH22 sing N N 37  
ARG OXT HXT  sing N N 38  
ASN N   CA   sing N N 39  
ASN N   H    sing N N 40  
ASN N   H2   sing N N 41  
ASN CA  C    sing N N 42  
ASN CA  CB   sing N N 43  
ASN CA  HA   sing N N 44  
ASN C   O    doub N N 45  
ASN C   OXT  sing N N 46  
ASN CB  CG   sing N N 47  
ASN CB  HB2  sing N N 48  
ASN CB  HB3  sing N N 49  
ASN CG  OD1  doub N N 50  
ASN CG  ND2  sing N N 51  
ASN ND2 HD21 sing N N 52  
ASN ND2 HD22 sing N N 53  
ASN OXT HXT  sing N N 54  
ASP N   CA   sing N N 55  
ASP N   H    sing N N 56  
ASP N   H2   sing N N 57  
ASP CA  C    sing N N 58  
ASP CA  CB   sing N N 59  
ASP CA  HA   sing N N 60  
ASP C   O    doub N N 61  
ASP C   OXT  sing N N 62  
ASP CB  CG   sing N N 63  
ASP CB  HB2  sing N N 64  
ASP CB  HB3  sing N N 65  
ASP CG  OD1  doub N N 66  
ASP CG  OD2  sing N N 67  
ASP OD2 HD2  sing N N 68  
ASP OXT HXT  sing N N 69  
CYS N   CA   sing N N 70  
CYS N   H    sing N N 71  
CYS N   H2   sing N N 72  
CYS CA  C    sing N N 73  
CYS CA  CB   sing N N 74  
CYS CA  HA   sing N N 75  
CYS C   O    doub N N 76  
CYS C   OXT  sing N N 77  
CYS CB  SG   sing N N 78  
CYS CB  HB2  sing N N 79  
CYS CB  HB3  sing N N 80  
CYS SG  HG   sing N N 81  
CYS OXT HXT  sing N N 82  
GLN N   CA   sing N N 83  
GLN N   H    sing N N 84  
GLN N   H2   sing N N 85  
GLN CA  C    sing N N 86  
GLN CA  CB   sing N N 87  
GLN CA  HA   sing N N 88  
GLN C   O    doub N N 89  
GLN C   OXT  sing N N 90  
GLN CB  CG   sing N N 91  
GLN CB  HB2  sing N N 92  
GLN CB  HB3  sing N N 93  
GLN CG  CD   sing N N 94  
GLN CG  HG2  sing N N 95  
GLN CG  HG3  sing N N 96  
GLN CD  OE1  doub N N 97  
GLN CD  NE2  sing N N 98  
GLN NE2 HE21 sing N N 99  
GLN NE2 HE22 sing N N 100 
GLN OXT HXT  sing N N 101 
GLU N   CA   sing N N 102 
GLU N   H    sing N N 103 
GLU N   H2   sing N N 104 
GLU CA  C    sing N N 105 
GLU CA  CB   sing N N 106 
GLU CA  HA   sing N N 107 
GLU C   O    doub N N 108 
GLU C   OXT  sing N N 109 
GLU CB  CG   sing N N 110 
GLU CB  HB2  sing N N 111 
GLU CB  HB3  sing N N 112 
GLU CG  CD   sing N N 113 
GLU CG  HG2  sing N N 114 
GLU CG  HG3  sing N N 115 
GLU CD  OE1  doub N N 116 
GLU CD  OE2  sing N N 117 
GLU OE2 HE2  sing N N 118 
GLU OXT HXT  sing N N 119 
GLY N   CA   sing N N 120 
GLY N   H    sing N N 121 
GLY N   H2   sing N N 122 
GLY CA  C    sing N N 123 
GLY CA  HA2  sing N N 124 
GLY CA  HA3  sing N N 125 
GLY C   O    doub N N 126 
GLY C   OXT  sing N N 127 
GLY OXT HXT  sing N N 128 
HIS N   CA   sing N N 129 
HIS N   H    sing N N 130 
HIS N   H2   sing N N 131 
HIS CA  C    sing N N 132 
HIS CA  CB   sing N N 133 
HIS CA  HA   sing N N 134 
HIS C   O    doub N N 135 
HIS C   OXT  sing N N 136 
HIS CB  CG   sing N N 137 
HIS CB  HB2  sing N N 138 
HIS CB  HB3  sing N N 139 
HIS CG  ND1  sing Y N 140 
HIS CG  CD2  doub Y N 141 
HIS ND1 CE1  doub Y N 142 
HIS ND1 HD1  sing N N 143 
HIS CD2 NE2  sing Y N 144 
HIS CD2 HD2  sing N N 145 
HIS CE1 NE2  sing Y N 146 
HIS CE1 HE1  sing N N 147 
HIS NE2 HE2  sing N N 148 
HIS OXT HXT  sing N N 149 
HOH O   H1   sing N N 150 
HOH O   H2   sing N N 151 
ILE N   CA   sing N N 152 
ILE N   H    sing N N 153 
ILE N   H2   sing N N 154 
ILE CA  C    sing N N 155 
ILE CA  CB   sing N N 156 
ILE CA  HA   sing N N 157 
ILE C   O    doub N N 158 
ILE C   OXT  sing N N 159 
ILE CB  CG1  sing N N 160 
ILE CB  CG2  sing N N 161 
ILE CB  HB   sing N N 162 
ILE CG1 CD1  sing N N 163 
ILE CG1 HG12 sing N N 164 
ILE CG1 HG13 sing N N 165 
ILE CG2 HG21 sing N N 166 
ILE CG2 HG22 sing N N 167 
ILE CG2 HG23 sing N N 168 
ILE CD1 HD11 sing N N 169 
ILE CD1 HD12 sing N N 170 
ILE CD1 HD13 sing N N 171 
ILE OXT HXT  sing N N 172 
LEU N   CA   sing N N 173 
LEU N   H    sing N N 174 
LEU N   H2   sing N N 175 
LEU CA  C    sing N N 176 
LEU CA  CB   sing N N 177 
LEU CA  HA   sing N N 178 
LEU C   O    doub N N 179 
LEU C   OXT  sing N N 180 
LEU CB  CG   sing N N 181 
LEU CB  HB2  sing N N 182 
LEU CB  HB3  sing N N 183 
LEU CG  CD1  sing N N 184 
LEU CG  CD2  sing N N 185 
LEU CG  HG   sing N N 186 
LEU CD1 HD11 sing N N 187 
LEU CD1 HD12 sing N N 188 
LEU CD1 HD13 sing N N 189 
LEU CD2 HD21 sing N N 190 
LEU CD2 HD22 sing N N 191 
LEU CD2 HD23 sing N N 192 
LEU OXT HXT  sing N N 193 
LYS N   CA   sing N N 194 
LYS N   H    sing N N 195 
LYS N   H2   sing N N 196 
LYS CA  C    sing N N 197 
LYS CA  CB   sing N N 198 
LYS CA  HA   sing N N 199 
LYS C   O    doub N N 200 
LYS C   OXT  sing N N 201 
LYS CB  CG   sing N N 202 
LYS CB  HB2  sing N N 203 
LYS CB  HB3  sing N N 204 
LYS CG  CD   sing N N 205 
LYS CG  HG2  sing N N 206 
LYS CG  HG3  sing N N 207 
LYS CD  CE   sing N N 208 
LYS CD  HD2  sing N N 209 
LYS CD  HD3  sing N N 210 
LYS CE  NZ   sing N N 211 
LYS CE  HE2  sing N N 212 
LYS CE  HE3  sing N N 213 
LYS NZ  HZ1  sing N N 214 
LYS NZ  HZ2  sing N N 215 
LYS NZ  HZ3  sing N N 216 
LYS OXT HXT  sing N N 217 
MSE N   CA   sing N N 218 
MSE N   H    sing N N 219 
MSE N   H2   sing N N 220 
MSE CA  C    sing N N 221 
MSE CA  CB   sing N N 222 
MSE CA  HA   sing N N 223 
MSE C   O    doub N N 224 
MSE C   OXT  sing N N 225 
MSE OXT HXT  sing N N 226 
MSE CB  CG   sing N N 227 
MSE CB  HB2  sing N N 228 
MSE CB  HB3  sing N N 229 
MSE CG  SE   sing N N 230 
MSE CG  HG2  sing N N 231 
MSE CG  HG3  sing N N 232 
MSE SE  CE   sing N N 233 
MSE CE  HE1  sing N N 234 
MSE CE  HE2  sing N N 235 
MSE CE  HE3  sing N N 236 
PHE N   CA   sing N N 237 
PHE N   H    sing N N 238 
PHE N   H2   sing N N 239 
PHE CA  C    sing N N 240 
PHE CA  CB   sing N N 241 
PHE CA  HA   sing N N 242 
PHE C   O    doub N N 243 
PHE C   OXT  sing N N 244 
PHE CB  CG   sing N N 245 
PHE CB  HB2  sing N N 246 
PHE CB  HB3  sing N N 247 
PHE CG  CD1  doub Y N 248 
PHE CG  CD2  sing Y N 249 
PHE CD1 CE1  sing Y N 250 
PHE CD1 HD1  sing N N 251 
PHE CD2 CE2  doub Y N 252 
PHE CD2 HD2  sing N N 253 
PHE CE1 CZ   doub Y N 254 
PHE CE1 HE1  sing N N 255 
PHE CE2 CZ   sing Y N 256 
PHE CE2 HE2  sing N N 257 
PHE CZ  HZ   sing N N 258 
PHE OXT HXT  sing N N 259 
PRO N   CA   sing N N 260 
PRO N   CD   sing N N 261 
PRO N   H    sing N N 262 
PRO CA  C    sing N N 263 
PRO CA  CB   sing N N 264 
PRO CA  HA   sing N N 265 
PRO C   O    doub N N 266 
PRO C   OXT  sing N N 267 
PRO CB  CG   sing N N 268 
PRO CB  HB2  sing N N 269 
PRO CB  HB3  sing N N 270 
PRO CG  CD   sing N N 271 
PRO CG  HG2  sing N N 272 
PRO CG  HG3  sing N N 273 
PRO CD  HD2  sing N N 274 
PRO CD  HD3  sing N N 275 
PRO OXT HXT  sing N N 276 
SER N   CA   sing N N 277 
SER N   H    sing N N 278 
SER N   H2   sing N N 279 
SER CA  C    sing N N 280 
SER CA  CB   sing N N 281 
SER CA  HA   sing N N 282 
SER C   O    doub N N 283 
SER C   OXT  sing N N 284 
SER CB  OG   sing N N 285 
SER CB  HB2  sing N N 286 
SER CB  HB3  sing N N 287 
SER OG  HG   sing N N 288 
SER OXT HXT  sing N N 289 
THR N   CA   sing N N 290 
THR N   H    sing N N 291 
THR N   H2   sing N N 292 
THR CA  C    sing N N 293 
THR CA  CB   sing N N 294 
THR CA  HA   sing N N 295 
THR C   O    doub N N 296 
THR C   OXT  sing N N 297 
THR CB  OG1  sing N N 298 
THR CB  CG2  sing N N 299 
THR CB  HB   sing N N 300 
THR OG1 HG1  sing N N 301 
THR CG2 HG21 sing N N 302 
THR CG2 HG22 sing N N 303 
THR CG2 HG23 sing N N 304 
THR OXT HXT  sing N N 305 
TRP N   CA   sing N N 306 
TRP N   H    sing N N 307 
TRP N   H2   sing N N 308 
TRP CA  C    sing N N 309 
TRP CA  CB   sing N N 310 
TRP CA  HA   sing N N 311 
TRP C   O    doub N N 312 
TRP C   OXT  sing N N 313 
TRP CB  CG   sing N N 314 
TRP CB  HB2  sing N N 315 
TRP CB  HB3  sing N N 316 
TRP CG  CD1  doub Y N 317 
TRP CG  CD2  sing Y N 318 
TRP CD1 NE1  sing Y N 319 
TRP CD1 HD1  sing N N 320 
TRP CD2 CE2  doub Y N 321 
TRP CD2 CE3  sing Y N 322 
TRP NE1 CE2  sing Y N 323 
TRP NE1 HE1  sing N N 324 
TRP CE2 CZ2  sing Y N 325 
TRP CE3 CZ3  doub Y N 326 
TRP CE3 HE3  sing N N 327 
TRP CZ2 CH2  doub Y N 328 
TRP CZ2 HZ2  sing N N 329 
TRP CZ3 CH2  sing Y N 330 
TRP CZ3 HZ3  sing N N 331 
TRP CH2 HH2  sing N N 332 
TRP OXT HXT  sing N N 333 
TYR N   CA   sing N N 334 
TYR N   H    sing N N 335 
TYR N   H2   sing N N 336 
TYR CA  C    sing N N 337 
TYR CA  CB   sing N N 338 
TYR CA  HA   sing N N 339 
TYR C   O    doub N N 340 
TYR C   OXT  sing N N 341 
TYR CB  CG   sing N N 342 
TYR CB  HB2  sing N N 343 
TYR CB  HB3  sing N N 344 
TYR CG  CD1  doub Y N 345 
TYR CG  CD2  sing Y N 346 
TYR CD1 CE1  sing Y N 347 
TYR CD1 HD1  sing N N 348 
TYR CD2 CE2  doub Y N 349 
TYR CD2 HD2  sing N N 350 
TYR CE1 CZ   doub Y N 351 
TYR CE1 HE1  sing N N 352 
TYR CE2 CZ   sing Y N 353 
TYR CE2 HE2  sing N N 354 
TYR CZ  OH   sing N N 355 
TYR OH  HH   sing N N 356 
TYR OXT HXT  sing N N 357 
VAL N   CA   sing N N 358 
VAL N   H    sing N N 359 
VAL N   H2   sing N N 360 
VAL CA  C    sing N N 361 
VAL CA  CB   sing N N 362 
VAL CA  HA   sing N N 363 
VAL C   O    doub N N 364 
VAL C   OXT  sing N N 365 
VAL CB  CG1  sing N N 366 
VAL CB  CG2  sing N N 367 
VAL CB  HB   sing N N 368 
VAL CG1 HG11 sing N N 369 
VAL CG1 HG12 sing N N 370 
VAL CG1 HG13 sing N N 371 
VAL CG2 HG21 sing N N 372 
VAL CG2 HG22 sing N N 373 
VAL CG2 HG23 sing N N 374 
VAL OXT HXT  sing N N 375 
# 
_atom_sites.entry_id                    4DPO 
_atom_sites.fract_transf_matrix[1][1]   -0.00429305 
_atom_sites.fract_transf_matrix[1][2]   -0.00178523 
_atom_sites.fract_transf_matrix[1][3]   -0.01607408 
_atom_sites.fract_transf_matrix[2][1]   -0.00494831 
_atom_sites.fract_transf_matrix[2][2]   -0.01554512 
_atom_sites.fract_transf_matrix[2][3]   0.00304807 
_atom_sites.fract_transf_matrix[3][1]   -0.00881418 
_atom_sites.fract_transf_matrix[3][2]   0.00319767 
_atom_sites.fract_transf_matrix[3][3]   0.00199894 
_atom_sites.fract_transf_vector[1]      0.015398 
_atom_sites.fract_transf_vector[2]      -0.195209 
_atom_sites.fract_transf_vector[3]      -0.130405 
# 
loop_
_atom_type.symbol 
C  
N  
O  
S  
SE 
# 
loop_
_atom_site.group_PDB 
_atom_site.id 
_atom_site.type_symbol 
_atom_site.label_atom_id 
_atom_site.label_alt_id 
_atom_site.label_comp_id 
_atom_site.label_asym_id 
_atom_site.label_entity_id 
_atom_site.label_seq_id 
_atom_site.pdbx_PDB_ins_code 
_atom_site.Cartn_x 
_atom_site.Cartn_y 
_atom_site.Cartn_z 
_atom_site.occupancy 
_atom_site.B_iso_or_equiv 
_atom_site.pdbx_formal_charge 
_atom_site.auth_seq_id 
_atom_site.auth_comp_id 
_atom_site.auth_asym_id 
_atom_site.auth_atom_id 
_atom_site.pdbx_PDB_model_num 
ATOM   1    N  N   . ASN A 1 17  ? -1.165  15.364  19.481  0.70 65.59 ? -5  ASN A N   1 
ATOM   2    C  CA  . ASN A 1 17  ? -0.529  14.028  19.681  0.70 65.95 ? -5  ASN A CA  1 
ATOM   3    C  C   . ASN A 1 17  ? -0.373  13.310  18.325  0.70 65.73 ? -5  ASN A C   1 
ATOM   4    O  O   . ASN A 1 17  ? -1.311  13.283  17.511  0.70 65.96 ? -5  ASN A O   1 
ATOM   5    C  CB  . ASN A 1 17  ? -1.337  13.160  20.704  0.70 65.55 ? -5  ASN A CB  1 
ATOM   6    N  N   . LEU A 1 18  ? 0.817   12.756  18.091  0.70 64.61 ? -4  LEU A N   1 
ATOM   7    C  CA  . LEU A 1 18  ? 1.183   12.156  16.815  0.70 63.94 ? -4  LEU A CA  1 
ATOM   8    C  C   . LEU A 1 18  ? 0.817   10.646  16.755  0.70 63.74 ? -4  LEU A C   1 
ATOM   9    O  O   . LEU A 1 18  ? 0.974   9.973   15.729  0.70 64.31 ? -4  LEU A O   1 
ATOM   10   C  CB  . LEU A 1 18  ? 2.680   12.395  16.560  0.70 63.81 ? -4  LEU A CB  1 
ATOM   11   N  N   . TYR A 1 19  ? 0.347   10.126  17.878  0.70 62.64 ? -3  TYR A N   1 
ATOM   12   C  CA  . TYR A 1 19  ? -0.228  8.806   17.977  0.70 61.35 ? -3  TYR A CA  1 
ATOM   13   C  C   . TYR A 1 19  ? -1.662  8.842   17.423  0.70 61.28 ? -3  TYR A C   1 
ATOM   14   O  O   . TYR A 1 19  ? -2.084  7.938   16.689  0.70 61.18 ? -3  TYR A O   1 
ATOM   15   C  CB  . TYR A 1 19  ? -0.226  8.434   19.463  0.70 60.99 ? -3  TYR A CB  1 
ATOM   16   C  CG  . TYR A 1 19  ? -0.938  7.173   19.894  0.70 59.13 ? -3  TYR A CG  1 
ATOM   17   C  CD1 . TYR A 1 19  ? -0.563  5.921   19.423  0.70 57.73 ? -3  TYR A CD1 1 
ATOM   18   C  CD2 . TYR A 1 19  ? -1.957  7.240   20.833  0.70 59.61 ? -3  TYR A CD2 1 
ATOM   19   C  CE1 . TYR A 1 19  ? -1.216  4.761   19.856  0.70 59.14 ? -3  TYR A CE1 1 
ATOM   20   C  CE2 . TYR A 1 19  ? -2.621  6.090   21.284  0.70 59.23 ? -3  TYR A CE2 1 
ATOM   21   C  CZ  . TYR A 1 19  ? -2.248  4.854   20.797  0.70 59.83 ? -3  TYR A CZ  1 
ATOM   22   O  OH  . TYR A 1 19  ? -2.925  3.733   21.257  0.70 59.61 ? -3  TYR A OH  1 
ATOM   23   N  N   . PHE A 1 20  ? -2.395  9.894   17.783  0.70 60.47 ? -2  PHE A N   1 
ATOM   24   C  CA  . PHE A 1 20  ? -3.785  10.048  17.443  0.70 59.62 ? -2  PHE A CA  1 
ATOM   25   C  C   . PHE A 1 20  ? -3.948  10.230  15.967  0.70 59.37 ? -2  PHE A C   1 
ATOM   26   O  O   . PHE A 1 20  ? -4.883  9.668   15.354  0.70 59.70 ? -2  PHE A O   1 
ATOM   27   C  CB  . PHE A 1 20  ? -4.335  11.273  18.129  0.70 60.34 ? -2  PHE A CB  1 
ATOM   28   C  CG  . PHE A 1 20  ? -5.011  10.985  19.439  0.70 60.89 ? -2  PHE A CG  1 
ATOM   29   C  CD1 . PHE A 1 20  ? -6.019  11.807  19.903  0.70 62.86 ? -2  PHE A CD1 1 
ATOM   30   C  CD2 . PHE A 1 20  ? -4.648  9.907   20.200  0.70 62.53 ? -2  PHE A CD2 1 
ATOM   31   C  CE1 . PHE A 1 20  ? -6.657  11.551  21.121  0.70 64.78 ? -2  PHE A CE1 1 
ATOM   32   C  CE2 . PHE A 1 20  ? -5.269  9.648   21.424  0.70 63.27 ? -2  PHE A CE2 1 
ATOM   33   C  CZ  . PHE A 1 20  ? -6.274  10.465  21.879  0.70 63.69 ? -2  PHE A CZ  1 
ATOM   34   N  N   . GLN A 1 21  ? -3.057  11.029  15.396  0.70 58.17 ? -1  GLN A N   1 
ATOM   35   C  CA  . GLN A 1 21  ? -2.976  11.181  13.962  0.70 57.41 ? -1  GLN A CA  1 
ATOM   36   C  C   . GLN A 1 21  ? -2.632  9.860   13.325  0.70 56.73 ? -1  GLN A C   1 
ATOM   37   O  O   . GLN A 1 21  ? -3.165  9.507   12.281  0.70 57.40 ? -1  GLN A O   1 
ATOM   38   C  CB  . GLN A 1 21  ? -1.888  12.158  13.602  0.70 57.36 ? -1  GLN A CB  1 
ATOM   39   C  CG  . GLN A 1 21  ? -2.205  13.597  13.902  0.70 59.65 ? -1  GLN A CG  1 
ATOM   40   C  CD  . GLN A 1 21  ? -0.978  14.487  13.613  0.70 63.58 ? -1  GLN A CD  1 
ATOM   41   O  OE1 . GLN A 1 21  ? -0.042  14.074  12.898  0.70 61.20 ? -1  GLN A OE1 1 
ATOM   42   N  NE2 . GLN A 1 21  ? -0.974  15.698  14.178  0.70 62.55 ? -1  GLN A NE2 1 
ATOM   43   N  N   . SER A 1 22  ? -1.730  9.134   13.960  0.70 55.66 ? 0   SER A N   1 
ATOM   44   C  CA  . SER A 1 22  ? -1.266  7.875   13.452  0.70 54.99 ? 0   SER A CA  1 
ATOM   45   C  C   . SER A 1 22  ? -2.454  6.961   13.219  0.70 55.34 ? 0   SER A C   1 
ATOM   46   O  O   . SER A 1 22  ? -2.519  6.210   12.257  0.70 55.63 ? 0   SER A O   1 
ATOM   47   C  CB  . SER A 1 22  ? -0.322  7.270   14.474  0.70 54.38 ? 0   SER A CB  1 
ATOM   48   O  OG  . SER A 1 22  ? -0.145  5.899   14.235  0.70 54.04 ? 0   SER A OG  1 
HETATM 49   N  N   . MSE A 1 23  ? -3.394  7.048   14.139  1.00 56.00 ? 1   MSE A N   1 
HETATM 50   C  CA  . MSE A 1 23  ? -4.539  6.169   14.244  1.00 55.91 ? 1   MSE A CA  1 
HETATM 51   C  C   . MSE A 1 23  ? -5.674  6.536   13.315  1.00 55.98 ? 1   MSE A C   1 
HETATM 52   O  O   . MSE A 1 23  ? -6.571  5.724   13.165  1.00 56.22 ? 1   MSE A O   1 
HETATM 53   C  CB  . MSE A 1 23  ? -5.123  6.335   15.628  1.00 56.18 ? 1   MSE A CB  1 
HETATM 54   C  CG  . MSE A 1 23  ? -5.055  5.203   16.606  1.00 59.56 ? 1   MSE A CG  1 
HETATM 55   SE SE  . MSE A 1 23  ? -5.793  5.968   18.273  0.50 66.25 ? 1   MSE A SE  1 
HETATM 56   C  CE  . MSE A 1 23  ? -6.813  4.426   18.724  1.00 65.85 ? 1   MSE A CE  1 
ATOM   57   N  N   . LEU A 1 24  ? -5.701  7.773   12.786  1.00 55.68 ? 2   LEU A N   1 
ATOM   58   C  CA  . LEU A 1 24  ? -6.844  8.287   11.971  1.00 55.30 ? 2   LEU A CA  1 
ATOM   59   C  C   . LEU A 1 24  ? -6.447  8.464   10.476  1.00 54.85 ? 2   LEU A C   1 
ATOM   60   O  O   . LEU A 1 24  ? -7.309  8.466   9.579   1.00 55.36 ? 2   LEU A O   1 
ATOM   61   C  CB  . LEU A 1 24  ? -7.455  9.597   12.562  1.00 55.64 ? 2   LEU A CB  1 
ATOM   62   C  CG  . LEU A 1 24  ? -8.122  9.442   13.942  1.00 55.24 ? 2   LEU A CG  1 
ATOM   63   N  N   . ALA A 1 25  ? -5.139  8.586   10.233  1.00 53.94 ? 3   ALA A N   1 
ATOM   64   C  CA  . ALA A 1 25  ? -4.535  8.491   8.896   1.00 53.12 ? 3   ALA A CA  1 
ATOM   65   C  C   . ALA A 1 25  ? -5.146  7.323   8.099   1.00 52.58 ? 3   ALA A C   1 
ATOM   66   O  O   . ALA A 1 25  ? -5.385  6.241   8.636   1.00 52.91 ? 3   ALA A O   1 
ATOM   67   C  CB  . ALA A 1 25  ? -2.987  8.337   9.011   1.00 51.69 ? 3   ALA A CB  1 
ATOM   68   N  N   . ILE A 1 26  ? -5.389  7.563   6.825   1.00 51.76 ? 4   ILE A N   1 
ATOM   69   C  CA  . ILE A 1 26  ? -5.967  6.595   5.936   1.00 51.85 ? 4   ILE A CA  1 
ATOM   70   C  C   . ILE A 1 26  ? -4.986  6.273   4.785   1.00 50.98 ? 4   ILE A C   1 
ATOM   71   O  O   . ILE A 1 26  ? -4.324  7.178   4.267   1.00 51.57 ? 4   ILE A O   1 
ATOM   72   C  CB  . ILE A 1 26  ? -7.258  7.193   5.377   1.00 52.10 ? 4   ILE A CB  1 
ATOM   73   C  CG1 . ILE A 1 26  ? -8.465  6.379   5.802   1.00 53.42 ? 4   ILE A CG1 1 
ATOM   74   C  CG2 . ILE A 1 26  ? -7.217  7.191   3.905   1.00 54.39 ? 4   ILE A CG2 1 
ATOM   75   C  CD1 . ILE A 1 26  ? -8.581  6.208   7.298   1.00 56.91 ? 4   ILE A CD1 1 
ATOM   76   N  N   . ARG A 1 27  ? -4.867  5.010   4.372   1.00 49.45 ? 5   ARG A N   1 
ATOM   77   C  CA  . ARG A 1 27  ? -4.010  4.687   3.214   1.00 47.71 ? 5   ARG A CA  1 
ATOM   78   C  C   . ARG A 1 27  ? -4.771  3.951   2.170   1.00 46.76 ? 5   ARG A C   1 
ATOM   79   O  O   . ARG A 1 27  ? -5.414  2.966   2.492   1.00 47.18 ? 5   ARG A O   1 
ATOM   80   C  CB  . ARG A 1 27  ? -2.872  3.798   3.619   1.00 47.49 ? 5   ARG A CB  1 
ATOM   81   C  CG  . ARG A 1 27  ? -1.946  4.419   4.546   1.00 48.62 ? 5   ARG A CG  1 
ATOM   82   C  CD  . ARG A 1 27  ? -0.617  4.053   4.111   1.00 51.93 ? 5   ARG A CD  1 
ATOM   83   N  NE  . ARG A 1 27  ? 0.372   4.454   5.088   1.00 55.88 ? 5   ARG A NE  1 
ATOM   84   C  CZ  . ARG A 1 27  ? 1.627   3.990   5.119   1.00 57.71 ? 5   ARG A CZ  1 
ATOM   85   N  NH1 . ARG A 1 27  ? 2.039   3.125   4.174   1.00 58.39 ? 5   ARG A NH1 1 
ATOM   86   N  NH2 . ARG A 1 27  ? 2.489   4.409   6.080   1.00 56.74 ? 5   ARG A NH2 1 
ATOM   87   N  N   . VAL A 1 28  ? -4.703  4.383   0.931   1.00 45.01 ? 6   VAL A N   1 
ATOM   88   C  CA  . VAL A 1 28  ? -5.412  3.617   -0.046  1.00 45.61 ? 6   VAL A CA  1 
ATOM   89   C  C   . VAL A 1 28  ? -4.450  2.918   -0.964  1.00 45.22 ? 6   VAL A C   1 
ATOM   90   O  O   . VAL A 1 28  ? -3.409  3.469   -1.312  1.00 45.45 ? 6   VAL A O   1 
ATOM   91   C  CB  . VAL A 1 28  ? -6.448  4.447   -0.884  1.00 46.62 ? 6   VAL A CB  1 
ATOM   92   C  CG1 . VAL A 1 28  ? -6.693  5.837   -0.266  1.00 46.17 ? 6   VAL A CG1 1 
ATOM   93   C  CG2 . VAL A 1 28  ? -6.052  4.522   -2.380  1.00 46.22 ? 6   VAL A CG2 1 
ATOM   94   N  N   . VAL A 1 29  ? -4.806  1.698   -1.349  1.00 43.88 ? 7   VAL A N   1 
ATOM   95   C  CA  . VAL A 1 29  ? -4.048  0.973   -2.321  1.00 41.55 ? 7   VAL A CA  1 
ATOM   96   C  C   . VAL A 1 29  ? -5.003  0.849   -3.460  1.00 42.52 ? 7   VAL A C   1 
ATOM   97   O  O   . VAL A 1 29  ? -6.072  0.257   -3.317  1.00 42.60 ? 7   VAL A O   1 
ATOM   98   C  CB  . VAL A 1 29  ? -3.678  -0.411  -1.823  1.00 40.31 ? 7   VAL A CB  1 
ATOM   99   C  CG1 . VAL A 1 29  ? -2.951  -1.152  -2.893  1.00 37.45 ? 7   VAL A CG1 1 
ATOM   100  C  CG2 . VAL A 1 29  ? -2.854  -0.290  -0.634  1.00 38.65 ? 7   VAL A CG2 1 
ATOM   101  N  N   . ALA A 1 30  ? -4.635  1.418   -4.591  1.00 43.22 ? 8   ALA A N   1 
ATOM   102  C  CA  . ALA A 1 30  ? -5.496  1.336   -5.751  1.00 45.39 ? 8   ALA A CA  1 
ATOM   103  C  C   . ALA A 1 30  ? -4.819  0.650   -6.934  1.00 46.63 ? 8   ALA A C   1 
ATOM   104  O  O   . ALA A 1 30  ? -4.170  1.299   -7.729  1.00 45.70 ? 8   ALA A O   1 
ATOM   105  C  CB  . ALA A 1 30  ? -6.044  2.740   -6.142  1.00 44.51 ? 8   ALA A CB  1 
ATOM   106  N  N   . LYS A 1 31  ? -4.997  -0.662  -7.055  1.00 48.90 ? 9   LYS A N   1 
ATOM   107  C  CA  . LYS A 1 31  ? -4.237  -1.401  -8.058  1.00 52.56 ? 9   LYS A CA  1 
ATOM   108  C  C   . LYS A 1 31  ? -4.876  -1.469  -9.462  1.00 54.50 ? 9   LYS A C   1 
ATOM   109  O  O   . LYS A 1 31  ? -6.001  -1.932  -9.636  1.00 55.61 ? 9   LYS A O   1 
ATOM   110  C  CB  . LYS A 1 31  ? -3.936  -2.781  -7.510  1.00 53.04 ? 9   LYS A CB  1 
ATOM   111  C  CG  . LYS A 1 31  ? -3.370  -3.768  -8.485  1.00 54.51 ? 9   LYS A CG  1 
ATOM   112  C  CD  . LYS A 1 31  ? -2.819  -4.855  -7.636  1.00 58.48 ? 9   LYS A CD  1 
ATOM   113  C  CE  . LYS A 1 31  ? -2.948  -6.203  -8.271  1.00 60.73 ? 9   LYS A CE  1 
ATOM   114  N  NZ  . LYS A 1 31  ? -2.893  -7.160  -7.115  1.00 63.37 ? 9   LYS A NZ  1 
ATOM   115  N  N   . ASN A 1 32  ? -4.172  -0.989  -10.458 1.00 56.11 ? 10  ASN A N   1 
ATOM   116  C  CA  . ASN A 1 32  ? -4.723  -1.008  -11.787 1.00 58.88 ? 10  ASN A CA  1 
ATOM   117  C  C   . ASN A 1 32  ? -4.044  -2.027  -12.695 1.00 61.31 ? 10  ASN A C   1 
ATOM   118  O  O   . ASN A 1 32  ? -2.803  -2.253  -12.605 1.00 61.97 ? 10  ASN A O   1 
ATOM   119  C  CB  . ASN A 1 32  ? -4.518  0.348   -12.405 1.00 59.06 ? 10  ASN A CB  1 
ATOM   120  C  CG  . ASN A 1 32  ? -5.260  1.403   -11.686 1.00 59.14 ? 10  ASN A CG  1 
ATOM   121  O  OD1 . ASN A 1 32  ? -4.693  2.220   -10.929 1.00 57.07 ? 10  ASN A OD1 1 
ATOM   122  N  ND2 . ASN A 1 32  ? -6.554  1.408   -11.904 1.00 59.25 ? 10  ASN A ND2 1 
ATOM   123  N  N   . GLN A 1 33  ? -4.831  -2.647  -13.580 1.00 62.87 ? 11  GLN A N   1 
ATOM   124  C  CA  . GLN A 1 33  ? -4.219  -3.397  -14.679 1.00 64.15 ? 11  GLN A CA  1 
ATOM   125  C  C   . GLN A 1 33  ? -4.480  -2.710  -15.994 1.00 65.02 ? 11  GLN A C   1 
ATOM   126  O  O   . GLN A 1 33  ? -5.623  -2.444  -16.359 1.00 65.30 ? 11  GLN A O   1 
ATOM   127  C  CB  . GLN A 1 33  ? -4.654  -4.835  -14.730 1.00 63.38 ? 11  GLN A CB  1 
ATOM   128  C  CG  . GLN A 1 33  ? -3.808  -5.618  -15.715 1.00 66.59 ? 11  GLN A CG  1 
ATOM   129  C  CD  . GLN A 1 33  ? -4.237  -7.049  -15.798 1.00 70.19 ? 11  GLN A CD  1 
ATOM   130  O  OE1 . GLN A 1 33  ? -4.572  -7.642  -14.781 1.00 75.34 ? 11  GLN A OE1 1 
ATOM   131  N  NE2 . GLN A 1 33  ? -4.260  -7.616  -17.004 1.00 71.76 ? 11  GLN A NE2 1 
ATOM   132  N  N   . VAL A 1 34  ? -3.403  -2.423  -16.698 1.00 66.69 ? 12  VAL A N   1 
ATOM   133  C  CA  . VAL A 1 34  ? -3.446  -1.485  -17.815 1.00 68.58 ? 12  VAL A CA  1 
ATOM   134  C  C   . VAL A 1 34  ? -3.311  -2.189  -19.204 1.00 70.24 ? 12  VAL A C   1 
ATOM   135  O  O   . VAL A 1 34  ? -2.627  -3.234  -19.347 1.00 70.85 ? 12  VAL A O   1 
ATOM   136  C  CB  . VAL A 1 34  ? -2.428  -0.282  -17.558 1.00 68.15 ? 12  VAL A CB  1 
ATOM   137  C  CG1 . VAL A 1 34  ? -2.421  0.708   -18.690 1.00 68.19 ? 12  VAL A CG1 1 
ATOM   138  C  CG2 . VAL A 1 34  ? -2.801  0.460   -16.275 1.00 66.19 ? 12  VAL A CG2 1 
ATOM   139  N  N   . LYS A 1 35  ? -4.021  -1.646  -20.196 1.00 71.49 ? 13  LYS A N   1 
ATOM   140  C  CA  . LYS A 1 35  ? -3.861  -2.077  -21.587 1.00 73.07 ? 13  LYS A CA  1 
ATOM   141  C  C   . LYS A 1 35  ? -2.453  -1.620  -22.053 1.00 73.36 ? 13  LYS A C   1 
ATOM   142  O  O   . LYS A 1 35  ? -2.184  -0.393  -22.047 1.00 73.39 ? 13  LYS A O   1 
ATOM   143  C  CB  . LYS A 1 35  ? -4.945  -1.435  -22.483 1.00 73.28 ? 13  LYS A CB  1 
ATOM   144  C  CG  . LYS A 1 35  ? -6.382  -1.983  -22.369 1.00 74.74 ? 13  LYS A CG  1 
ATOM   145  C  CD  . LYS A 1 35  ? -7.302  -1.129  -23.241 1.00 78.25 ? 13  LYS A CD  1 
ATOM   146  C  CE  . LYS A 1 35  ? -8.736  -1.081  -22.729 1.00 80.81 ? 13  LYS A CE  1 
ATOM   147  N  NZ  . LYS A 1 35  ? -9.636  -2.035  -23.420 1.00 82.46 ? 13  LYS A NZ  1 
ATOM   148  N  N   . PRO A 1 36  ? -1.562  -2.583  -22.460 1.00 73.29 ? 14  PRO A N   1 
ATOM   149  C  CA  . PRO A 1 36  ? -0.176  -2.235  -22.853 1.00 73.21 ? 14  PRO A CA  1 
ATOM   150  C  C   . PRO A 1 36  ? -0.077  -1.027  -23.779 1.00 73.18 ? 14  PRO A C   1 
ATOM   151  O  O   . PRO A 1 36  ? 0.881   -0.253  -23.667 1.00 73.47 ? 14  PRO A O   1 
ATOM   152  C  CB  . PRO A 1 36  ? 0.331   -3.512  -23.533 1.00 73.21 ? 14  PRO A CB  1 
ATOM   153  C  CG  . PRO A 1 36  ? -0.384  -4.620  -22.795 1.00 72.93 ? 14  PRO A CG  1 
ATOM   154  C  CD  . PRO A 1 36  ? -1.750  -4.053  -22.393 1.00 73.04 ? 14  PRO A CD  1 
ATOM   155  N  N   . GLU A 1 37  ? -1.072  -0.860  -24.644 1.00 73.14 ? 15  GLU A N   1 
ATOM   156  C  CA  . GLU A 1 37  ? -1.148  0.269   -25.590 1.00 74.15 ? 15  GLU A CA  1 
ATOM   157  C  C   . GLU A 1 37  ? -1.504  1.598   -24.904 1.00 74.81 ? 15  GLU A C   1 
ATOM   158  O  O   . GLU A 1 37  ? -1.149  2.690   -25.382 1.00 75.10 ? 15  GLU A O   1 
ATOM   159  C  CB  . GLU A 1 37  ? -2.179  -0.032  -26.714 1.00 73.97 ? 15  GLU A CB  1 
ATOM   160  N  N   . LYS A 1 38  ? -2.233  1.517   -23.784 1.00 75.24 ? 16  LYS A N   1 
ATOM   161  C  CA  . LYS A 1 38  ? -2.735  2.737   -23.133 1.00 74.65 ? 16  LYS A CA  1 
ATOM   162  C  C   . LYS A 1 38  ? -1.781  3.270   -22.006 1.00 73.92 ? 16  LYS A C   1 
ATOM   163  O  O   . LYS A 1 38  ? -2.023  4.350   -21.439 1.00 74.78 ? 16  LYS A O   1 
ATOM   164  C  CB  . LYS A 1 38  ? -4.235  2.603   -22.745 1.00 73.83 ? 16  LYS A CB  1 
ATOM   165  N  N   . VAL A 1 39  ? -0.666  2.576   -21.757 1.00 72.42 ? 17  VAL A N   1 
ATOM   166  C  CA  . VAL A 1 39  ? 0.272   2.993   -20.701 1.00 71.03 ? 17  VAL A CA  1 
ATOM   167  C  C   . VAL A 1 39  ? 0.717   4.441   -20.777 1.00 70.70 ? 17  VAL A C   1 
ATOM   168  O  O   . VAL A 1 39  ? 0.499   5.180   -19.834 1.00 71.43 ? 17  VAL A O   1 
ATOM   169  C  CB  . VAL A 1 39  ? 1.483   2.082   -20.595 1.00 70.81 ? 17  VAL A CB  1 
ATOM   170  C  CG1 . VAL A 1 39  ? 2.563   2.775   -19.796 1.00 69.12 ? 17  VAL A CG1 1 
ATOM   171  C  CG2 . VAL A 1 39  ? 1.071   0.760   -19.924 1.00 69.48 ? 17  VAL A CG2 1 
ATOM   172  N  N   . GLN A 1 40  ? 1.312   4.864   -21.882 1.00 70.37 ? 18  GLN A N   1 
ATOM   173  C  CA  . GLN A 1 40  ? 1.713   6.273   -21.994 1.00 70.09 ? 18  GLN A CA  1 
ATOM   174  C  C   . GLN A 1 40  ? 0.566   7.218   -21.666 1.00 69.59 ? 18  GLN A C   1 
ATOM   175  O  O   . GLN A 1 40  ? 0.791   8.202   -20.945 1.00 69.88 ? 18  GLN A O   1 
ATOM   176  C  CB  . GLN A 1 40  ? 2.378   6.628   -23.348 1.00 70.01 ? 18  GLN A CB  1 
ATOM   177  N  N   . GLU A 1 41  ? -0.644  6.925   -22.174 1.00 68.74 ? 19  GLU A N   1 
ATOM   178  C  CA  . GLU A 1 41  ? -1.834  7.789   -21.918 1.00 68.31 ? 19  GLU A CA  1 
ATOM   179  C  C   . GLU A 1 41  ? -2.305  7.771   -20.453 1.00 67.23 ? 19  GLU A C   1 
ATOM   180  O  O   . GLU A 1 41  ? -2.763  8.785   -19.910 1.00 66.95 ? 19  GLU A O   1 
ATOM   181  C  CB  . GLU A 1 41  ? -3.014  7.452   -22.853 1.00 68.97 ? 19  GLU A CB  1 
ATOM   182  N  N   . PHE A 1 42  ? -2.182  6.607   -19.834 1.00 65.62 ? 20  PHE A N   1 
ATOM   183  C  CA  . PHE A 1 42  ? -2.477  6.434   -18.449 1.00 64.81 ? 20  PHE A CA  1 
ATOM   184  C  C   . PHE A 1 42  ? -1.536  7.288   -17.641 1.00 65.02 ? 20  PHE A C   1 
ATOM   185  O  O   . PHE A 1 42  ? -1.992  8.141   -16.870 1.00 65.14 ? 20  PHE A O   1 
ATOM   186  C  CB  . PHE A 1 42  ? -2.267  4.993   -18.084 1.00 64.89 ? 20  PHE A CB  1 
ATOM   187  C  CG  . PHE A 1 42  ? -2.621  4.682   -16.679 1.00 65.53 ? 20  PHE A CG  1 
ATOM   188  C  CD1 . PHE A 1 42  ? -1.636  4.582   -15.702 1.00 65.89 ? 20  PHE A CD1 1 
ATOM   189  C  CD2 . PHE A 1 42  ? -3.942  4.489   -16.309 1.00 66.19 ? 20  PHE A CD2 1 
ATOM   190  C  CE1 . PHE A 1 42  ? -1.967  4.278   -14.367 1.00 65.89 ? 20  PHE A CE1 1 
ATOM   191  C  CE2 . PHE A 1 42  ? -4.279  4.185   -14.977 1.00 65.28 ? 20  PHE A CE2 1 
ATOM   192  C  CZ  . PHE A 1 42  ? -3.294  4.067   -14.011 1.00 64.17 ? 20  PHE A CZ  1 
HETATM 193  N  N   . MSE A 1 43  ? -0.230  7.074   -17.815 1.00 64.90 ? 21  MSE A N   1 
HETATM 194  C  CA  . MSE A 1 43  ? 0.790   7.927   -17.159 1.00 65.66 ? 21  MSE A CA  1 
HETATM 195  C  C   . MSE A 1 43  ? 0.564   9.404   -17.327 1.00 66.11 ? 21  MSE A C   1 
HETATM 196  O  O   . MSE A 1 43  ? 0.678   10.120  -16.347 1.00 66.60 ? 21  MSE A O   1 
HETATM 197  C  CB  . MSE A 1 43  ? 2.214   7.618   -17.604 1.00 65.94 ? 21  MSE A CB  1 
HETATM 198  C  CG  . MSE A 1 43  ? 2.660   6.171   -17.355 1.00 68.40 ? 21  MSE A CG  1 
HETATM 199  SE SE  . MSE A 1 43  ? 2.595   5.715   -15.454 0.50 71.83 ? 21  MSE A SE  1 
HETATM 200  C  CE  . MSE A 1 43  ? 3.705   4.102   -15.626 0.50 73.38 ? 21  MSE A CE  1 
ATOM   201  N  N   . ASN A 1 44  ? 0.238   9.886   -18.533 1.00 66.32 ? 22  ASN A N   1 
ATOM   202  C  CA  . ASN A 1 44  ? 0.021   11.322  -18.683 1.00 67.00 ? 22  ASN A CA  1 
ATOM   203  C  C   . ASN A 1 44  ? -1.157  11.787  -17.876 1.00 65.80 ? 22  ASN A C   1 
ATOM   204  O  O   . ASN A 1 44  ? -1.186  12.927  -17.414 1.00 65.69 ? 22  ASN A O   1 
ATOM   205  C  CB  . ASN A 1 44  ? -0.132  11.743  -20.151 1.00 68.82 ? 22  ASN A CB  1 
ATOM   206  C  CG  . ASN A 1 44  ? 1.038   11.270  -21.012 1.00 73.28 ? 22  ASN A CG  1 
ATOM   207  O  OD1 . ASN A 1 44  ? 2.209   11.387  -20.605 1.00 76.45 ? 22  ASN A OD1 1 
ATOM   208  N  ND2 . ASN A 1 44  ? 0.730   10.686  -22.182 1.00 75.84 ? 22  ASN A ND2 1 
ATOM   209  N  N   . LEU A 1 45  ? -2.132  10.905  -17.685 1.00 64.89 ? 23  LEU A N   1 
ATOM   210  C  CA  . LEU A 1 45  ? -3.303  11.272  -16.858 1.00 64.46 ? 23  LEU A CA  1 
ATOM   211  C  C   . LEU A 1 45  ? -3.009  11.306  -15.349 1.00 64.01 ? 23  LEU A C   1 
ATOM   212  O  O   . LEU A 1 45  ? -3.425  12.257  -14.679 1.00 63.44 ? 23  LEU A O   1 
ATOM   213  C  CB  . LEU A 1 45  ? -4.522  10.397  -17.178 1.00 64.97 ? 23  LEU A CB  1 
ATOM   214  C  CG  . LEU A 1 45  ? -5.128  10.650  -18.565 1.00 63.63 ? 23  LEU A CG  1 
ATOM   215  C  CD1 . LEU A 1 45  ? -5.973  9.458   -18.987 1.00 61.94 ? 23  LEU A CD1 1 
ATOM   216  C  CD2 . LEU A 1 45  ? -5.864  12.000  -18.595 1.00 61.98 ? 23  LEU A CD2 1 
ATOM   217  N  N   . CYS A 1 46  ? -2.266  10.314  -14.833 1.00 63.27 ? 24  CYS A N   1 
ATOM   218  C  CA  . CYS A 1 46  ? -1.711  10.409  -13.474 1.00 63.60 ? 24  CYS A CA  1 
ATOM   219  C  C   . CYS A 1 46  ? -0.877  11.660  -13.203 1.00 64.21 ? 24  CYS A C   1 
ATOM   220  O  O   . CYS A 1 46  ? -0.990  12.225  -12.125 1.00 63.75 ? 24  CYS A O   1 
ATOM   221  C  CB  . CYS A 1 46  ? -0.862  9.213   -13.117 1.00 63.06 ? 24  CYS A CB  1 
ATOM   222  S  SG  . CYS A 1 46  ? -1.641  7.621   -13.328 1.00 65.20 ? 24  CYS A SG  1 
ATOM   223  N  N   . LYS A 1 47  ? -0.031  12.089  -14.162 1.00 65.63 ? 25  LYS A N   1 
ATOM   224  C  CA  . LYS A 1 47  ? 0.808   13.303  -13.990 1.00 65.63 ? 25  LYS A CA  1 
ATOM   225  C  C   . LYS A 1 47  ? -0.057  14.454  -13.567 1.00 65.73 ? 25  LYS A C   1 
ATOM   226  O  O   . LYS A 1 47  ? 0.258   15.120  -12.552 1.00 67.27 ? 25  LYS A O   1 
ATOM   227  C  CB  . LYS A 1 47  ? 1.624   13.658  -15.238 1.00 66.05 ? 25  LYS A CB  1 
ATOM   228  N  N   . SER A 1 48  ? -1.177  14.660  -14.256 1.00 64.24 ? 26  SER A N   1 
ATOM   229  C  CA  . SER A 1 48  ? -2.008  15.823  -13.887 1.00 64.35 ? 26  SER A CA  1 
ATOM   230  C  C   . SER A 1 48  ? -2.734  15.609  -12.568 1.00 64.01 ? 26  SER A C   1 
ATOM   231  O  O   . SER A 1 48  ? -3.004  16.546  -11.793 1.00 65.00 ? 26  SER A O   1 
ATOM   232  C  CB  . SER A 1 48  ? -3.007  16.210  -15.012 1.00 64.30 ? 26  SER A CB  1 
ATOM   233  O  OG  . SER A 1 48  ? -2.587  15.749  -16.288 1.00 63.44 ? 26  SER A OG  1 
ATOM   234  N  N   . LEU A 1 49  ? -3.088  14.359  -12.334 1.00 63.70 ? 27  LEU A N   1 
ATOM   235  C  CA  . LEU A 1 49  ? -3.850  14.008  -11.165 1.00 62.96 ? 27  LEU A CA  1 
ATOM   236  C  C   . LEU A 1 49  ? -3.005  14.151  -9.907  1.00 62.69 ? 27  LEU A C   1 
ATOM   237  O  O   . LEU A 1 49  ? -3.540  14.529  -8.891  1.00 63.09 ? 27  LEU A O   1 
ATOM   238  C  CB  . LEU A 1 49  ? -4.395  12.588  -11.298 1.00 62.87 ? 27  LEU A CB  1 
ATOM   239  C  CG  . LEU A 1 49  ? -5.262  12.107  -10.128 1.00 62.26 ? 27  LEU A CG  1 
ATOM   240  C  CD1 . LEU A 1 49  ? -6.451  13.059  -9.896  1.00 60.92 ? 27  LEU A CD1 1 
ATOM   241  C  CD2 . LEU A 1 49  ? -5.699  10.679  -10.336 1.00 58.12 ? 27  LEU A CD2 1 
ATOM   242  N  N   . ILE A 1 50  ? -1.704  13.868  -9.991  1.00 62.63 ? 28  ILE A N   1 
ATOM   243  C  CA  . ILE A 1 50  ? -0.792  13.964  -8.854  1.00 63.65 ? 28  ILE A CA  1 
ATOM   244  C  C   . ILE A 1 50  ? -0.596  15.443  -8.528  1.00 65.37 ? 28  ILE A C   1 
ATOM   245  O  O   . ILE A 1 50  ? -0.897  15.861  -7.393  1.00 65.73 ? 28  ILE A O   1 
ATOM   246  C  CB  . ILE A 1 50  ? 0.572   13.226  -9.073  1.00 62.69 ? 28  ILE A CB  1 
ATOM   247  N  N   . GLU A 1 51  ? -0.184  16.235  -9.537  1.00 66.85 ? 29  GLU A N   1 
ATOM   248  C  CA  . GLU A 1 51  ? -0.012  17.689  -9.406  1.00 67.84 ? 29  GLU A CA  1 
ATOM   249  C  C   . GLU A 1 51  ? -1.185  18.282  -8.656  1.00 69.03 ? 29  GLU A C   1 
ATOM   250  O  O   . GLU A 1 51  ? -0.989  19.013  -7.673  1.00 69.62 ? 29  GLU A O   1 
ATOM   251  C  CB  . GLU A 1 51  ? 0.128   18.376  -10.774 1.00 68.31 ? 29  GLU A CB  1 
ATOM   252  N  N   . GLU A 1 52  ? -2.410  17.953  -9.077  1.00 69.63 ? 30  GLU A N   1 
ATOM   253  C  CA  . GLU A 1 52  ? -3.562  18.563  -8.427  1.00 70.22 ? 30  GLU A CA  1 
ATOM   254  C  C   . GLU A 1 52  ? -3.686  18.082  -7.007  1.00 69.80 ? 30  GLU A C   1 
ATOM   255  O  O   . GLU A 1 52  ? -3.801  18.896  -6.078  1.00 70.01 ? 30  GLU A O   1 
ATOM   256  C  CB  . GLU A 1 52  ? -4.838  18.304  -9.208  1.00 70.50 ? 30  GLU A CB  1 
ATOM   257  C  CG  . GLU A 1 52  ? -4.988  19.266  -10.368 1.00 75.08 ? 30  GLU A CG  1 
ATOM   258  C  CD  . GLU A 1 52  ? -4.560  20.743  -10.009 1.00 80.12 ? 30  GLU A CD  1 
ATOM   259  O  OE1 . GLU A 1 52  ? -5.031  21.330  -8.995  1.00 80.09 ? 30  GLU A OE1 1 
ATOM   260  O  OE2 . GLU A 1 52  ? -3.740  21.321  -10.768 1.00 82.21 ? 30  GLU A OE2 1 
ATOM   261  N  N   . THR A 1 53  ? -3.613  16.755  -6.850  1.00 68.74 ? 31  THR A N   1 
ATOM   262  C  CA  . THR A 1 53  ? -4.029  16.079  -5.623  1.00 67.37 ? 31  THR A CA  1 
ATOM   263  C  C   . THR A 1 53  ? -3.070  16.379  -4.483  1.00 66.93 ? 31  THR A C   1 
ATOM   264  O  O   . THR A 1 53  ? -3.493  16.574  -3.321  1.00 65.25 ? 31  THR A O   1 
ATOM   265  C  CB  . THR A 1 53  ? -4.158  14.550  -5.834  1.00 67.57 ? 31  THR A CB  1 
ATOM   266  O  OG1 . THR A 1 53  ? -5.164  14.285  -6.816  1.00 65.80 ? 31  THR A OG1 1 
ATOM   267  C  CG2 . THR A 1 53  ? -4.512  13.829  -4.516  1.00 66.94 ? 31  THR A CG2 1 
ATOM   268  N  N   . LEU A 1 54  ? -1.779  16.413  -4.823  1.00 66.62 ? 32  LEU A N   1 
ATOM   269  C  CA  . LEU A 1 54  ? -0.763  16.781  -3.837  1.00 67.19 ? 32  LEU A CA  1 
ATOM   270  C  C   . LEU A 1 54  ? -1.059  18.146  -3.222  1.00 68.14 ? 32  LEU A C   1 
ATOM   271  O  O   . LEU A 1 54  ? -0.595  18.400  -2.107  1.00 68.79 ? 32  LEU A O   1 
ATOM   272  C  CB  . LEU A 1 54  ? 0.649   16.806  -4.405  1.00 65.59 ? 32  LEU A CB  1 
ATOM   273  C  CG  . LEU A 1 54  ? 1.314   15.452  -4.508  1.00 66.86 ? 32  LEU A CG  1 
ATOM   274  C  CD1 . LEU A 1 54  ? 2.707   15.562  -5.167  1.00 65.63 ? 32  LEU A CD1 1 
ATOM   275  C  CD2 . LEU A 1 54  ? 1.364   14.710  -3.165  1.00 64.24 ? 32  LEU A CD2 1 
ATOM   276  N  N   . LYS A 1 55  ? -1.811  19.009  -3.925  1.00 68.54 ? 33  LYS A N   1 
ATOM   277  C  CA  . LYS A 1 55  ? -2.096  20.361  -3.411  1.00 68.98 ? 33  LYS A CA  1 
ATOM   278  C  C   . LYS A 1 55  ? -3.279  20.404  -2.446  1.00 69.18 ? 33  LYS A C   1 
ATOM   279  O  O   . LYS A 1 55  ? -3.537  21.444  -1.862  1.00 69.79 ? 33  LYS A O   1 
ATOM   280  C  CB  . LYS A 1 55  ? -2.221  21.428  -4.537  1.00 69.01 ? 33  LYS A CB  1 
ATOM   281  N  N   . GLU A 1 56  ? -3.971  19.280  -2.240  1.00 69.34 ? 34  GLU A N   1 
ATOM   282  C  CA  . GLU A 1 56  ? -5.179  19.269  -1.402  1.00 68.65 ? 34  GLU A CA  1 
ATOM   283  C  C   . GLU A 1 56  ? -4.840  19.216  0.055   1.00 68.77 ? 34  GLU A C   1 
ATOM   284  O  O   . GLU A 1 56  ? -3.809  18.683  0.433   1.00 67.81 ? 34  GLU A O   1 
ATOM   285  C  CB  . GLU A 1 56  ? -6.018  18.047  -1.678  1.00 68.33 ? 34  GLU A CB  1 
ATOM   286  C  CG  . GLU A 1 56  ? -6.476  17.923  -3.077  1.00 70.02 ? 34  GLU A CG  1 
ATOM   287  C  CD  . GLU A 1 56  ? -7.598  16.885  -3.235  1.00 72.82 ? 34  GLU A CD  1 
ATOM   288  O  OE1 . GLU A 1 56  ? -8.510  16.851  -2.347  1.00 71.80 ? 34  GLU A OE1 1 
ATOM   289  O  OE2 . GLU A 1 56  ? -7.564  16.137  -4.262  1.00 71.99 ? 34  GLU A OE2 1 
ATOM   290  N  N   . GLU A 1 57  ? -5.740  19.745  0.884   1.00 69.78 ? 35  GLU A N   1 
ATOM   291  C  CA  . GLU A 1 57  ? -5.635  19.590  2.358   1.00 70.21 ? 35  GLU A CA  1 
ATOM   292  C  C   . GLU A 1 57  ? -5.886  18.111  2.746   1.00 69.63 ? 35  GLU A C   1 
ATOM   293  O  O   . GLU A 1 57  ? -6.913  17.502  2.383   1.00 70.42 ? 35  GLU A O   1 
ATOM   294  C  CB  . GLU A 1 57  ? -6.586  20.567  3.112   1.00 70.48 ? 35  GLU A CB  1 
ATOM   295  N  N   . GLY A 1 58  ? -4.924  17.527  3.448   1.00 68.42 ? 36  GLY A N   1 
ATOM   296  C  CA  . GLY A 1 58  ? -5.038  16.129  3.903   1.00 66.39 ? 36  GLY A CA  1 
ATOM   297  C  C   . GLY A 1 58  ? -4.204  15.142  3.112   1.00 64.42 ? 36  GLY A C   1 
ATOM   298  O  O   . GLY A 1 58  ? -3.876  14.046  3.574   1.00 63.58 ? 36  GLY A O   1 
ATOM   299  N  N   . CYS A 1 59  ? -3.802  15.534  1.928   1.00 62.73 ? 37  CYS A N   1 
ATOM   300  C  CA  . CYS A 1 59  ? -2.947  14.610  1.236   1.00 62.12 ? 37  CYS A CA  1 
ATOM   301  C  C   . CYS A 1 59  ? -1.559  14.525  1.852   1.00 62.47 ? 37  CYS A C   1 
ATOM   302  O  O   . CYS A 1 59  ? -0.770  15.481  1.725   1.00 63.47 ? 37  CYS A O   1 
ATOM   303  C  CB  . CYS A 1 59  ? -2.891  14.893  -0.264  1.00 61.55 ? 37  CYS A CB  1 
ATOM   304  S  SG  . CYS A 1 59  ? -1.909  13.731  -1.134  1.00 58.62 ? 37  CYS A SG  1 
ATOM   305  N  N   . ILE A 1 60  ? -1.239  13.376  2.455   1.00 61.97 ? 38  ILE A N   1 
ATOM   306  C  CA  . ILE A 1 60  ? 0.062   13.188  3.068   1.00 61.24 ? 38  ILE A CA  1 
ATOM   307  C  C   . ILE A 1 60  ? 1.068   12.660  2.070   1.00 61.98 ? 38  ILE A C   1 
ATOM   308  O  O   . ILE A 1 60  ? 2.259   12.990  2.120   1.00 62.77 ? 38  ILE A O   1 
ATOM   309  C  CB  . ILE A 1 60  ? 0.017   12.333  4.417   1.00 61.80 ? 38  ILE A CB  1 
ATOM   310  C  CG1 . ILE A 1 60  ? -0.932  12.962  5.495   1.00 57.37 ? 38  ILE A CG1 1 
ATOM   311  C  CG2 . ILE A 1 60  ? 1.446   12.113  4.947   1.00 59.25 ? 38  ILE A CG2 1 
ATOM   312  N  N   . ASP A 1 61  ? 0.614   11.811  1.167   1.00 62.38 ? 39  ASP A N   1 
ATOM   313  C  CA  . ASP A 1 61  ? 1.519   11.217  0.121   1.00 62.38 ? 39  ASP A CA  1 
ATOM   314  C  C   . ASP A 1 61  ? 0.562   10.650  -0.939  1.00 60.98 ? 39  ASP A C   1 
ATOM   315  O  O   . ASP A 1 61  ? -0.604  10.345  -0.651  1.00 61.23 ? 39  ASP A O   1 
ATOM   316  C  CB  . ASP A 1 61  ? 2.511   10.143  0.666   1.00 62.25 ? 39  ASP A CB  1 
ATOM   317  C  CG  . ASP A 1 61  ? 3.779   9.877   -0.297  1.00 68.67 ? 39  ASP A CG  1 
ATOM   318  O  OD1 . ASP A 1 61  ? 3.995   10.641  -1.322  1.00 72.60 ? 39  ASP A OD1 1 
ATOM   319  O  OD2 . ASP A 1 61  ? 4.563   8.887   -0.009  1.00 69.65 ? 39  ASP A OD2 1 
ATOM   320  N  N   . TYR A 1 62  ? 1.042   10.591  -2.170  1.00 58.77 ? 40  TYR A N   1 
ATOM   321  C  CA  . TYR A 1 62  ? 0.238   10.194  -3.284  1.00 56.88 ? 40  TYR A CA  1 
ATOM   322  C  C   . TYR A 1 62  ? 1.200   9.955   -4.394  1.00 55.24 ? 40  TYR A C   1 
ATOM   323  O  O   . TYR A 1 62  ? 1.908   10.847  -4.762  1.00 56.76 ? 40  TYR A O   1 
ATOM   324  C  CB  . TYR A 1 62  ? -0.698  11.306  -3.680  1.00 57.08 ? 40  TYR A CB  1 
ATOM   325  C  CG  . TYR A 1 62  ? -1.761  10.844  -4.648  1.00 59.44 ? 40  TYR A CG  1 
ATOM   326  C  CD1 . TYR A 1 62  ? -1.504  10.712  -6.018  1.00 59.27 ? 40  TYR A CD1 1 
ATOM   327  C  CD2 . TYR A 1 62  ? -3.025  10.502  -4.183  1.00 60.29 ? 40  TYR A CD2 1 
ATOM   328  C  CE1 . TYR A 1 62  ? -2.514  10.256  -6.897  1.00 60.62 ? 40  TYR A CE1 1 
ATOM   329  C  CE2 . TYR A 1 62  ? -4.020  10.062  -5.036  1.00 58.80 ? 40  TYR A CE2 1 
ATOM   330  C  CZ  . TYR A 1 62  ? -3.787  9.949   -6.379  1.00 59.43 ? 40  TYR A CZ  1 
ATOM   331  O  OH  . TYR A 1 62  ? -4.845  9.511   -7.157  1.00 56.58 ? 40  TYR A OH  1 
ATOM   332  N  N   . GLY A 1 63  ? 1.268   8.745   -4.900  1.00 53.75 ? 41  GLY A N   1 
ATOM   333  C  CA  . GLY A 1 63  ? 2.206   8.419   -5.945  1.00 53.43 ? 41  GLY A CA  1 
ATOM   334  C  C   . GLY A 1 63  ? 1.669   7.261   -6.736  1.00 52.83 ? 41  GLY A C   1 
ATOM   335  O  O   . GLY A 1 63  ? 0.708   6.609   -6.274  1.00 53.40 ? 41  GLY A O   1 
ATOM   336  N  N   . VAL A 1 64  ? 2.257   6.993   -7.898  1.00 50.93 ? 42  VAL A N   1 
ATOM   337  C  CA  . VAL A 1 64  ? 1.934   5.743   -8.589  1.00 50.77 ? 42  VAL A CA  1 
ATOM   338  C  C   . VAL A 1 64  ? 3.111   4.800   -8.743  1.00 50.23 ? 42  VAL A C   1 
ATOM   339  O  O   . VAL A 1 64  ? 4.217   5.233   -9.058  1.00 50.89 ? 42  VAL A O   1 
ATOM   340  C  CB  . VAL A 1 64  ? 1.098   5.939   -9.922  1.00 50.91 ? 42  VAL A CB  1 
ATOM   341  C  CG1 . VAL A 1 64  ? 1.308   7.281   -10.533 1.00 50.54 ? 42  VAL A CG1 1 
ATOM   342  C  CG2 . VAL A 1 64  ? 1.348   4.808   -10.913 1.00 50.04 ? 42  VAL A CG2 1 
ATOM   343  N  N   . TYR A 1 65  ? 2.872   3.525   -8.503  1.00 49.11 ? 43  TYR A N   1 
ATOM   344  C  CA  . TYR A 1 65  ? 3.942   2.591   -8.384  1.00 50.13 ? 43  TYR A CA  1 
ATOM   345  C  C   . TYR A 1 65  ? 3.735   1.401   -9.362  1.00 52.52 ? 43  TYR A C   1 
ATOM   346  O  O   . TYR A 1 65  ? 2.597   1.107   -9.749  1.00 53.46 ? 43  TYR A O   1 
ATOM   347  C  CB  . TYR A 1 65  ? 3.992   2.125   -6.940  1.00 48.90 ? 43  TYR A CB  1 
ATOM   348  C  CG  . TYR A 1 65  ? 4.394   3.200   -5.906  1.00 48.55 ? 43  TYR A CG  1 
ATOM   349  C  CD1 . TYR A 1 65  ? 3.494   4.207   -5.489  1.00 46.05 ? 43  TYR A CD1 1 
ATOM   350  C  CD2 . TYR A 1 65  ? 5.654   3.168   -5.305  1.00 48.91 ? 43  TYR A CD2 1 
ATOM   351  C  CE1 . TYR A 1 65  ? 3.844   5.171   -4.555  1.00 45.93 ? 43  TYR A CE1 1 
ATOM   352  C  CE2 . TYR A 1 65  ? 6.027   4.135   -4.381  1.00 51.67 ? 43  TYR A CE2 1 
ATOM   353  C  CZ  . TYR A 1 65  ? 5.127   5.141   -4.004  1.00 51.95 ? 43  TYR A CZ  1 
ATOM   354  O  OH  . TYR A 1 65  ? 5.550   6.101   -3.067  1.00 55.59 ? 43  TYR A OH  1 
ATOM   355  N  N   . GLN A 1 66  ? 4.792   0.696   -9.764  1.00 53.72 ? 44  GLN A N   1 
ATOM   356  C  CA  . GLN A 1 66  ? 4.616   -0.392  -10.718 1.00 55.28 ? 44  GLN A CA  1 
ATOM   357  C  C   . GLN A 1 66  ? 5.170   -1.648  -10.134 1.00 56.99 ? 44  GLN A C   1 
ATOM   358  O  O   . GLN A 1 66  ? 6.230   -1.617  -9.525  1.00 57.51 ? 44  GLN A O   1 
ATOM   359  C  CB  . GLN A 1 66  ? 5.363   -0.102  -11.984 1.00 55.61 ? 44  GLN A CB  1 
ATOM   360  C  CG  . GLN A 1 66  ? 5.417   -1.250  -12.945 1.00 58.85 ? 44  GLN A CG  1 
ATOM   361  C  CD  . GLN A 1 66  ? 6.454   -0.996  -14.026 1.00 65.40 ? 44  GLN A CD  1 
ATOM   362  O  OE1 . GLN A 1 66  ? 7.645   -1.049  -13.762 1.00 67.81 ? 44  GLN A OE1 1 
ATOM   363  N  NE2 . GLN A 1 66  ? 6.004   -0.702  -15.245 1.00 66.47 ? 44  GLN A NE2 1 
ATOM   364  N  N   . GLU A 1 67  ? 4.448   -2.756  -10.287 1.00 59.05 ? 45  GLU A N   1 
ATOM   365  C  CA  . GLU A 1 67  ? 4.876   -4.006  -9.713  1.00 61.14 ? 45  GLU A CA  1 
ATOM   366  C  C   . GLU A 1 67  ? 6.059   -4.477  -10.499 1.00 62.84 ? 45  GLU A C   1 
ATOM   367  O  O   . GLU A 1 67  ? 6.081   -4.344  -11.727 1.00 63.50 ? 45  GLU A O   1 
ATOM   368  C  CB  . GLU A 1 67  ? 3.811   -5.069  -9.804  1.00 61.15 ? 45  GLU A CB  1 
ATOM   369  C  CG  . GLU A 1 67  ? 4.367   -6.366  -9.285  1.00 64.05 ? 45  GLU A CG  1 
ATOM   370  C  CD  . GLU A 1 67  ? 3.350   -7.307  -8.739  1.00 68.03 ? 45  GLU A CD  1 
ATOM   371  O  OE1 . GLU A 1 67  ? 2.244   -7.348  -9.293  1.00 71.03 ? 45  GLU A OE1 1 
ATOM   372  O  OE2 . GLU A 1 67  ? 3.676   -8.035  -7.765  1.00 71.81 ? 45  GLU A OE2 1 
ATOM   373  N  N   . LEU A 1 68  ? 7.020   -5.063  -9.795  1.00 64.53 ? 46  LEU A N   1 
ATOM   374  C  CA  . LEU A 1 68  ? 8.318   -5.302  -10.345 1.00 66.69 ? 46  LEU A CA  1 
ATOM   375  C  C   . LEU A 1 68  ? 8.297   -6.092  -11.673 1.00 69.26 ? 46  LEU A C   1 
ATOM   376  O  O   . LEU A 1 68  ? 8.695   -5.580  -12.778 1.00 70.56 ? 46  LEU A O   1 
ATOM   377  C  CB  . LEU A 1 68  ? 9.216   -5.940  -9.280  1.00 66.26 ? 46  LEU A CB  1 
ATOM   378  C  CG  . LEU A 1 68  ? 10.252  -5.001  -8.620  1.00 65.19 ? 46  LEU A CG  1 
ATOM   379  C  CD1 . LEU A 1 68  ? 9.697   -3.610  -8.361  1.00 63.29 ? 46  LEU A CD1 1 
ATOM   380  C  CD2 . LEU A 1 68  ? 10.834  -5.578  -7.358  1.00 62.45 ? 46  LEU A CD2 1 
ATOM   381  N  N   . GLU A 1 69  ? 7.837   -7.331  -11.602 1.00 70.52 ? 47  GLU A N   1 
ATOM   382  C  CA  . GLU A 1 69  ? 8.017   -8.158  -12.781 1.00 71.68 ? 47  GLU A CA  1 
ATOM   383  C  C   . GLU A 1 69  ? 6.731   -8.104  -13.643 1.00 71.94 ? 47  GLU A C   1 
ATOM   384  O  O   . GLU A 1 69  ? 6.365   -9.089  -14.287 1.00 72.47 ? 47  GLU A O   1 
ATOM   385  C  CB  . GLU A 1 69  ? 8.459   -9.625  -12.370 1.00 72.19 ? 47  GLU A CB  1 
ATOM   386  N  N   . ASN A 1 70  ? 6.071   -6.936  -13.658 1.00 71.49 ? 48  ASN A N   1 
ATOM   387  C  CA  . ASN A 1 70  ? 4.720   -6.775  -14.209 1.00 70.67 ? 48  ASN A CA  1 
ATOM   388  C  C   . ASN A 1 70  ? 4.378   -5.366  -14.592 1.00 69.88 ? 48  ASN A C   1 
ATOM   389  O  O   . ASN A 1 70  ? 3.524   -4.768  -13.965 1.00 69.68 ? 48  ASN A O   1 
ATOM   390  C  CB  . ASN A 1 70  ? 3.699   -7.182  -13.171 1.00 71.04 ? 48  ASN A CB  1 
ATOM   391  C  CG  . ASN A 1 70  ? 3.608   -8.667  -13.018 1.00 72.75 ? 48  ASN A CG  1 
ATOM   392  O  OD1 . ASN A 1 70  ? 3.058   -9.357  -13.876 1.00 74.08 ? 48  ASN A OD1 1 
ATOM   393  N  ND2 . ASN A 1 70  ? 4.186   -9.184  -11.941 1.00 74.09 ? 48  ASN A ND2 1 
ATOM   394  N  N   . PRO A 1 71  ? 4.984   -4.861  -15.673 1.00 69.55 ? 49  PRO A N   1 
ATOM   395  C  CA  . PRO A 1 71  ? 4.999   -3.415  -16.083 1.00 68.97 ? 49  PRO A CA  1 
ATOM   396  C  C   . PRO A 1 71  ? 3.635   -2.747  -16.270 1.00 68.41 ? 49  PRO A C   1 
ATOM   397  O  O   . PRO A 1 71  ? 3.552   -1.505  -16.425 1.00 67.88 ? 49  PRO A O   1 
ATOM   398  C  CB  . PRO A 1 71  ? 5.754   -3.400  -17.430 1.00 68.86 ? 49  PRO A CB  1 
ATOM   399  C  CG  . PRO A 1 71  ? 6.097   -4.863  -17.749 1.00 69.96 ? 49  PRO A CG  1 
ATOM   400  C  CD  . PRO A 1 71  ? 5.557   -5.780  -16.682 1.00 69.00 ? 49  PRO A CD  1 
ATOM   401  N  N   . GLU A 1 72  ? 2.596   -3.585  -16.306 1.00 67.69 ? 50  GLU A N   1 
ATOM   402  C  CA  . GLU A 1 72  ? 1.239   -3.176  -16.604 1.00 67.28 ? 50  GLU A CA  1 
ATOM   403  C  C   . GLU A 1 72  ? 0.358   -3.133  -15.370 1.00 65.87 ? 50  GLU A C   1 
ATOM   404  O  O   . GLU A 1 72  ? -0.769  -2.634  -15.433 1.00 65.76 ? 50  GLU A O   1 
ATOM   405  C  CB  . GLU A 1 72  ? 0.619   -4.130  -17.601 1.00 68.12 ? 50  GLU A CB  1 
ATOM   406  C  CG  . GLU A 1 72  ? 0.860   -3.664  -19.031 1.00 73.98 ? 50  GLU A CG  1 
ATOM   407  C  CD  . GLU A 1 72  ? 2.138   -4.257  -19.623 1.00 80.88 ? 50  GLU A CD  1 
ATOM   408  O  OE1 . GLU A 1 72  ? 2.285   -5.510  -19.497 1.00 84.30 ? 50  GLU A OE1 1 
ATOM   409  O  OE2 . GLU A 1 72  ? 2.971   -3.487  -20.195 1.00 80.83 ? 50  GLU A OE2 1 
ATOM   410  N  N   . ILE A 1 73  ? 0.849   -3.711  -14.274 1.00 63.49 ? 51  ILE A N   1 
ATOM   411  C  CA  . ILE A 1 73  ? 0.221   -3.572  -12.998 1.00 61.37 ? 51  ILE A CA  1 
ATOM   412  C  C   . ILE A 1 73  ? 0.735   -2.261  -12.439 1.00 59.98 ? 51  ILE A C   1 
ATOM   413  O  O   . ILE A 1 73  ? 1.873   -2.195  -12.032 1.00 59.64 ? 51  ILE A O   1 
ATOM   414  C  CB  . ILE A 1 73  ? 0.684   -4.698  -12.082 1.00 61.99 ? 51  ILE A CB  1 
ATOM   415  C  CG1 . ILE A 1 73  ? 0.400   -6.072  -12.727 1.00 61.48 ? 51  ILE A CG1 1 
ATOM   416  C  CG2 . ILE A 1 73  ? 0.088   -4.519  -10.660 1.00 60.80 ? 51  ILE A CG2 1 
ATOM   417  C  CD1 . ILE A 1 73  ? -1.096  -6.538  -12.738 1.00 60.66 ? 51  ILE A CD1 1 
ATOM   418  N  N   . LEU A 1 74  ? -0.101  -1.233  -12.423 1.00 58.18 ? 52  LEU A N   1 
ATOM   419  C  CA  . LEU A 1 74  ? 0.249   0.093   -11.915 1.00 56.72 ? 52  LEU A CA  1 
ATOM   420  C  C   . LEU A 1 74  ? -0.631  0.596   -10.700 1.00 56.33 ? 52  LEU A C   1 
ATOM   421  O  O   . LEU A 1 74  ? -1.814  0.997   -10.871 1.00 56.52 ? 52  LEU A O   1 
ATOM   422  C  CB  . LEU A 1 74  ? 0.167   1.100   -13.042 1.00 56.30 ? 52  LEU A CB  1 
ATOM   423  C  CG  . LEU A 1 74  ? 1.344   1.483   -13.965 1.00 57.91 ? 52  LEU A CG  1 
ATOM   424  C  CD1 . LEU A 1 74  ? 2.691   1.189   -13.398 1.00 53.63 ? 52  LEU A CD1 1 
ATOM   425  C  CD2 . LEU A 1 74  ? 1.201   0.899   -15.367 1.00 57.51 ? 52  LEU A CD2 1 
ATOM   426  N  N   . THR A 1 75  ? -0.060  0.617   -9.490  1.00 54.03 ? 53  THR A N   1 
ATOM   427  C  CA  . THR A 1 75  ? -0.873  0.833   -8.307  1.00 52.09 ? 53  THR A CA  1 
ATOM   428  C  C   . THR A 1 75  ? -0.809  2.282   -7.844  1.00 52.01 ? 53  THR A C   1 
ATOM   429  O  O   . THR A 1 75  ? 0.187   2.945   -8.054  1.00 53.08 ? 53  THR A O   1 
ATOM   430  C  CB  . THR A 1 75  ? -0.479  -0.180  -7.261  1.00 52.14 ? 53  THR A CB  1 
ATOM   431  O  OG1 . THR A 1 75  ? -0.707  -1.507  -7.800  1.00 50.70 ? 53  THR A OG1 1 
ATOM   432  C  CG2 . THR A 1 75  ? -1.273  -0.007  -5.962  1.00 50.16 ? 53  THR A CG2 1 
HETATM 433  N  N   . MSE A 1 76  ? -1.902  2.816   -7.314  1.00 50.97 ? 54  MSE A N   1 
HETATM 434  C  CA  . MSE A 1 76  ? -1.893  4.121   -6.671  1.00 50.11 ? 54  MSE A CA  1 
HETATM 435  C  C   . MSE A 1 76  ? -1.720  3.968   -5.151  1.00 49.80 ? 54  MSE A C   1 
HETATM 436  O  O   . MSE A 1 76  ? -2.426  3.184   -4.509  1.00 49.24 ? 54  MSE A O   1 
HETATM 437  C  CB  . MSE A 1 76  ? -3.193  4.844   -6.926  1.00 50.37 ? 54  MSE A CB  1 
HETATM 438  C  CG  . MSE A 1 76  ? -3.069  6.094   -7.729  1.00 52.26 ? 54  MSE A CG  1 
HETATM 439  SE SE  . MSE A 1 76  ? -3.281  5.494   -9.603  0.50 60.10 ? 54  MSE A SE  1 
HETATM 440  C  CE  . MSE A 1 76  ? -2.587  3.680   -9.606  1.00 54.90 ? 54  MSE A CE  1 
ATOM   441  N  N   . LEU A 1 77  ? -0.774  4.692   -4.569  1.00 49.42 ? 55  LEU A N   1 
ATOM   442  C  CA  . LEU A 1 77  ? -0.508  4.507   -3.145  1.00 49.46 ? 55  LEU A CA  1 
ATOM   443  C  C   . LEU A 1 77  ? -0.630  5.848   -2.518  1.00 50.12 ? 55  LEU A C   1 
ATOM   444  O  O   . LEU A 1 77  ? 0.032   6.776   -2.953  1.00 50.43 ? 55  LEU A O   1 
ATOM   445  C  CB  . LEU A 1 77  ? 0.855   3.860   -2.869  1.00 48.12 ? 55  LEU A CB  1 
ATOM   446  C  CG  . LEU A 1 77  ? 1.050   2.427   -3.392  1.00 46.49 ? 55  LEU A CG  1 
ATOM   447  C  CD1 . LEU A 1 77  ? 2.368   1.945   -2.845  1.00 43.78 ? 55  LEU A CD1 1 
ATOM   448  C  CD2 . LEU A 1 77  ? -0.067  1.444   -2.999  1.00 43.55 ? 55  LEU A CD2 1 
ATOM   449  N  N   . GLU A 1 78  ? -1.504  5.958   -1.526  1.00 50.46 ? 56  GLU A N   1 
ATOM   450  C  CA  . GLU A 1 78  ? -1.859  7.254   -1.005  1.00 51.80 ? 56  GLU A CA  1 
ATOM   451  C  C   . GLU A 1 78  ? -1.932  7.213   0.499   1.00 52.75 ? 56  GLU A C   1 
ATOM   452  O  O   . GLU A 1 78  ? -2.095  6.128   1.090   1.00 52.85 ? 56  GLU A O   1 
ATOM   453  C  CB  . GLU A 1 78  ? -3.222  7.685   -1.536  1.00 51.63 ? 56  GLU A CB  1 
ATOM   454  C  CG  . GLU A 1 78  ? -3.538  7.127   -2.903  1.00 52.95 ? 56  GLU A CG  1 
ATOM   455  C  CD  . GLU A 1 78  ? -4.953  7.434   -3.346  1.00 55.08 ? 56  GLU A CD  1 
ATOM   456  O  OE1 . GLU A 1 78  ? -5.721  8.003   -2.559  1.00 57.41 ? 56  GLU A OE1 1 
ATOM   457  O  OE2 . GLU A 1 78  ? -5.315  7.120   -4.492  1.00 55.57 ? 56  GLU A OE2 1 
ATOM   458  N  N   . GLU A 1 79  ? -1.810  8.397   1.105   1.00 53.08 ? 57  GLU A N   1 
ATOM   459  C  CA  . GLU A 1 79  ? -2.086  8.539   2.498   1.00 53.87 ? 57  GLU A CA  1 
ATOM   460  C  C   . GLU A 1 79  ? -2.711  9.872   2.753   1.00 53.81 ? 57  GLU A C   1 
ATOM   461  O  O   . GLU A 1 79  ? -2.238  10.887  2.290   1.00 54.16 ? 57  GLU A O   1 
ATOM   462  C  CB  . GLU A 1 79  ? -0.803  8.361   3.307   1.00 54.45 ? 57  GLU A CB  1 
ATOM   463  C  CG  . GLU A 1 79  ? -1.076  8.102   4.800   1.00 56.35 ? 57  GLU A CG  1 
ATOM   464  C  CD  . GLU A 1 79  ? 0.194   8.156   5.641   1.00 59.23 ? 57  GLU A CD  1 
ATOM   465  O  OE1 . GLU A 1 79  ? 1.295   7.919   5.054   1.00 60.87 ? 57  GLU A OE1 1 
ATOM   466  O  OE2 . GLU A 1 79  ? 0.094   8.436   6.871   1.00 55.05 ? 57  GLU A OE2 1 
ATOM   467  N  N   . TRP A 1 80  ? -3.764  9.825   3.524   1.00 53.97 ? 58  TRP A N   1 
ATOM   468  C  CA  . TRP A 1 80  ? -4.674  10.900  3.740   1.00 55.19 ? 58  TRP A CA  1 
ATOM   469  C  C   . TRP A 1 80  ? -4.740  11.112  5.228   1.00 56.29 ? 58  TRP A C   1 
ATOM   470  O  O   . TRP A 1 80  ? -4.699  10.124  5.970   1.00 57.52 ? 58  TRP A O   1 
ATOM   471  C  CB  . TRP A 1 80  ? -6.054  10.481  3.225   1.00 54.90 ? 58  TRP A CB  1 
ATOM   472  C  CG  . TRP A 1 80  ? -6.058  10.464  1.739   1.00 56.22 ? 58  TRP A CG  1 
ATOM   473  C  CD1 . TRP A 1 80  ? -5.944  9.381   0.932   1.00 57.22 ? 58  TRP A CD1 1 
ATOM   474  C  CD2 . TRP A 1 80  ? -6.088  11.609  0.867   1.00 57.07 ? 58  TRP A CD2 1 
ATOM   475  N  NE1 . TRP A 1 80  ? -5.932  9.773   -0.386  1.00 56.15 ? 58  TRP A NE1 1 
ATOM   476  C  CE2 . TRP A 1 80  ? -6.027  11.138  -0.444  1.00 56.25 ? 58  TRP A CE2 1 
ATOM   477  C  CE3 . TRP A 1 80  ? -6.199  12.991  1.080   1.00 58.01 ? 58  TRP A CE3 1 
ATOM   478  C  CZ2 . TRP A 1 80  ? -6.051  11.992  -1.535  1.00 56.45 ? 58  TRP A CZ2 1 
ATOM   479  C  CZ3 . TRP A 1 80  ? -6.232  13.830  -0.006  1.00 56.03 ? 58  TRP A CZ3 1 
ATOM   480  C  CH2 . TRP A 1 80  ? -6.148  13.341  -1.281  1.00 55.95 ? 58  TRP A CH2 1 
ATOM   481  N  N   . LYS A 1 81  ? -4.833  12.376  5.671   1.00 56.85 ? 59  LYS A N   1 
ATOM   482  C  CA  . LYS A 1 81  ? -4.893  12.753  7.100   1.00 57.06 ? 59  LYS A CA  1 
ATOM   483  C  C   . LYS A 1 81  ? -6.036  11.957  7.789   1.00 57.57 ? 59  LYS A C   1 
ATOM   484  O  O   . LYS A 1 81  ? -5.884  11.472  8.918   1.00 57.24 ? 59  LYS A O   1 
ATOM   485  C  CB  . LYS A 1 81  ? -4.986  14.315  7.247   1.00 58.06 ? 59  LYS A CB  1 
ATOM   486  C  CG  . LYS A 1 81  ? -5.685  14.987  8.523   1.00 58.34 ? 59  LYS A CG  1 
ATOM   487  N  N   . ASP A 1 82  ? -7.130  11.725  7.065   1.00 56.95 ? 60  ASP A N   1 
ATOM   488  C  CA  . ASP A 1 82  ? -8.278  11.132  7.687   1.00 57.17 ? 60  ASP A CA  1 
ATOM   489  C  C   . ASP A 1 82  ? -9.276  10.795  6.646   1.00 55.86 ? 60  ASP A C   1 
ATOM   490  O  O   . ASP A 1 82  ? -9.101  11.132  5.489   1.00 54.86 ? 60  ASP A O   1 
ATOM   491  C  CB  . ASP A 1 82  ? -8.896  12.132  8.687   1.00 58.72 ? 60  ASP A CB  1 
ATOM   492  C  CG  . ASP A 1 82  ? -9.165  13.549  8.069   1.00 64.09 ? 60  ASP A CG  1 
ATOM   493  O  OD1 . ASP A 1 82  ? -9.491  13.730  6.857   1.00 67.71 ? 60  ASP A OD1 1 
ATOM   494  O  OD2 . ASP A 1 82  ? -9.063  14.522  8.841   1.00 72.62 ? 60  ASP A OD2 1 
ATOM   495  N  N   . GLU A 1 83  ? -10.362 10.194  7.074   1.00 56.37 ? 61  GLU A N   1 
ATOM   496  C  CA  . GLU A 1 83  ? -11.371 9.683   6.142   1.00 58.44 ? 61  GLU A CA  1 
ATOM   497  C  C   . GLU A 1 83  ? -12.081 10.772  5.368   1.00 58.20 ? 61  GLU A C   1 
ATOM   498  O  O   . GLU A 1 83  ? -12.313 10.599  4.173   1.00 58.49 ? 61  GLU A O   1 
ATOM   499  C  CB  . GLU A 1 83  ? -12.384 8.785   6.849   1.00 58.49 ? 61  GLU A CB  1 
ATOM   500  C  CG  . GLU A 1 83  ? -13.319 8.055   5.932   1.00 64.80 ? 61  GLU A CG  1 
ATOM   501  C  CD  . GLU A 1 83  ? -14.007 6.776   6.587   1.00 73.50 ? 61  GLU A CD  1 
ATOM   502  O  OE1 . GLU A 1 83  ? -14.821 6.106   5.864   1.00 76.82 ? 61  GLU A OE1 1 
ATOM   503  O  OE2 . GLU A 1 83  ? -13.745 6.432   7.790   1.00 71.36 ? 61  GLU A OE2 1 
ATOM   504  N  N   . GLY A 1 84  ? -12.409 11.890  6.034   1.00 58.54 ? 62  GLY A N   1 
ATOM   505  C  CA  . GLY A 1 84  ? -13.133 13.009  5.392   1.00 57.47 ? 62  GLY A CA  1 
ATOM   506  C  C   . GLY A 1 84  ? -12.290 13.698  4.333   1.00 57.84 ? 62  GLY A C   1 
ATOM   507  O  O   . GLY A 1 84  ? -12.826 14.204  3.359   1.00 58.37 ? 62  GLY A O   1 
ATOM   508  N  N   . SER A 1 85  ? -10.971 13.730  4.512   1.00 57.44 ? 63  SER A N   1 
ATOM   509  C  CA  . SER A 1 85  ? -10.105 14.157  3.438   1.00 58.29 ? 63  SER A CA  1 
ATOM   510  C  C   . SER A 1 85  ? -10.224 13.304  2.167   1.00 59.38 ? 63  SER A C   1 
ATOM   511  O  O   . SER A 1 85  ? -10.266 13.855  1.046   1.00 59.53 ? 63  SER A O   1 
ATOM   512  C  CB  . SER A 1 85  ? -8.660  14.129  3.878   1.00 58.47 ? 63  SER A CB  1 
ATOM   513  O  OG  . SER A 1 85  ? -8.471  14.962  4.977   1.00 57.80 ? 63  SER A OG  1 
ATOM   514  N  N   . LEU A 1 86  ? -10.233 11.969  2.331   1.00 60.07 ? 64  LEU A N   1 
ATOM   515  C  CA  . LEU A 1 86  ? -10.346 11.077  1.169   1.00 60.65 ? 64  LEU A CA  1 
ATOM   516  C  C   . LEU A 1 86  ? -11.685 11.362  0.525   1.00 62.06 ? 64  LEU A C   1 
ATOM   517  O  O   . LEU A 1 86  ? -11.823 11.365  -0.708  1.00 62.69 ? 64  LEU A O   1 
ATOM   518  C  CB  . LEU A 1 86  ? -10.234 9.591   1.542   1.00 59.96 ? 64  LEU A CB  1 
ATOM   519  C  CG  . LEU A 1 86  ? -10.239 8.632   0.332   1.00 58.25 ? 64  LEU A CG  1 
ATOM   520  C  CD1 . LEU A 1 86  ? -9.141  8.958   -0.654  1.00 52.29 ? 64  LEU A CD1 1 
ATOM   521  C  CD2 . LEU A 1 86  ? -10.129 7.178   0.759   1.00 56.35 ? 64  LEU A CD2 1 
ATOM   522  N  N   . ASP A 1 87  ? -12.660 11.651  1.377   1.00 63.37 ? 65  ASP A N   1 
ATOM   523  C  CA  . ASP A 1 87  ? -13.991 11.915  0.928   1.00 64.96 ? 65  ASP A CA  1 
ATOM   524  C  C   . ASP A 1 87  ? -13.995 13.180  0.055   1.00 65.54 ? 65  ASP A C   1 
ATOM   525  O  O   . ASP A 1 87  ? -14.595 13.178  -1.016  1.00 65.70 ? 65  ASP A O   1 
ATOM   526  C  CB  . ASP A 1 87  ? -14.970 11.950  2.118   1.00 65.34 ? 65  ASP A CB  1 
ATOM   527  C  CG  . ASP A 1 87  ? -16.381 11.432  1.744   1.00 67.33 ? 65  ASP A CG  1 
ATOM   528  N  N   . GLN A 1 88  ? -13.265 14.221  0.452   1.00 66.38 ? 66  GLN A N   1 
ATOM   529  C  CA  . GLN A 1 88  ? -13.130 15.397  -0.419  1.00 67.35 ? 66  GLN A CA  1 
ATOM   530  C  C   . GLN A 1 88  ? -12.347 15.116  -1.675  1.00 66.19 ? 66  GLN A C   1 
ATOM   531  O  O   . GLN A 1 88  ? -12.683 15.656  -2.729  1.00 66.80 ? 66  GLN A O   1 
ATOM   532  C  CB  . GLN A 1 88  ? -12.463 16.553  0.284   1.00 68.27 ? 66  GLN A CB  1 
ATOM   533  C  CG  . GLN A 1 88  ? -13.355 17.270  1.279   1.00 72.97 ? 66  GLN A CG  1 
ATOM   534  C  CD  . GLN A 1 88  ? -12.483 18.121  2.185   1.00 79.33 ? 66  GLN A CD  1 
ATOM   535  O  OE1 . GLN A 1 88  ? -11.558 18.824  1.712   1.00 79.66 ? 66  GLN A OE1 1 
ATOM   536  N  NE2 . GLN A 1 88  ? -12.716 18.014  3.496   1.00 81.24 ? 66  GLN A NE2 1 
ATOM   537  N  N   . HIS A 1 89  ? -11.313 14.283  -1.574  1.00 64.84 ? 67  HIS A N   1 
ATOM   538  C  CA  . HIS A 1 89  ? -10.579 13.856  -2.768  1.00 63.74 ? 67  HIS A CA  1 
ATOM   539  C  C   . HIS A 1 89  ? -11.480 13.319  -3.883  1.00 63.58 ? 67  HIS A C   1 
ATOM   540  O  O   . HIS A 1 89  ? -11.410 13.809  -5.005  1.00 63.57 ? 67  HIS A O   1 
ATOM   541  C  CB  . HIS A 1 89  ? -9.553  12.806  -2.430  1.00 63.16 ? 67  HIS A CB  1 
ATOM   542  C  CG  . HIS A 1 89  ? -8.823  12.276  -3.620  1.00 62.62 ? 67  HIS A CG  1 
ATOM   543  N  ND1 . HIS A 1 89  ? -8.125  13.088  -4.490  1.00 62.33 ? 67  HIS A ND1 1 
ATOM   544  C  CD2 . HIS A 1 89  ? -8.666  11.009  -4.081  1.00 62.83 ? 67  HIS A CD2 1 
ATOM   545  C  CE1 . HIS A 1 89  ? -7.561  12.345  -5.431  1.00 61.57 ? 67  HIS A CE1 1 
ATOM   546  N  NE2 . HIS A 1 89  ? -7.882  11.080  -5.213  1.00 61.81 ? 67  HIS A NE2 1 
ATOM   547  N  N   . ILE A 1 90  ? -12.301 12.310  -3.582  1.00 63.02 ? 68  ILE A N   1 
ATOM   548  C  CA  . ILE A 1 90  ? -13.138 11.677  -4.606  1.00 63.06 ? 68  ILE A CA  1 
ATOM   549  C  C   . ILE A 1 90  ? -14.314 12.563  -5.070  1.00 63.83 ? 68  ILE A C   1 
ATOM   550  O  O   . ILE A 1 90  ? -14.883 12.338  -6.136  1.00 64.01 ? 68  ILE A O   1 
ATOM   551  C  CB  . ILE A 1 90  ? -13.591 10.241  -4.197  1.00 62.79 ? 68  ILE A CB  1 
ATOM   552  C  CG1 . ILE A 1 90  ? -14.702 10.266  -3.146  1.00 62.75 ? 68  ILE A CG1 1 
ATOM   553  C  CG2 . ILE A 1 90  ? -12.435 9.458   -3.648  1.00 60.80 ? 68  ILE A CG2 1 
ATOM   554  N  N   . ARG A 1 91  ? -14.655 13.575  -4.271  1.00 64.59 ? 69  ARG A N   1 
ATOM   555  C  CA  . ARG A 1 91  ? -15.666 14.577  -4.632  1.00 65.48 ? 69  ARG A CA  1 
ATOM   556  C  C   . ARG A 1 91  ? -14.991 15.790  -5.319  1.00 67.07 ? 69  ARG A C   1 
ATOM   557  O  O   . ARG A 1 91  ? -15.652 16.760  -5.694  1.00 68.23 ? 69  ARG A O   1 
ATOM   558  C  CB  . ARG A 1 91  ? -16.497 15.000  -3.407  1.00 63.75 ? 69  ARG A CB  1 
ATOM   559  N  N   . SER A 1 92  ? -13.676 15.754  -5.515  1.00 68.30 ? 70  SER A N   1 
ATOM   560  C  CA  . SER A 1 92  ? -13.006 16.906  -6.130  1.00 69.51 ? 70  SER A CA  1 
ATOM   561  C  C   . SER A 1 92  ? -13.167 16.981  -7.684  1.00 70.78 ? 70  SER A C   1 
ATOM   562  O  O   . SER A 1 92  ? -13.402 15.957  -8.364  1.00 71.45 ? 70  SER A O   1 
ATOM   563  C  CB  . SER A 1 92  ? -11.537 16.949  -5.719  1.00 68.86 ? 70  SER A CB  1 
ATOM   564  O  OG  . SER A 1 92  ? -10.758 16.161  -6.598  1.00 69.39 ? 70  SER A OG  1 
ATOM   565  N  N   . ASP A 1 93  ? -13.027 18.189  -8.223  1.00 70.94 ? 71  ASP A N   1 
ATOM   566  C  CA  . ASP A 1 93  ? -13.107 18.427  -9.650  1.00 71.46 ? 71  ASP A CA  1 
ATOM   567  C  C   . ASP A 1 93  ? -12.121 17.610  -10.478 1.00 70.71 ? 71  ASP A C   1 
ATOM   568  O  O   . ASP A 1 93  ? -12.501 17.004  -11.475 1.00 71.23 ? 71  ASP A O   1 
ATOM   569  C  CB  . ASP A 1 93  ? -12.895 19.921  -9.911  1.00 72.51 ? 71  ASP A CB  1 
ATOM   570  C  CG  . ASP A 1 93  ? -14.111 20.776  -9.465  1.00 77.05 ? 71  ASP A CG  1 
ATOM   571  O  OD1 . ASP A 1 93  ? -15.162 20.183  -9.087  1.00 78.60 ? 71  ASP A OD1 1 
ATOM   572  O  OD2 . ASP A 1 93  ? -14.016 22.037  -9.495  1.00 80.99 ? 71  ASP A OD2 1 
ATOM   573  N  N   . HIS A 1 94  ? -10.850 17.600  -10.090 1.00 69.37 ? 72  HIS A N   1 
ATOM   574  C  CA  . HIS A 1 94  ? -9.847  16.866  -10.880 1.00 68.19 ? 72  HIS A CA  1 
ATOM   575  C  C   . HIS A 1 94  ? -10.129 15.351  -10.833 1.00 66.88 ? 72  HIS A C   1 
ATOM   576  O  O   . HIS A 1 94  ? -10.073 14.634  -11.851 1.00 66.80 ? 72  HIS A O   1 
ATOM   577  C  CB  . HIS A 1 94  ? -8.366  17.228  -10.505 1.00 68.30 ? 72  HIS A CB  1 
ATOM   578  C  CG  . HIS A 1 94  ? -8.053  17.133  -9.037  1.00 68.89 ? 72  HIS A CG  1 
ATOM   579  N  ND1 . HIS A 1 94  ? -8.422  18.104  -8.128  1.00 70.31 ? 72  HIS A ND1 1 
ATOM   580  C  CD2 . HIS A 1 94  ? -7.401  16.183  -8.321  1.00 68.63 ? 72  HIS A CD2 1 
ATOM   581  C  CE1 . HIS A 1 94  ? -8.034  17.748  -6.914  1.00 68.12 ? 72  HIS A CE1 1 
ATOM   582  N  NE2 . HIS A 1 94  ? -7.412  16.586  -7.005  1.00 68.88 ? 72  HIS A NE2 1 
ATOM   583  N  N   . PHE A 1 95  ? -10.456 14.861  -9.646  1.00 64.87 ? 73  PHE A N   1 
ATOM   584  C  CA  . PHE A 1 95  ? -10.734 13.474  -9.546  1.00 62.34 ? 73  PHE A CA  1 
ATOM   585  C  C   . PHE A 1 95  ? -11.861 13.206  -10.519 1.00 61.97 ? 73  PHE A C   1 
ATOM   586  O  O   . PHE A 1 95  ? -11.731 12.327  -11.400 1.00 61.03 ? 73  PHE A O   1 
ATOM   587  C  CB  . PHE A 1 95  ? -11.145 13.063  -8.147  1.00 61.44 ? 73  PHE A CB  1 
ATOM   588  C  CG  . PHE A 1 95  ? -11.450 11.623  -8.071  1.00 59.93 ? 73  PHE A CG  1 
ATOM   589  C  CD1 . PHE A 1 95  ? -10.403 10.676  -8.098  1.00 59.29 ? 73  PHE A CD1 1 
ATOM   590  C  CD2 . PHE A 1 95  ? -12.763 11.177  -8.088  1.00 56.52 ? 73  PHE A CD2 1 
ATOM   591  C  CE1 . PHE A 1 95  ? -10.669 9.294   -8.079  1.00 56.89 ? 73  PHE A CE1 1 
ATOM   592  C  CE2 . PHE A 1 95  ? -13.042 9.809   -8.078  1.00 56.93 ? 73  PHE A CE2 1 
ATOM   593  C  CZ  . PHE A 1 95  ? -11.992 8.859   -8.055  1.00 56.70 ? 73  PHE A CZ  1 
ATOM   594  N  N   . LYS A 1 96  ? -12.942 13.994  -10.349 1.00 61.41 ? 74  LYS A N   1 
ATOM   595  C  CA  . LYS A 1 96  ? -14.177 13.851  -11.100 1.00 61.02 ? 74  LYS A CA  1 
ATOM   596  C  C   . LYS A 1 96  ? -13.887 13.799  -12.626 1.00 61.66 ? 74  LYS A C   1 
ATOM   597  O  O   . LYS A 1 96  ? -14.411 12.900  -13.342 1.00 61.67 ? 74  LYS A O   1 
ATOM   598  C  CB  . LYS A 1 96  ? -15.206 14.953  -10.719 1.00 62.36 ? 74  LYS A CB  1 
ATOM   599  C  CG  . LYS A 1 96  ? -16.159 14.724  -9.461  1.00 59.78 ? 74  LYS A CG  1 
ATOM   600  N  N   . GLU A 1 97  ? -13.034 14.717  -13.117 1.00 61.24 ? 75  GLU A N   1 
ATOM   601  C  CA  . GLU A 1 97  ? -12.679 14.774  -14.543 1.00 60.93 ? 75  GLU A CA  1 
ATOM   602  C  C   . GLU A 1 97  ? -11.714 13.640  -15.000 1.00 61.09 ? 75  GLU A C   1 
ATOM   603  O  O   . GLU A 1 97  ? -11.774 13.152  -16.146 1.00 62.28 ? 75  GLU A O   1 
ATOM   604  C  CB  . GLU A 1 97  ? -12.136 16.167  -14.915 1.00 60.76 ? 75  GLU A CB  1 
ATOM   605  N  N   . ILE A 1 98  ? -10.800 13.211  -14.145 1.00 60.55 ? 76  ILE A N   1 
ATOM   606  C  CA  . ILE A 1 98  ? -9.710  12.382  -14.668 1.00 59.86 ? 76  ILE A CA  1 
ATOM   607  C  C   . ILE A 1 98  ? -9.978  10.916  -14.406 1.00 59.37 ? 76  ILE A C   1 
ATOM   608  O  O   . ILE A 1 98  ? -9.521  10.035  -15.142 1.00 59.07 ? 76  ILE A O   1 
ATOM   609  C  CB  . ILE A 1 98  ? -8.307  12.857  -14.141 1.00 60.33 ? 76  ILE A CB  1 
ATOM   610  C  CG1 . ILE A 1 98  ? -7.983  14.248  -14.735 1.00 61.23 ? 76  ILE A CG1 1 
ATOM   611  C  CG2 . ILE A 1 98  ? -7.205  11.820  -14.457 1.00 58.32 ? 76  ILE A CG2 1 
ATOM   612  C  CD1 . ILE A 1 98  ? -6.987  15.087  -13.924 1.00 65.51 ? 76  ILE A CD1 1 
ATOM   613  N  N   . PHE A 1 99  ? -10.752 10.658  -13.367 1.00 58.37 ? 77  PHE A N   1 
ATOM   614  C  CA  . PHE A 1 99  ? -11.060 9.306   -13.070 1.00 58.14 ? 77  PHE A CA  1 
ATOM   615  C  C   . PHE A 1 99  ? -11.729 8.613   -14.254 1.00 57.02 ? 77  PHE A C   1 
ATOM   616  O  O   . PHE A 1 99  ? -11.362 7.507   -14.644 1.00 57.44 ? 77  PHE A O   1 
ATOM   617  C  CB  . PHE A 1 99  ? -11.889 9.209   -11.811 1.00 59.07 ? 77  PHE A CB  1 
ATOM   618  C  CG  . PHE A 1 99  ? -12.299 7.823   -11.505 1.00 62.02 ? 77  PHE A CG  1 
ATOM   619  C  CD1 . PHE A 1 99  ? -11.335 6.838   -11.288 1.00 63.17 ? 77  PHE A CD1 1 
ATOM   620  C  CD2 . PHE A 1 99  ? -13.656 7.485   -11.473 1.00 65.16 ? 77  PHE A CD2 1 
ATOM   621  C  CE1 . PHE A 1 99  ? -11.728 5.495   -11.049 1.00 66.81 ? 77  PHE A CE1 1 
ATOM   622  C  CE2 . PHE A 1 99  ? -14.060 6.168   -11.229 1.00 67.13 ? 77  PHE A CE2 1 
ATOM   623  C  CZ  . PHE A 1 99  ? -13.087 5.164   -11.026 1.00 66.44 ? 77  PHE A CZ  1 
ATOM   624  N  N   . PRO A 1 100 ? -12.664 9.284   -14.890 1.00 56.18 ? 78  PRO A N   1 
ATOM   625  C  CA  . PRO A 1 100 ? -13.265 8.527   -15.959 1.00 56.18 ? 78  PRO A CA  1 
ATOM   626  C  C   . PRO A 1 100 ? -12.288 8.221   -17.117 1.00 56.52 ? 78  PRO A C   1 
ATOM   627  O  O   . PRO A 1 100 ? -12.350 7.160   -17.734 1.00 56.06 ? 78  PRO A O   1 
ATOM   628  C  CB  . PRO A 1 100 ? -14.408 9.436   -16.369 1.00 55.83 ? 78  PRO A CB  1 
ATOM   629  C  CG  . PRO A 1 100 ? -14.741 10.219  -15.088 1.00 54.49 ? 78  PRO A CG  1 
ATOM   630  C  CD  . PRO A 1 100 ? -13.380 10.547  -14.647 1.00 55.86 ? 78  PRO A CD  1 
ATOM   631  N  N   . LEU A 1 101 ? -11.370 9.137   -17.384 1.00 57.39 ? 79  LEU A N   1 
ATOM   632  C  CA  . LEU A 1 101 ? -10.426 8.992   -18.484 1.00 57.68 ? 79  LEU A CA  1 
ATOM   633  C  C   . LEU A 1 101 ? -9.462  7.855   -18.206 1.00 59.12 ? 79  LEU A C   1 
ATOM   634  O  O   . LEU A 1 101 ? -9.178  6.966   -19.061 1.00 59.30 ? 79  LEU A O   1 
ATOM   635  C  CB  . LEU A 1 101 ? -9.654  10.297  -18.641 1.00 57.17 ? 79  LEU A CB  1 
ATOM   636  C  CG  . LEU A 1 101 ? -10.521 11.550  -18.895 1.00 57.98 ? 79  LEU A CG  1 
ATOM   637  C  CD1 . LEU A 1 101 ? -9.669  12.843  -18.993 1.00 54.50 ? 79  LEU A CD1 1 
ATOM   638  C  CD2 . LEU A 1 101 ? -11.338 11.350  -20.170 1.00 53.61 ? 79  LEU A CD2 1 
ATOM   639  N  N   . LEU A 1 102 ? -8.943  7.903   -16.980 1.00 60.25 ? 80  LEU A N   1 
ATOM   640  C  CA  . LEU A 1 102 ? -8.061  6.895   -16.442 1.00 60.01 ? 80  LEU A CA  1 
ATOM   641  C  C   . LEU A 1 102 ? -8.695  5.543   -16.636 1.00 60.56 ? 80  LEU A C   1 
ATOM   642  O  O   . LEU A 1 102 ? -8.047  4.634   -17.108 1.00 60.21 ? 80  LEU A O   1 
ATOM   643  C  CB  . LEU A 1 102 ? -7.924  7.170   -14.979 1.00 59.83 ? 80  LEU A CB  1 
ATOM   644  C  CG  . LEU A 1 102 ? -6.536  7.148   -14.384 1.00 60.83 ? 80  LEU A CG  1 
ATOM   645  C  CD1 . LEU A 1 102 ? -5.464  7.649   -15.341 1.00 61.33 ? 80  LEU A CD1 1 
ATOM   646  C  CD2 . LEU A 1 102 ? -6.591  8.019   -13.137 1.00 58.72 ? 80  LEU A CD2 1 
ATOM   647  N  N   . SER A 1 103 ? -9.984  5.422   -16.310 1.00 61.30 ? 81  SER A N   1 
ATOM   648  C  CA  . SER A 1 103 ? -10.689 4.151   -16.500 1.00 63.02 ? 81  SER A CA  1 
ATOM   649  C  C   . SER A 1 103 ? -10.801 3.573   -17.919 1.00 63.65 ? 81  SER A C   1 
ATOM   650  O  O   . SER A 1 103 ? -10.830 2.365   -18.086 1.00 62.91 ? 81  SER A O   1 
ATOM   651  C  CB  . SER A 1 103 ? -12.041 4.216   -15.856 1.00 62.60 ? 81  SER A CB  1 
ATOM   652  O  OG  . SER A 1 103 ? -11.811 4.147   -14.464 1.00 66.55 ? 81  SER A OG  1 
ATOM   653  N  N   . GLU A 1 104 ? -10.864 4.428   -18.937 1.00 65.11 ? 82  GLU A N   1 
ATOM   654  C  CA  . GLU A 1 104 ? -10.787 3.927   -20.315 1.00 66.67 ? 82  GLU A CA  1 
ATOM   655  C  C   . GLU A 1 104 ? -9.470  3.141   -20.600 1.00 67.21 ? 82  GLU A C   1 
ATOM   656  O  O   . GLU A 1 104 ? -9.409  2.371   -21.560 1.00 68.11 ? 82  GLU A O   1 
ATOM   657  C  CB  . GLU A 1 104 ? -11.053 5.040   -21.352 1.00 66.61 ? 82  GLU A CB  1 
ATOM   658  N  N   . CYS A 1 105 ? -8.451  3.277   -19.752 1.00 67.02 ? 83  CYS A N   1 
ATOM   659  C  CA  . CYS A 1 105 ? -7.155  2.667   -20.046 1.00 66.90 ? 83  CYS A CA  1 
ATOM   660  C  C   . CYS A 1 105 ? -7.013  1.230   -19.537 1.00 66.64 ? 83  CYS A C   1 
ATOM   661  O  O   . CYS A 1 105 ? -6.025  0.557   -19.826 1.00 66.36 ? 83  CYS A O   1 
ATOM   662  C  CB  . CYS A 1 105 ? -6.003  3.550   -19.536 1.00 66.82 ? 83  CYS A CB  1 
ATOM   663  S  SG  . CYS A 1 105 ? -6.139  5.329   -20.007 1.00 68.55 ? 83  CYS A SG  1 
ATOM   664  N  N   . LEU A 1 106 ? -8.008  0.745   -18.823 1.00 66.97 ? 84  LEU A N   1 
ATOM   665  C  CA  . LEU A 1 106 ? -7.828  -0.450  -18.028 1.00 68.32 ? 84  LEU A CA  1 
ATOM   666  C  C   . LEU A 1 106 ? -8.351  -1.727  -18.669 1.00 69.89 ? 84  LEU A C   1 
ATOM   667  O  O   . LEU A 1 106 ? -9.379  -1.708  -19.366 1.00 70.91 ? 84  LEU A O   1 
ATOM   668  C  CB  . LEU A 1 106 ? -8.538  -0.261  -16.705 1.00 67.99 ? 84  LEU A CB  1 
ATOM   669  C  CG  . LEU A 1 106 ? -7.871  0.534   -15.590 1.00 68.50 ? 84  LEU A CG  1 
ATOM   670  C  CD1 . LEU A 1 106 ? -7.171  1.791   -16.025 1.00 65.68 ? 84  LEU A CD1 1 
ATOM   671  C  CD2 . LEU A 1 106 ? -8.957  0.824   -14.561 1.00 69.85 ? 84  LEU A CD2 1 
ATOM   672  N  N   . ASP A 1 107 ? -7.643  -2.832  -18.424 1.00 70.74 ? 85  ASP A N   1 
ATOM   673  C  CA  . ASP A 1 107 ? -8.116  -4.144  -18.780 1.00 71.99 ? 85  ASP A CA  1 
ATOM   674  C  C   . ASP A 1 107 ? -9.232  -4.480  -17.847 1.00 72.21 ? 85  ASP A C   1 
ATOM   675  O  O   . ASP A 1 107 ? -10.292 -4.754  -18.325 1.00 73.55 ? 85  ASP A O   1 
ATOM   676  C  CB  . ASP A 1 107 ? -7.021  -5.202  -18.702 1.00 72.61 ? 85  ASP A CB  1 
ATOM   677  C  CG  . ASP A 1 107 ? -6.220  -5.328  -20.015 1.00 77.28 ? 85  ASP A CG  1 
ATOM   678  O  OD1 . ASP A 1 107 ? -6.250  -4.399  -20.886 1.00 81.07 ? 85  ASP A OD1 1 
ATOM   679  O  OD2 . ASP A 1 107 ? -5.550  -6.382  -20.181 1.00 80.61 ? 85  ASP A OD2 1 
ATOM   680  N  N   . LYS A 1 108 ? -9.027  -4.440  -16.528 1.00 72.23 ? 86  LYS A N   1 
ATOM   681  C  CA  . LYS A 1 108 ? -10.148 -4.640  -15.565 1.00 72.03 ? 86  LYS A CA  1 
ATOM   682  C  C   . LYS A 1 108 ? -10.514 -3.407  -14.679 1.00 72.05 ? 86  LYS A C   1 
ATOM   683  O  O   . LYS A 1 108 ? -9.739  -2.417  -14.599 1.00 73.23 ? 86  LYS A O   1 
ATOM   684  C  CB  . LYS A 1 108 ? -9.963  -5.932  -14.716 1.00 71.84 ? 86  LYS A CB  1 
ATOM   685  C  CG  . LYS A 1 108 ? -8.707  -6.028  -13.837 1.00 72.01 ? 86  LYS A CG  1 
ATOM   686  C  CD  . LYS A 1 108 ? -8.189  -7.489  -13.647 1.00 71.58 ? 86  LYS A CD  1 
ATOM   687  N  N   . GLU A 1 109 ? -11.690 -3.455  -14.033 1.00 70.80 ? 87  GLU A N   1 
ATOM   688  C  CA  . GLU A 1 109 ? -12.051 -2.493  -12.953 1.00 69.19 ? 87  GLU A CA  1 
ATOM   689  C  C   . GLU A 1 109 ? -10.885 -2.393  -11.939 1.00 67.98 ? 87  GLU A C   1 
ATOM   690  O  O   . GLU A 1 109 ? -10.251 -3.415  -11.550 1.00 67.32 ? 87  GLU A O   1 
ATOM   691  C  CB  . GLU A 1 109 ? -13.377 -2.882  -12.221 1.00 69.00 ? 87  GLU A CB  1 
ATOM   692  N  N   . THR A 1 110 ? -10.588 -1.156  -11.552 1.00 66.12 ? 88  THR A N   1 
ATOM   693  C  CA  . THR A 1 110 ? -9.515  -0.889  -10.620 1.00 64.97 ? 88  THR A CA  1 
ATOM   694  C  C   . THR A 1 110 ? -9.859  -1.499  -9.243  1.00 63.72 ? 88  THR A C   1 
ATOM   695  O  O   . THR A 1 110 ? -10.967 -1.330  -8.782  1.00 64.17 ? 88  THR A O   1 
ATOM   696  C  CB  . THR A 1 110 ? -9.212  0.624   -10.590 1.00 64.72 ? 88  THR A CB  1 
ATOM   697  O  OG1 . THR A 1 110 ? -8.543  0.963   -9.370  1.00 65.99 ? 88  THR A OG1 1 
ATOM   698  C  CG2 . THR A 1 110 ? -10.480 1.458   -10.716 1.00 66.79 ? 88  THR A CG2 1 
ATOM   699  N  N   . GLU A 1 111 ? -8.953  -2.254  -8.622  1.00 61.97 ? 89  GLU A N   1 
ATOM   700  C  CA  . GLU A 1 111 ? -9.229  -2.894  -7.323  1.00 60.17 ? 89  GLU A CA  1 
ATOM   701  C  C   . GLU A 1 111 ? -8.608  -2.062  -6.153  1.00 58.34 ? 89  GLU A C   1 
ATOM   702  O  O   . GLU A 1 111 ? -7.395  -2.023  -5.966  1.00 59.81 ? 89  GLU A O   1 
ATOM   703  C  CB  . GLU A 1 111 ? -8.735  -4.348  -7.336  1.00 60.11 ? 89  GLU A CB  1 
ATOM   704  C  CG  . GLU A 1 111 ? -8.689  -5.022  -5.920  1.00 65.86 ? 89  GLU A CG  1 
ATOM   705  C  CD  . GLU A 1 111 ? -7.673  -6.219  -5.776  1.00 71.19 ? 89  GLU A CD  1 
ATOM   706  O  OE1 . GLU A 1 111 ? -7.125  -6.421  -4.647  1.00 70.49 ? 89  GLU A OE1 1 
ATOM   707  O  OE2 . GLU A 1 111 ? -7.443  -6.964  -6.779  1.00 73.51 ? 89  GLU A OE2 1 
ATOM   708  N  N   . ILE A 1 112 ? -9.464  -1.428  -5.371  1.00 55.72 ? 90  ILE A N   1 
ATOM   709  C  CA  . ILE A 1 112 ? -9.160  -0.442  -4.316  1.00 53.37 ? 90  ILE A CA  1 
ATOM   710  C  C   . ILE A 1 112 ? -9.386  -0.968  -2.896  1.00 52.38 ? 90  ILE A C   1 
ATOM   711  O  O   . ILE A 1 112 ? -10.368 -1.574  -2.672  1.00 51.05 ? 90  ILE A O   1 
ATOM   712  C  CB  . ILE A 1 112 ? -10.159 0.736   -4.441  1.00 53.48 ? 90  ILE A CB  1 
ATOM   713  C  CG1 . ILE A 1 112 ? -10.224 1.234   -5.901  1.00 52.24 ? 90  ILE A CG1 1 
ATOM   714  C  CG2 . ILE A 1 112 ? -9.850  1.813   -3.439  1.00 50.84 ? 90  ILE A CG2 1 
ATOM   715  C  CD1 . ILE A 1 112 ? -10.901 2.538   -6.045  1.00 53.12 ? 90  ILE A CD1 1 
ATOM   716  N  N   . ASN A 1 113 ? -8.476  -0.725  -1.951  1.00 51.95 ? 91  ASN A N   1 
ATOM   717  C  CA  . ASN A 1 113 ? -8.702  -1.076  -0.562  1.00 52.14 ? 91  ASN A CA  1 
ATOM   718  C  C   . ASN A 1 113 ? -8.330  0.100   0.269   1.00 52.44 ? 91  ASN A C   1 
ATOM   719  O  O   . ASN A 1 113 ? -7.314  0.771   -0.033  1.00 53.90 ? 91  ASN A O   1 
ATOM   720  C  CB  . ASN A 1 113 ? -7.839  -2.260  -0.134  1.00 52.44 ? 91  ASN A CB  1 
ATOM   721  C  CG  . ASN A 1 113 ? -8.135  -3.508  -0.932  1.00 54.13 ? 91  ASN A CG  1 
ATOM   722  O  OD1 . ASN A 1 113 ? -7.433  -3.802  -1.883  1.00 59.30 ? 91  ASN A OD1 1 
ATOM   723  N  ND2 . ASN A 1 113 ? -9.204  -4.211  -0.593  1.00 54.43 ? 91  ASN A ND2 1 
ATOM   724  N  N   . ILE A 1 114 ? -9.128  0.381   1.300   1.00 51.02 ? 92  ILE A N   1 
ATOM   725  C  CA  . ILE A 1 114 ? -8.869  1.532   2.165   1.00 48.79 ? 92  ILE A CA  1 
ATOM   726  C  C   . ILE A 1 114 ? -8.537  0.949   3.523   1.00 49.43 ? 92  ILE A C   1 
ATOM   727  O  O   . ILE A 1 114 ? -9.284  0.092   4.068   1.00 48.71 ? 92  ILE A O   1 
ATOM   728  C  CB  . ILE A 1 114 ? -10.096 2.474   2.241   1.00 49.00 ? 92  ILE A CB  1 
ATOM   729  C  CG1 . ILE A 1 114 ? -10.620 2.848   0.824   1.00 46.24 ? 92  ILE A CG1 1 
ATOM   730  C  CG2 . ILE A 1 114 ? -9.818  3.704   3.165   1.00 49.91 ? 92  ILE A CG2 1 
ATOM   731  N  N   . TYR A 1 115 ? -7.423  1.395   4.082   1.00 49.05 ? 93  TYR A N   1 
ATOM   732  C  CA  . TYR A 1 115 ? -6.869  0.841   5.298   1.00 48.40 ? 93  TYR A CA  1 
ATOM   733  C  C   . TYR A 1 115 ? -6.675  1.844   6.421   1.00 48.67 ? 93  TYR A C   1 
ATOM   734  O  O   . TYR A 1 115 ? -6.705  3.012   6.213   1.00 48.91 ? 93  TYR A O   1 
ATOM   735  C  CB  . TYR A 1 115 ? -5.511  0.236   5.011   1.00 48.00 ? 93  TYR A CB  1 
ATOM   736  C  CG  . TYR A 1 115 ? -5.466  -0.860  3.998   1.00 47.35 ? 93  TYR A CG  1 
ATOM   737  C  CD1 . TYR A 1 115 ? -5.726  -2.151  4.344   1.00 48.44 ? 93  TYR A CD1 1 
ATOM   738  C  CD2 . TYR A 1 115 ? -5.101  -0.606  2.710   1.00 46.18 ? 93  TYR A CD2 1 
ATOM   739  C  CE1 . TYR A 1 115 ? -5.662  -3.155  3.418   1.00 49.47 ? 93  TYR A CE1 1 
ATOM   740  C  CE2 . TYR A 1 115 ? -5.035  -1.603  1.785   1.00 47.98 ? 93  TYR A CE2 1 
ATOM   741  C  CZ  . TYR A 1 115 ? -5.312  -2.875  2.147   1.00 51.54 ? 93  TYR A CZ  1 
ATOM   742  O  OH  . TYR A 1 115 ? -5.240  -3.863  1.220   1.00 52.35 ? 93  TYR A OH  1 
ATOM   743  N  N   . ARG A 1 116 ? -6.453  1.340   7.621   1.00 49.29 ? 94  ARG A N   1 
ATOM   744  C  CA  . ARG A 1 116 ? -6.102  2.124   8.780   1.00 49.48 ? 94  ARG A CA  1 
ATOM   745  C  C   . ARG A 1 116 ? -5.110  1.342   9.588   1.00 50.65 ? 94  ARG A C   1 
ATOM   746  O  O   . ARG A 1 116 ? -5.093  0.159   9.520   1.00 50.98 ? 94  ARG A O   1 
ATOM   747  C  CB  . ARG A 1 116 ? -7.319  2.346   9.612   1.00 20.00 ? 94  ARG A CB  1 
ATOM   748  C  CG  . ARG A 1 116 ? -7.803  3.765   9.611   1.00 20.00 ? 94  ARG A CG  1 
ATOM   749  C  CD  . ARG A 1 116 ? -8.808  3.957   10.718  1.00 20.00 ? 94  ARG A CD  1 
ATOM   750  N  NE  . ARG A 1 116 ? -9.774  4.965   10.365  1.00 20.00 ? 94  ARG A NE  1 
ATOM   751  C  CZ  . ARG A 1 116 ? -11.069 4.740   10.326  1.00 20.00 ? 94  ARG A CZ  1 
ATOM   752  N  NH1 . ARG A 1 116 ? -11.533 3.552   10.630  1.00 20.00 ? 94  ARG A NH1 1 
ATOM   753  N  NH2 . ARG A 1 116 ? -11.891 5.704   9.987   1.00 20.00 ? 94  ARG A NH2 1 
ATOM   754  N  N   . LYS A 1 117 ? -4.274  1.988   10.364  1.00 52.20 ? 95  LYS A N   1 
ATOM   755  C  CA  . LYS A 1 117 ? -3.231  1.258   11.026  1.00 53.94 ? 95  LYS A CA  1 
ATOM   756  C  C   . LYS A 1 117 ? -3.702  0.583   12.265  1.00 55.99 ? 95  LYS A C   1 
ATOM   757  O  O   . LYS A 1 117 ? -4.262  1.214   13.118  1.00 57.36 ? 95  LYS A O   1 
ATOM   758  C  CB  . LYS A 1 117 ? -2.104  2.178   11.397  1.00 20.00 ? 95  LYS A CB  1 
ATOM   759  C  CG  . LYS A 1 117 ? -0.818  1.432   11.608  1.00 20.00 ? 95  LYS A CG  1 
ATOM   760  C  CD  . LYS A 1 117 ? 0.315   2.343   11.987  1.00 20.00 ? 95  LYS A CD  1 
ATOM   761  C  CE  . LYS A 1 117 ? 1.608   1.572   12.001  1.00 20.00 ? 95  LYS A CE  1 
ATOM   762  N  NZ  . LYS A 1 117 ? 2.660   2.321   11.285  1.00 20.00 ? 95  LYS A NZ  1 
ATOM   763  N  N   . LYS A 1 118 ? -3.420  -0.703  12.382  1.00 57.38 ? 96  LYS A N   1 
ATOM   764  C  CA  . LYS A 1 118 ? -3.818  -1.489  13.528  1.00 57.39 ? 96  LYS A CA  1 
ATOM   765  C  C   . LYS A 1 118 ? -2.615  -1.882  14.324  1.00 57.27 ? 96  LYS A C   1 
ATOM   766  O  O   . LYS A 1 118 ? -2.104  -1.094  15.085  1.00 58.67 ? 96  LYS A O   1 
ATOM   767  C  CB  . LYS A 1 118 ? -4.550  -2.723  13.077  1.00 57.81 ? 96  LYS A CB  1 
ATOM   768  N  N   . LEU B 1 18  ? 14.871  12.409  2.366   0.70 55.84 ? -4  LEU B N   1 
ATOM   769  C  CA  . LEU B 1 18  ? 15.219  12.329  0.929   0.70 56.17 ? -4  LEU B CA  1 
ATOM   770  C  C   . LEU B 1 18  ? 13.991  11.943  0.104   0.70 56.37 ? -4  LEU B C   1 
ATOM   771  O  O   . LEU B 1 18  ? 13.463  10.815  0.177   0.70 56.86 ? -4  LEU B O   1 
ATOM   772  C  CB  . LEU B 1 18  ? 16.412  11.359  0.652   0.70 55.35 ? -4  LEU B CB  1 
ATOM   773  N  N   . TYR B 1 19  ? 13.530  12.946  -0.636  0.70 55.30 ? -3  TYR B N   1 
ATOM   774  C  CA  . TYR B 1 19  ? 12.848  12.785  -1.875  0.70 53.61 ? -3  TYR B CA  1 
ATOM   775  C  C   . TYR B 1 19  ? 13.539  11.732  -2.708  0.70 53.35 ? -3  TYR B C   1 
ATOM   776  O  O   . TYR B 1 19  ? 12.907  11.022  -3.453  0.70 53.79 ? -3  TYR B O   1 
ATOM   777  C  CB  . TYR B 1 19  ? 12.898  14.125  -2.576  0.70 53.51 ? -3  TYR B CB  1 
ATOM   778  C  CG  . TYR B 1 19  ? 12.361  14.129  -3.951  0.70 52.89 ? -3  TYR B CG  1 
ATOM   779  C  CD1 . TYR B 1 19  ? 10.996  14.083  -4.174  0.70 53.36 ? -3  TYR B CD1 1 
ATOM   780  C  CD2 . TYR B 1 19  ? 13.210  14.187  -5.040  0.70 52.45 ? -3  TYR B CD2 1 
ATOM   781  C  CE1 . TYR B 1 19  ? 10.478  14.087  -5.462  0.70 53.06 ? -3  TYR B CE1 1 
ATOM   782  C  CE2 . TYR B 1 19  ? 12.706  14.198  -6.337  0.70 51.96 ? -3  TYR B CE2 1 
ATOM   783  C  CZ  . TYR B 1 19  ? 11.334  14.153  -6.545  0.70 52.27 ? -3  TYR B CZ  1 
ATOM   784  O  OH  . TYR B 1 19  ? 10.806  14.131  -7.823  0.70 50.08 ? -3  TYR B OH  1 
ATOM   785  N  N   . PHE B 1 20  ? 14.841  11.600  -2.576  0.70 53.49 ? -2  PHE B N   1 
ATOM   786  C  CA  . PHE B 1 20  ? 15.537  10.616  -3.392  0.70 54.05 ? -2  PHE B CA  1 
ATOM   787  C  C   . PHE B 1 20  ? 15.398  9.220   -2.804  0.70 54.33 ? -2  PHE B C   1 
ATOM   788  O  O   . PHE B 1 20  ? 15.225  8.240   -3.531  0.70 54.45 ? -2  PHE B O   1 
ATOM   789  C  CB  . PHE B 1 20  ? 17.014  10.975  -3.542  0.70 53.95 ? -2  PHE B CB  1 
ATOM   790  C  CG  . PHE B 1 20  ? 17.267  12.150  -4.413  0.70 54.80 ? -2  PHE B CG  1 
ATOM   791  C  CD1 . PHE B 1 20  ? 17.296  13.437  -3.896  0.70 57.37 ? -2  PHE B CD1 1 
ATOM   792  C  CD2 . PHE B 1 20  ? 17.502  11.980  -5.752  0.70 56.30 ? -2  PHE B CD2 1 
ATOM   793  C  CE1 . PHE B 1 20  ? 17.560  14.549  -4.734  0.70 58.02 ? -2  PHE B CE1 1 
ATOM   794  C  CE2 . PHE B 1 20  ? 17.748  13.078  -6.594  0.70 56.11 ? -2  PHE B CE2 1 
ATOM   795  C  CZ  . PHE B 1 20  ? 17.769  14.363  -6.088  0.70 55.31 ? -2  PHE B CZ  1 
ATOM   796  N  N   . GLN B 1 21  ? 15.503  9.123   -1.484  0.70 54.53 ? -1  GLN B N   1 
ATOM   797  C  CA  . GLN B 1 21  ? 15.217  7.874   -0.828  0.70 54.28 ? -1  GLN B CA  1 
ATOM   798  C  C   . GLN B 1 21  ? 13.869  7.438   -1.350  0.70 54.63 ? -1  GLN B C   1 
ATOM   799  O  O   . GLN B 1 21  ? 13.755  6.378   -1.936  0.70 54.48 ? -1  GLN B O   1 
ATOM   800  C  CB  . GLN B 1 21  ? 15.150  8.054   0.682   0.70 54.38 ? -1  GLN B CB  1 
ATOM   801  C  CG  . GLN B 1 21  ? 15.381  6.786   1.482   0.70 53.84 ? -1  GLN B CG  1 
ATOM   802  C  CD  . GLN B 1 21  ? 15.368  7.008   3.002   0.70 54.62 ? -1  GLN B CD  1 
ATOM   803  O  OE1 . GLN B 1 21  ? 14.359  7.442   3.586   0.70 50.01 ? -1  GLN B OE1 1 
ATOM   804  N  NE2 . GLN B 1 21  ? 16.492  6.663   3.656   0.70 54.58 ? -1  GLN B NE2 1 
ATOM   805  N  N   . SER B 1 22  ? 12.862  8.285   -1.182  0.70 55.25 ? 0   SER B N   1 
ATOM   806  C  CA  . SER B 1 22  ? 11.499  7.907   -1.534  0.70 56.82 ? 0   SER B CA  1 
ATOM   807  C  C   . SER B 1 22  ? 11.427  7.432   -2.937  0.70 57.38 ? 0   SER B C   1 
ATOM   808  O  O   . SER B 1 22  ? 10.615  6.576   -3.265  0.70 58.00 ? 0   SER B O   1 
ATOM   809  C  CB  . SER B 1 22  ? 10.543  9.066   -1.403  0.70 56.43 ? 0   SER B CB  1 
ATOM   810  O  OG  . SER B 1 22  ? 10.443  9.393   -0.047  0.70 59.60 ? 0   SER B OG  1 
HETATM 811  N  N   . MSE B 1 23  ? 12.297  7.977   -3.764  1.00 58.10 ? 1   MSE B N   1 
HETATM 812  C  CA  . MSE B 1 23  ? 12.188  7.736   -5.187  1.00 59.27 ? 1   MSE B CA  1 
HETATM 813  C  C   . MSE B 1 23  ? 12.736  6.377   -5.578  1.00 59.41 ? 1   MSE B C   1 
HETATM 814  O  O   . MSE B 1 23  ? 12.441  5.866   -6.658  1.00 59.53 ? 1   MSE B O   1 
HETATM 815  C  CB  . MSE B 1 23  ? 12.942  8.807   -5.955  1.00 59.70 ? 1   MSE B CB  1 
HETATM 816  C  CG  . MSE B 1 23  ? 12.413  9.009   -7.350  1.00 62.44 ? 1   MSE B CG  1 
HETATM 817  SE SE  . MSE B 1 23  ? 13.650  10.146  -8.330  0.50 66.68 ? 1   MSE B SE  1 
HETATM 818  C  CE  . MSE B 1 23  ? 13.212  11.860  -7.495  1.00 61.86 ? 1   MSE B CE  1 
ATOM   819  N  N   . LEU B 1 24  ? 13.567  5.807   -4.711  1.00 59.50 ? 2   LEU B N   1 
ATOM   820  C  CA  . LEU B 1 24  ? 14.189  4.520   -4.999  1.00 59.01 ? 2   LEU B CA  1 
ATOM   821  C  C   . LEU B 1 24  ? 13.665  3.457   -4.018  1.00 58.10 ? 2   LEU B C   1 
ATOM   822  O  O   . LEU B 1 24  ? 14.025  2.265   -4.097  1.00 58.01 ? 2   LEU B O   1 
ATOM   823  C  CB  . LEU B 1 24  ? 15.730  4.646   -4.928  1.00 59.70 ? 2   LEU B CB  1 
ATOM   824  C  CG  . LEU B 1 24  ? 16.458  5.680   -5.843  1.00 62.67 ? 2   LEU B CG  1 
ATOM   825  C  CD1 . LEU B 1 24  ? 17.976  5.526   -5.791  1.00 60.78 ? 2   LEU B CD1 1 
ATOM   826  C  CD2 . LEU B 1 24  ? 15.994  5.617   -7.319  1.00 64.21 ? 2   LEU B CD2 1 
ATOM   827  N  N   . ALA B 1 25  ? 12.838  3.885   -3.069  1.00 56.41 ? 3   ALA B N   1 
ATOM   828  C  CA  . ALA B 1 25  ? 12.358  2.954   -2.107  1.00 55.29 ? 3   ALA B CA  1 
ATOM   829  C  C   . ALA B 1 25  ? 11.482  1.954   -2.831  1.00 55.47 ? 3   ALA B C   1 
ATOM   830  O  O   . ALA B 1 25  ? 10.936  2.193   -3.921  1.00 54.68 ? 3   ALA B O   1 
ATOM   831  C  CB  . ALA B 1 25  ? 11.615  3.640   -1.022  1.00 55.03 ? 3   ALA B CB  1 
ATOM   832  N  N   . ILE B 1 26  ? 11.406  0.801   -2.215  1.00 55.54 ? 4   ILE B N   1 
ATOM   833  C  CA  . ILE B 1 26  ? 10.586  -0.256  -2.698  1.00 55.68 ? 4   ILE B CA  1 
ATOM   834  C  C   . ILE B 1 26  ? 9.478   -0.557  -1.702  1.00 54.79 ? 4   ILE B C   1 
ATOM   835  O  O   . ILE B 1 26  ? 9.758   -0.707  -0.499  1.00 54.21 ? 4   ILE B O   1 
ATOM   836  C  CB  . ILE B 1 26  ? 11.440  -1.426  -2.864  1.00 56.28 ? 4   ILE B CB  1 
ATOM   837  C  CG1 . ILE B 1 26  ? 12.149  -1.222  -4.204  1.00 59.64 ? 4   ILE B CG1 1 
ATOM   838  C  CG2 . ILE B 1 26  ? 10.600  -2.718  -2.764  1.00 55.28 ? 4   ILE B CG2 1 
ATOM   839  C  CD1 . ILE B 1 26  ? 13.235  -2.235  -4.470  1.00 65.36 ? 4   ILE B CD1 1 
ATOM   840  N  N   . ARG B 1 27  ? 8.230   -0.630  -2.204  1.00 52.99 ? 5   ARG B N   1 
ATOM   841  C  CA  . ARG B 1 27  ? 7.085   -0.838  -1.333  1.00 51.28 ? 5   ARG B CA  1 
ATOM   842  C  C   . ARG B 1 27  ? 6.433   -2.208  -1.487  1.00 51.59 ? 5   ARG B C   1 
ATOM   843  O  O   . ARG B 1 27  ? 6.406   -2.786  -2.578  1.00 52.86 ? 5   ARG B O   1 
ATOM   844  C  CB  . ARG B 1 27  ? 6.064   0.248   -1.543  1.00 51.17 ? 5   ARG B CB  1 
ATOM   845  C  CG  . ARG B 1 27  ? 6.546   1.599   -1.210  1.00 49.52 ? 5   ARG B CG  1 
ATOM   846  C  CD  . ARG B 1 27  ? 5.505   2.325   -0.555  1.00 52.01 ? 5   ARG B CD  1 
ATOM   847  N  NE  . ARG B 1 27  ? 5.780   3.761   -0.598  1.00 60.47 ? 5   ARG B NE  1 
ATOM   848  C  CZ  . ARG B 1 27  ? 4.894   4.701   -0.270  1.00 59.99 ? 5   ARG B CZ  1 
ATOM   849  N  NH1 . ARG B 1 27  ? 3.669   4.344   0.108   1.00 60.54 ? 5   ARG B NH1 1 
ATOM   850  N  NH2 . ARG B 1 27  ? 5.229   5.988   -0.303  1.00 60.42 ? 5   ARG B NH2 1 
ATOM   851  N  N   . VAL B 1 28  ? 5.896   -2.739  -0.402  1.00 50.54 ? 6   VAL B N   1 
ATOM   852  C  CA  . VAL B 1 28  ? 5.215   -4.006  -0.493  1.00 50.48 ? 6   VAL B CA  1 
ATOM   853  C  C   . VAL B 1 28  ? 3.881   -3.989  0.166   1.00 50.23 ? 6   VAL B C   1 
ATOM   854  O  O   . VAL B 1 28  ? 3.691   -3.365  1.194   1.00 49.70 ? 6   VAL B O   1 
ATOM   855  C  CB  . VAL B 1 28  ? 6.085   -5.254  -0.016  1.00 51.95 ? 6   VAL B CB  1 
ATOM   856  C  CG1 . VAL B 1 28  ? 7.287   -4.860  0.838   1.00 50.69 ? 6   VAL B CG1 1 
ATOM   857  C  CG2 . VAL B 1 28  ? 5.219   -6.393  0.590   1.00 49.34 ? 6   VAL B CG2 1 
ATOM   858  N  N   . VAL B 1 29  ? 2.928   -4.632  -0.496  1.00 49.80 ? 7   VAL B N   1 
ATOM   859  C  CA  . VAL B 1 29  ? 1.600   -4.718  0.038   1.00 48.33 ? 7   VAL B CA  1 
ATOM   860  C  C   . VAL B 1 29  ? 1.390   -6.188  0.245   1.00 48.90 ? 7   VAL B C   1 
ATOM   861  O  O   . VAL B 1 29  ? 1.314   -6.950  -0.721  1.00 49.43 ? 7   VAL B O   1 
ATOM   862  C  CB  . VAL B 1 29  ? 0.594   -4.175  -0.940  1.00 47.89 ? 7   VAL B CB  1 
ATOM   863  C  CG1 . VAL B 1 29  ? -0.815  -4.502  -0.463  1.00 46.36 ? 7   VAL B CG1 1 
ATOM   864  C  CG2 . VAL B 1 29  ? 0.772   -2.716  -1.059  1.00 43.83 ? 7   VAL B CG2 1 
ATOM   865  N  N   . ALA B 1 30  ? 1.373   -6.590  1.504   1.00 48.45 ? 8   ALA B N   1 
ATOM   866  C  CA  . ALA B 1 30  ? 1.104   -7.973  1.827   1.00 49.02 ? 8   ALA B CA  1 
ATOM   867  C  C   . ALA B 1 30  ? -0.339  -8.204  2.353   1.00 49.02 ? 8   ALA B C   1 
ATOM   868  O  O   . ALA B 1 30  ? -0.600  -8.121  3.552   1.00 48.44 ? 8   ALA B O   1 
ATOM   869  C  CB  . ALA B 1 30  ? 2.175   -8.502  2.819   1.00 48.92 ? 8   ALA B CB  1 
ATOM   870  N  N   . LYS B 1 31  ? -1.261  -8.476  1.454   1.00 49.44 ? 9   LYS B N   1 
ATOM   871  C  CA  . LYS B 1 31  ? -2.621  -8.742  1.854   1.00 53.08 ? 9   LYS B CA  1 
ATOM   872  C  C   . LYS B 1 31  ? -2.895  -10.182 2.445   1.00 55.50 ? 9   LYS B C   1 
ATOM   873  O  O   . LYS B 1 31  ? -2.693  -11.227 1.765   1.00 55.19 ? 9   LYS B O   1 
ATOM   874  C  CB  . LYS B 1 31  ? -3.519  -8.457  0.656   1.00 53.25 ? 9   LYS B CB  1 
ATOM   875  C  CG  . LYS B 1 31  ? -5.034  -8.510  0.914   1.00 55.79 ? 9   LYS B CG  1 
ATOM   876  C  CD  . LYS B 1 31  ? -5.740  -7.691  -0.134  1.00 59.81 ? 9   LYS B CD  1 
ATOM   877  C  CE  . LYS B 1 31  ? -7.040  -8.288  -0.664  1.00 62.47 ? 9   LYS B CE  1 
ATOM   878  N  NZ  . LYS B 1 31  ? -7.395  -7.379  -1.841  1.00 65.08 ? 9   LYS B NZ  1 
ATOM   879  N  N   . ASN B 1 32  ? -3.360  -10.212 3.692   1.00 57.86 ? 10  ASN B N   1 
ATOM   880  C  CA  . ASN B 1 32  ? -3.823  -11.446 4.350   1.00 61.47 ? 10  ASN B CA  1 
ATOM   881  C  C   . ASN B 1 32  ? -5.322  -11.502 4.628   1.00 63.23 ? 10  ASN B C   1 
ATOM   882  O  O   . ASN B 1 32  ? -5.854  -10.575 5.277   1.00 63.89 ? 10  ASN B O   1 
ATOM   883  C  CB  . ASN B 1 32  ? -3.169  -11.602 5.719   1.00 61.57 ? 10  ASN B CB  1 
ATOM   884  C  CG  . ASN B 1 32  ? -1.698  -11.427 5.655   1.00 63.18 ? 10  ASN B CG  1 
ATOM   885  O  OD1 . ASN B 1 32  ? -1.152  -10.382 6.039   1.00 64.96 ? 10  ASN B OD1 1 
ATOM   886  N  ND2 . ASN B 1 32  ? -1.028  -12.439 5.137   1.00 64.78 ? 10  ASN B ND2 1 
ATOM   887  N  N   . GLN B 1 33  ? -5.978  -12.594 4.193   1.00 64.67 ? 11  GLN B N   1 
ATOM   888  C  CA  . GLN B 1 33  ? -7.332  -12.955 4.683   1.00 65.59 ? 11  GLN B CA  1 
ATOM   889  C  C   . GLN B 1 33  ? -7.219  -13.837 5.930   1.00 66.05 ? 11  GLN B C   1 
ATOM   890  O  O   . GLN B 1 33  ? -7.007  -15.053 5.853   1.00 65.98 ? 11  GLN B O   1 
ATOM   891  C  CB  . GLN B 1 33  ? -8.133  -13.668 3.614   1.00 65.55 ? 11  GLN B CB  1 
ATOM   892  C  CG  . GLN B 1 33  ? -9.575  -13.830 3.980   1.00 69.08 ? 11  GLN B CG  1 
ATOM   893  C  CD  . GLN B 1 33  ? -10.484 -12.971 3.137   1.00 75.99 ? 11  GLN B CD  1 
ATOM   894  O  OE1 . GLN B 1 33  ? -10.074 -12.459 2.080   1.00 80.83 ? 11  GLN B OE1 1 
ATOM   895  N  NE2 . GLN B 1 33  ? -11.732 -12.799 3.585   1.00 77.43 ? 11  GLN B NE2 1 
ATOM   896  N  N   . VAL B 1 34  ? -7.344  -13.208 7.085   1.00 66.89 ? 12  VAL B N   1 
ATOM   897  C  CA  . VAL B 1 34  ? -7.264  -13.910 8.358   1.00 68.06 ? 12  VAL B CA  1 
ATOM   898  C  C   . VAL B 1 34  ? -8.557  -14.683 8.685   1.00 69.51 ? 12  VAL B C   1 
ATOM   899  O  O   . VAL B 1 34  ? -9.663  -14.309 8.231   1.00 69.45 ? 12  VAL B O   1 
ATOM   900  C  CB  . VAL B 1 34  ? -6.900  -12.911 9.445   1.00 67.28 ? 12  VAL B CB  1 
ATOM   901  C  CG1 . VAL B 1 34  ? -6.769  -13.564 10.772  1.00 66.96 ? 12  VAL B CG1 1 
ATOM   902  C  CG2 . VAL B 1 34  ? -5.569  -12.290 9.077   1.00 68.68 ? 12  VAL B CG2 1 
ATOM   903  N  N   . LYS B 1 35  ? -8.415  -15.792 9.421   1.00 71.54 ? 13  LYS B N   1 
ATOM   904  C  CA  . LYS B 1 35  ? -9.571  -16.625 9.813   1.00 73.01 ? 13  LYS B CA  1 
ATOM   905  C  C   . LYS B 1 35  ? -10.246 -15.910 10.988  1.00 73.88 ? 13  LYS B C   1 
ATOM   906  O  O   . LYS B 1 35  ? -9.560  -15.533 11.974  1.00 74.21 ? 13  LYS B O   1 
ATOM   907  C  CB  . LYS B 1 35  ? -9.118  -18.056 10.159  1.00 73.11 ? 13  LYS B CB  1 
ATOM   908  N  N   . PRO B 1 36  ? -11.577 -15.697 10.894  1.00 74.25 ? 14  PRO B N   1 
ATOM   909  C  CA  . PRO B 1 36  ? -12.085 -14.829 11.948  1.00 74.90 ? 14  PRO B CA  1 
ATOM   910  C  C   . PRO B 1 36  ? -11.556 -15.144 13.376  1.00 76.17 ? 14  PRO B C   1 
ATOM   911  O  O   . PRO B 1 36  ? -11.157 -14.230 14.079  1.00 76.96 ? 14  PRO B O   1 
ATOM   912  C  CB  . PRO B 1 36  ? -13.580 -14.978 11.810  1.00 74.22 ? 14  PRO B CB  1 
ATOM   913  N  N   . GLU B 1 37  ? -11.462 -16.412 13.780  1.00 77.65 ? 15  GLU B N   1 
ATOM   914  C  CA  . GLU B 1 37  ? -11.019 -16.778 15.167  1.00 78.74 ? 15  GLU B CA  1 
ATOM   915  C  C   . GLU B 1 37  ? -9.505  -16.702 15.381  1.00 78.44 ? 15  GLU B C   1 
ATOM   916  O  O   . GLU B 1 37  ? -9.005  -16.684 16.515  1.00 78.23 ? 15  GLU B O   1 
ATOM   917  C  CB  . GLU B 1 37  ? -11.532 -18.185 15.562  1.00 79.37 ? 15  GLU B CB  1 
ATOM   918  C  CG  . GLU B 1 37  ? -11.030 -19.372 14.663  1.00 83.69 ? 15  GLU B CG  1 
ATOM   919  C  CD  . GLU B 1 37  ? -11.743 -19.442 13.270  1.00 89.08 ? 15  GLU B CD  1 
ATOM   920  O  OE1 . GLU B 1 37  ? -12.719 -18.673 13.045  1.00 90.67 ? 15  GLU B OE1 1 
ATOM   921  O  OE2 . GLU B 1 37  ? -11.334 -20.268 12.398  1.00 89.29 ? 15  GLU B OE2 1 
ATOM   922  N  N   . LYS B 1 38  ? -8.770  -16.677 14.276  1.00 78.46 ? 16  LYS B N   1 
ATOM   923  C  CA  . LYS B 1 38  ? -7.322  -16.735 14.340  1.00 77.56 ? 16  LYS B CA  1 
ATOM   924  C  C   . LYS B 1 38  ? -6.758  -15.325 14.532  1.00 77.03 ? 16  LYS B C   1 
ATOM   925  O  O   . LYS B 1 38  ? -5.632  -15.170 15.030  1.00 77.37 ? 16  LYS B O   1 
ATOM   926  C  CB  . LYS B 1 38  ? -6.779  -17.432 13.094  1.00 78.03 ? 16  LYS B CB  1 
ATOM   927  N  N   . VAL B 1 39  ? -7.576  -14.307 14.226  1.00 75.96 ? 17  VAL B N   1 
ATOM   928  C  CA  . VAL B 1 39  ? -7.179  -12.869 14.254  1.00 74.86 ? 17  VAL B CA  1 
ATOM   929  C  C   . VAL B 1 39  ? -6.253  -12.390 15.383  1.00 74.22 ? 17  VAL B C   1 
ATOM   930  O  O   . VAL B 1 39  ? -5.255  -11.706 15.118  1.00 74.19 ? 17  VAL B O   1 
ATOM   931  C  CB  . VAL B 1 39  ? -8.392  -11.914 14.127  1.00 74.46 ? 17  VAL B CB  1 
ATOM   932  N  N   . GLN B 1 40  ? -6.550  -12.769 16.625  1.00 73.91 ? 18  GLN B N   1 
ATOM   933  C  CA  . GLN B 1 40  ? -5.751  -12.314 17.791  1.00 73.30 ? 18  GLN B CA  1 
ATOM   934  C  C   . GLN B 1 40  ? -4.376  -12.988 17.938  1.00 73.39 ? 18  GLN B C   1 
ATOM   935  O  O   . GLN B 1 40  ? -3.473  -12.343 18.496  1.00 73.33 ? 18  GLN B O   1 
ATOM   936  C  CB  . GLN B 1 40  ? -6.539  -12.348 19.120  1.00 72.86 ? 18  GLN B CB  1 
ATOM   937  N  N   . GLU B 1 41  ? -4.207  -14.250 17.462  1.00 73.09 ? 19  GLU B N   1 
ATOM   938  C  CA  . GLU B 1 41  ? -2.871  -14.914 17.466  1.00 72.52 ? 19  GLU B CA  1 
ATOM   939  C  C   . GLU B 1 41  ? -2.014  -14.179 16.445  1.00 71.99 ? 19  GLU B C   1 
ATOM   940  O  O   . GLU B 1 41  ? -0.862  -13.817 16.702  1.00 71.65 ? 19  GLU B O   1 
ATOM   941  C  CB  . GLU B 1 41  ? -2.942  -16.409 17.144  1.00 72.64 ? 19  GLU B CB  1 
ATOM   942  N  N   . PHE B 1 42  ? -2.649  -13.906 15.313  1.00 71.74 ? 20  PHE B N   1 
ATOM   943  C  CA  . PHE B 1 42  ? -2.070  -13.153 14.205  1.00 71.99 ? 20  PHE B CA  1 
ATOM   944  C  C   . PHE B 1 42  ? -1.447  -11.833 14.663  1.00 72.00 ? 20  PHE B C   1 
ATOM   945  O  O   . PHE B 1 42  ? -0.259  -11.511 14.400  1.00 71.15 ? 20  PHE B O   1 
ATOM   946  C  CB  . PHE B 1 42  ? -3.152  -12.868 13.151  1.00 72.01 ? 20  PHE B CB  1 
ATOM   947  C  CG  . PHE B 1 42  ? -2.598  -12.364 11.846  1.00 71.95 ? 20  PHE B CG  1 
ATOM   948  C  CD1 . PHE B 1 42  ? -2.387  -11.009 11.635  1.00 72.46 ? 20  PHE B CD1 1 
ATOM   949  C  CD2 . PHE B 1 42  ? -2.248  -13.236 10.854  1.00 71.38 ? 20  PHE B CD2 1 
ATOM   950  C  CE1 . PHE B 1 42  ? -1.856  -10.525 10.445  1.00 69.83 ? 20  PHE B CE1 1 
ATOM   951  C  CE2 . PHE B 1 42  ? -1.718  -12.760 9.658   1.00 72.33 ? 20  PHE B CE2 1 
ATOM   952  C  CZ  . PHE B 1 42  ? -1.528  -11.397 9.463   1.00 71.36 ? 20  PHE B CZ  1 
HETATM 953  N  N   . MSE B 1 43  ? -2.267  -11.067 15.360  1.00 71.74 ? 21  MSE B N   1 
HETATM 954  C  CA  . MSE B 1 43  ? -1.795  -9.811  15.831  1.00 71.87 ? 21  MSE B CA  1 
HETATM 955  C  C   . MSE B 1 43  ? -0.649  -9.904  16.828  1.00 72.37 ? 21  MSE B C   1 
HETATM 956  O  O   . MSE B 1 43  ? 0.295   -9.106  16.730  1.00 73.32 ? 21  MSE B O   1 
HETATM 957  C  CB  . MSE B 1 43  ? -2.933  -8.992  16.355  1.00 71.31 ? 21  MSE B CB  1 
HETATM 958  C  CG  . MSE B 1 43  ? -2.785  -7.583  15.867  1.00 72.03 ? 21  MSE B CG  1 
HETATM 959  SE SE  . MSE B 1 43  ? -3.117  -7.414  13.976  0.50 65.24 ? 21  MSE B SE  1 
HETATM 960  C  CE  . MSE B 1 43  ? -5.073  -7.188  14.153  1.00 69.37 ? 21  MSE B CE  1 
ATOM   961  N  N   . ASN B 1 44  ? -0.679  -10.880 17.748  1.00 72.67 ? 22  ASN B N   1 
ATOM   962  C  CA  . ASN B 1 44  ? 0.456   -11.034 18.709  1.00 72.85 ? 22  ASN B CA  1 
ATOM   963  C  C   . ASN B 1 44  ? 1.719   -11.446 17.999  1.00 71.34 ? 22  ASN B C   1 
ATOM   964  O  O   . ASN B 1 44  ? 2.837   -11.043 18.387  1.00 71.89 ? 22  ASN B O   1 
ATOM   965  C  CB  . ASN B 1 44  ? 0.150   -11.992 19.870  1.00 73.75 ? 22  ASN B CB  1 
ATOM   966  C  CG  . ASN B 1 44  ? -1.093  -11.558 20.667  1.00 77.76 ? 22  ASN B CG  1 
ATOM   967  O  OD1 . ASN B 1 44  ? -1.171  -10.425 21.192  1.00 79.40 ? 22  ASN B OD1 1 
ATOM   968  N  ND2 . ASN B 1 44  ? -2.091  -12.453 20.731  1.00 81.17 ? 22  ASN B ND2 1 
ATOM   969  N  N   . LEU B 1 45  ? 1.526   -12.229 16.947  1.00 68.84 ? 23  LEU B N   1 
ATOM   970  C  CA  . LEU B 1 45  ? 2.615   -12.558 16.063  1.00 67.39 ? 23  LEU B CA  1 
ATOM   971  C  C   . LEU B 1 45  ? 3.137   -11.326 15.280  1.00 66.80 ? 23  LEU B C   1 
ATOM   972  O  O   . LEU B 1 45  ? 4.365   -11.153 15.151  1.00 65.69 ? 23  LEU B O   1 
ATOM   973  C  CB  . LEU B 1 45  ? 2.194   -13.684 15.107  1.00 67.56 ? 23  LEU B CB  1 
ATOM   974  C  CG  . LEU B 1 45  ? 1.883   -15.096 15.637  1.00 66.47 ? 23  LEU B CG  1 
ATOM   975  C  CD1 . LEU B 1 45  ? 1.202   -15.981 14.553  1.00 62.42 ? 23  LEU B CD1 1 
ATOM   976  C  CD2 . LEU B 1 45  ? 3.138   -15.768 16.260  1.00 65.43 ? 23  LEU B CD2 1 
ATOM   977  N  N   . CYS B 1 46  ? 2.229   -10.481 14.768  1.00 65.44 ? 24  CYS B N   1 
ATOM   978  C  CA  . CYS B 1 46  ? 2.662   -9.254  14.136  1.00 65.30 ? 24  CYS B CA  1 
ATOM   979  C  C   . CYS B 1 46  ? 3.425   -8.314  15.093  1.00 66.18 ? 24  CYS B C   1 
ATOM   980  O  O   . CYS B 1 46  ? 4.393   -7.624  14.679  1.00 64.98 ? 24  CYS B O   1 
ATOM   981  C  CB  . CYS B 1 46  ? 1.494   -8.529  13.556  1.00 64.60 ? 24  CYS B CB  1 
ATOM   982  S  SG  . CYS B 1 46  ? 0.901   -9.284  12.072  1.00 66.44 ? 24  CYS B SG  1 
ATOM   983  N  N   . LYS B 1 47  ? 3.009   -8.288  16.365  1.00 67.11 ? 25  LYS B N   1 
ATOM   984  C  CA  . LYS B 1 47  ? 3.670   -7.399  17.342  1.00 68.87 ? 25  LYS B CA  1 
ATOM   985  C  C   . LYS B 1 47  ? 5.219   -7.591  17.344  1.00 69.49 ? 25  LYS B C   1 
ATOM   986  O  O   . LYS B 1 47  ? 5.985   -6.603  17.249  1.00 69.53 ? 25  LYS B O   1 
ATOM   987  C  CB  . LYS B 1 47  ? 3.038   -7.513  18.753  1.00 68.76 ? 25  LYS B CB  1 
ATOM   988  N  N   . SER B 1 48  ? 5.661   -8.862  17.389  1.00 69.73 ? 26  SER B N   1 
ATOM   989  C  CA  . SER B 1 48  ? 7.113   -9.204  17.523  1.00 69.56 ? 26  SER B CA  1 
ATOM   990  C  C   . SER B 1 48  ? 7.799   -9.035  16.203  1.00 68.90 ? 26  SER B C   1 
ATOM   991  O  O   . SER B 1 48  ? 8.987   -8.692  16.143  1.00 69.02 ? 26  SER B O   1 
ATOM   992  C  CB  . SER B 1 48  ? 7.317   -10.652 17.992  1.00 69.09 ? 26  SER B CB  1 
ATOM   993  O  OG  . SER B 1 48  ? 6.099   -11.171 18.517  1.00 71.34 ? 26  SER B OG  1 
ATOM   994  N  N   . LEU B 1 49  ? 7.034   -9.309  15.152  1.00 68.33 ? 27  LEU B N   1 
ATOM   995  C  CA  . LEU B 1 49  ? 7.501   -9.156  13.814  1.00 68.22 ? 27  LEU B CA  1 
ATOM   996  C  C   . LEU B 1 49  ? 7.845   -7.700  13.563  1.00 69.50 ? 27  LEU B C   1 
ATOM   997  O  O   . LEU B 1 49  ? 9.001   -7.405  13.208  1.00 69.29 ? 27  LEU B O   1 
ATOM   998  C  CB  . LEU B 1 49  ? 6.458   -9.632  12.816  1.00 67.35 ? 27  LEU B CB  1 
ATOM   999  C  CG  . LEU B 1 49  ? 7.118   -9.685  11.433  1.00 65.88 ? 27  LEU B CG  1 
ATOM   1000 C  CD1 . LEU B 1 49  ? 8.480   -10.423 11.438  1.00 64.71 ? 27  LEU B CD1 1 
ATOM   1001 C  CD2 . LEU B 1 49  ? 6.181   -10.292 10.472  1.00 63.50 ? 27  LEU B CD2 1 
ATOM   1002 N  N   . ILE B 1 50  ? 6.869   -6.800  13.775  1.00 70.56 ? 28  ILE B N   1 
ATOM   1003 C  CA  . ILE B 1 50  ? 7.125   -5.357  13.653  1.00 71.94 ? 28  ILE B CA  1 
ATOM   1004 C  C   . ILE B 1 50  ? 8.339   -4.966  14.471  1.00 73.16 ? 28  ILE B C   1 
ATOM   1005 O  O   . ILE B 1 50  ? 9.235   -4.232  13.971  1.00 74.09 ? 28  ILE B O   1 
ATOM   1006 C  CB  . ILE B 1 50  ? 5.993   -4.440  14.163  1.00 71.58 ? 28  ILE B CB  1 
ATOM   1007 C  CG1 . ILE B 1 50  ? 4.608   -4.797  13.613  1.00 71.70 ? 28  ILE B CG1 1 
ATOM   1008 C  CG2 . ILE B 1 50  ? 6.327   -3.003  13.859  1.00 71.96 ? 28  ILE B CG2 1 
ATOM   1009 C  CD1 . ILE B 1 50  ? 4.551   -5.102  12.191  1.00 72.40 ? 28  ILE B CD1 1 
ATOM   1010 N  N   . GLU B 1 51  ? 8.360   -5.445  15.715  1.00 73.93 ? 29  GLU B N   1 
ATOM   1011 C  CA  . GLU B 1 51  ? 9.375   -5.035  16.664  1.00 75.73 ? 29  GLU B CA  1 
ATOM   1012 C  C   . GLU B 1 51  ? 10.766  -5.304  16.122  1.00 75.64 ? 29  GLU B C   1 
ATOM   1013 O  O   . GLU B 1 51  ? 11.631  -4.396  16.091  1.00 75.81 ? 29  GLU B O   1 
ATOM   1014 C  CB  . GLU B 1 51  ? 9.181   -5.746  17.990  1.00 76.95 ? 29  GLU B CB  1 
ATOM   1015 C  CG  . GLU B 1 51  ? 10.187  -5.336  19.074  1.00 82.09 ? 29  GLU B CG  1 
ATOM   1016 C  CD  . GLU B 1 51  ? 9.549   -5.330  20.487  1.00 90.89 ? 29  GLU B CD  1 
ATOM   1017 O  OE1 . GLU B 1 51  ? 8.293   -5.142  20.580  1.00 93.19 ? 29  GLU B OE1 1 
ATOM   1018 O  OE2 . GLU B 1 51  ? 10.300  -5.511  21.496  1.00 92.62 ? 29  GLU B OE2 1 
ATOM   1019 N  N   . GLU B 1 52  ? 10.987  -6.536  15.662  1.00 75.05 ? 30  GLU B N   1 
ATOM   1020 C  CA  . GLU B 1 52  ? 12.306  -6.874  15.180  1.00 74.76 ? 30  GLU B CA  1 
ATOM   1021 C  C   . GLU B 1 52  ? 12.620  -6.194  13.858  1.00 73.93 ? 30  GLU B C   1 
ATOM   1022 O  O   . GLU B 1 52  ? 13.719  -5.673  13.681  1.00 73.49 ? 30  GLU B O   1 
ATOM   1023 C  CB  . GLU B 1 52  ? 12.485  -8.368  15.122  1.00 75.22 ? 30  GLU B CB  1 
ATOM   1024 C  CG  . GLU B 1 52  ? 12.274  -9.047  16.491  1.00 78.65 ? 30  GLU B CG  1 
ATOM   1025 C  CD  . GLU B 1 52  ? 13.172  -8.475  17.579  1.00 82.26 ? 30  GLU B CD  1 
ATOM   1026 O  OE1 . GLU B 1 52  ? 14.405  -8.339  17.327  1.00 81.68 ? 30  GLU B OE1 1 
ATOM   1027 O  OE2 . GLU B 1 52  ? 12.623  -8.167  18.674  1.00 83.88 ? 30  GLU B OE2 1 
ATOM   1028 N  N   . THR B 1 53  ? 11.633  -6.159  12.962  1.00 72.98 ? 31  THR B N   1 
ATOM   1029 C  CA  . THR B 1 53  ? 11.787  -5.539  11.638  1.00 71.91 ? 31  THR B CA  1 
ATOM   1030 C  C   . THR B 1 53  ? 12.131  -4.045  11.665  1.00 71.25 ? 31  THR B C   1 
ATOM   1031 O  O   . THR B 1 53  ? 12.917  -3.589  10.823  1.00 70.73 ? 31  THR B O   1 
ATOM   1032 C  CB  . THR B 1 53  ? 10.535  -5.720  10.748  1.00 72.10 ? 31  THR B CB  1 
ATOM   1033 O  OG1 . THR B 1 53  ? 9.915   -6.976  11.034  1.00 72.89 ? 31  THR B OG1 1 
ATOM   1034 C  CG2 . THR B 1 53  ? 10.922  -5.695  9.298   1.00 70.37 ? 31  THR B CG2 1 
ATOM   1035 N  N   . LEU B 1 54  ? 11.543  -3.282  12.589  1.00 69.80 ? 32  LEU B N   1 
ATOM   1036 C  CA  . LEU B 1 54  ? 11.878  -1.861  12.645  1.00 69.24 ? 32  LEU B CA  1 
ATOM   1037 C  C   . LEU B 1 54  ? 13.365  -1.623  12.977  1.00 69.58 ? 32  LEU B C   1 
ATOM   1038 O  O   . LEU B 1 54  ? 14.019  -0.791  12.354  1.00 69.58 ? 32  LEU B O   1 
ATOM   1039 C  CB  . LEU B 1 54  ? 10.955  -1.126  13.597  1.00 68.84 ? 32  LEU B CB  1 
ATOM   1040 C  CG  . LEU B 1 54  ? 9.532   -0.923  13.063  1.00 67.41 ? 32  LEU B CG  1 
ATOM   1041 C  CD1 . LEU B 1 54  ? 8.681   -0.346  14.158  1.00 63.90 ? 32  LEU B CD1 1 
ATOM   1042 C  CD2 . LEU B 1 54  ? 9.531   0.001   11.840  1.00 63.63 ? 32  LEU B CD2 1 
ATOM   1043 N  N   . LYS B 1 55  ? 13.901  -2.367  13.942  1.00 70.45 ? 33  LYS B N   1 
ATOM   1044 C  CA  . LYS B 1 55  ? 15.364  -2.473  14.171  1.00 70.95 ? 33  LYS B CA  1 
ATOM   1045 C  C   . LYS B 1 55  ? 16.244  -2.798  12.886  1.00 71.16 ? 33  LYS B C   1 
ATOM   1046 O  O   . LYS B 1 55  ? 17.462  -2.577  12.908  1.00 72.05 ? 33  LYS B O   1 
ATOM   1047 C  CB  . LYS B 1 55  ? 15.674  -3.434  15.362  1.00 70.62 ? 33  LYS B CB  1 
ATOM   1048 N  N   . GLU B 1 56  ? 15.665  -3.288  11.779  1.00 70.60 ? 34  GLU B N   1 
ATOM   1049 C  CA  . GLU B 1 56  ? 16.481  -3.609  10.584  1.00 70.37 ? 34  GLU B CA  1 
ATOM   1050 C  C   . GLU B 1 56  ? 16.924  -2.378  9.853   1.00 70.54 ? 34  GLU B C   1 
ATOM   1051 O  O   . GLU B 1 56  ? 16.238  -1.365  9.854   1.00 71.19 ? 34  GLU B O   1 
ATOM   1052 C  CB  . GLU B 1 56  ? 15.748  -4.505  9.595   1.00 69.89 ? 34  GLU B CB  1 
ATOM   1053 C  CG  . GLU B 1 56  ? 15.339  -5.801  10.190  1.00 71.51 ? 34  GLU B CG  1 
ATOM   1054 C  CD  . GLU B 1 56  ? 14.881  -6.811  9.154   1.00 76.23 ? 34  GLU B CD  1 
ATOM   1055 O  OE1 . GLU B 1 56  ? 15.648  -7.028  8.162   1.00 80.30 ? 34  GLU B OE1 1 
ATOM   1056 O  OE2 . GLU B 1 56  ? 13.772  -7.406  9.337   1.00 73.62 ? 34  GLU B OE2 1 
ATOM   1057 N  N   . GLU B 1 57  ? 18.081  -2.457  9.208   1.00 71.15 ? 35  GLU B N   1 
ATOM   1058 C  CA  . GLU B 1 57  ? 18.549  -1.341  8.374   1.00 70.85 ? 35  GLU B CA  1 
ATOM   1059 C  C   . GLU B 1 57  ? 17.806  -1.476  7.030   1.00 70.24 ? 35  GLU B C   1 
ATOM   1060 O  O   . GLU B 1 57  ? 17.548  -2.613  6.560   1.00 70.67 ? 35  GLU B O   1 
ATOM   1061 C  CB  . GLU B 1 57  ? 20.096  -1.346  8.209   1.00 70.67 ? 35  GLU B CB  1 
ATOM   1062 N  N   . GLY B 1 58  ? 17.444  -0.339  6.432   1.00 68.37 ? 36  GLY B N   1 
ATOM   1063 C  CA  . GLY B 1 58  ? 16.876  -0.336  5.093   1.00 66.12 ? 36  GLY B CA  1 
ATOM   1064 C  C   . GLY B 1 58  ? 15.359  -0.300  5.170   1.00 65.05 ? 36  GLY B C   1 
ATOM   1065 O  O   . GLY B 1 58  ? 14.632  -0.214  4.146   1.00 64.55 ? 36  GLY B O   1 
ATOM   1066 N  N   . CYS B 1 59  ? 14.872  -0.340  6.399   1.00 63.10 ? 37  CYS B N   1 
ATOM   1067 C  CA  . CYS B 1 59  ? 13.464  -0.412  6.611   1.00 60.89 ? 37  CYS B CA  1 
ATOM   1068 C  C   . CYS B 1 59  ? 13.023  0.956   6.995   1.00 59.47 ? 37  CYS B C   1 
ATOM   1069 O  O   . CYS B 1 59  ? 13.342  1.425   8.066   1.00 59.45 ? 37  CYS B O   1 
ATOM   1070 C  CB  . CYS B 1 59  ? 13.160  -1.419  7.697   1.00 60.86 ? 37  CYS B CB  1 
ATOM   1071 S  SG  . CYS B 1 59  ? 11.497  -1.389  8.251   1.00 61.13 ? 37  CYS B SG  1 
ATOM   1072 N  N   . ILE B 1 60  ? 12.287  1.589   6.094   1.00 58.23 ? 38  ILE B N   1 
ATOM   1073 C  CA  . ILE B 1 60  ? 11.832  2.939   6.298   1.00 57.45 ? 38  ILE B CA  1 
ATOM   1074 C  C   . ILE B 1 60  ? 10.514  2.935   7.037   1.00 57.52 ? 38  ILE B C   1 
ATOM   1075 O  O   . ILE B 1 60  ? 10.294  3.734   7.938   1.00 56.81 ? 38  ILE B O   1 
ATOM   1076 C  CB  . ILE B 1 60  ? 11.722  3.665   4.961   1.00 57.62 ? 38  ILE B CB  1 
ATOM   1077 C  CG1 . ILE B 1 60  ? 13.123  3.738   4.342   1.00 55.67 ? 38  ILE B CG1 1 
ATOM   1078 C  CG2 . ILE B 1 60  ? 11.034  5.058   5.113   1.00 55.40 ? 38  ILE B CG2 1 
ATOM   1079 C  CD1 . ILE B 1 60  ? 13.137  3.184   2.962   1.00 54.20 ? 38  ILE B CD1 1 
ATOM   1080 N  N   . ASP B 1 61  ? 9.626   2.025   6.666   1.00 57.21 ? 39  ASP B N   1 
ATOM   1081 C  CA  . ASP B 1 61  ? 8.294   2.046   7.262   1.00 56.81 ? 39  ASP B CA  1 
ATOM   1082 C  C   . ASP B 1 61  ? 7.755   0.646   7.184   1.00 56.05 ? 39  ASP B C   1 
ATOM   1083 O  O   . ASP B 1 61  ? 7.917   -0.030  6.145   1.00 55.81 ? 39  ASP B O   1 
ATOM   1084 C  CB  . ASP B 1 61  ? 7.398   3.010   6.492   1.00 57.18 ? 39  ASP B CB  1 
ATOM   1085 C  CG  . ASP B 1 61  ? 6.099   3.379   7.253   1.00 61.36 ? 39  ASP B CG  1 
ATOM   1086 O  OD1 . ASP B 1 61  ? 6.182   3.604   8.497   1.00 66.76 ? 39  ASP B OD1 1 
ATOM   1087 O  OD2 . ASP B 1 61  ? 4.991   3.452   6.608   1.00 63.24 ? 39  ASP B OD2 1 
ATOM   1088 N  N   . TYR B 1 62  ? 7.122   0.207   8.273   1.00 55.19 ? 40  TYR B N   1 
ATOM   1089 C  CA  . TYR B 1 62  ? 6.527   -1.150  8.362   1.00 54.43 ? 40  TYR B CA  1 
ATOM   1090 C  C   . TYR B 1 62  ? 5.364   -1.177  9.351   1.00 53.97 ? 40  TYR B C   1 
ATOM   1091 O  O   . TYR B 1 62  ? 5.487   -0.666  10.469  1.00 54.24 ? 40  TYR B O   1 
ATOM   1092 C  CB  . TYR B 1 62  ? 7.613   -2.145  8.783   1.00 54.48 ? 40  TYR B CB  1 
ATOM   1093 C  CG  . TYR B 1 62  ? 7.287   -3.619  8.674   1.00 54.23 ? 40  TYR B CG  1 
ATOM   1094 C  CD1 . TYR B 1 62  ? 6.646   -4.284  9.697   1.00 54.78 ? 40  TYR B CD1 1 
ATOM   1095 C  CD2 . TYR B 1 62  ? 7.652   -4.347  7.546   1.00 54.95 ? 40  TYR B CD2 1 
ATOM   1096 C  CE1 . TYR B 1 62  ? 6.365   -5.635  9.594   1.00 56.96 ? 40  TYR B CE1 1 
ATOM   1097 C  CE2 . TYR B 1 62  ? 7.369   -5.683  7.433   1.00 54.56 ? 40  TYR B CE2 1 
ATOM   1098 C  CZ  . TYR B 1 62  ? 6.740   -6.324  8.455   1.00 56.68 ? 40  TYR B CZ  1 
ATOM   1099 O  OH  . TYR B 1 62  ? 6.485   -7.664  8.346   1.00 58.22 ? 40  TYR B OH  1 
ATOM   1100 N  N   . GLY B 1 63  ? 4.238   -1.761  8.963   1.00 53.12 ? 41  GLY B N   1 
ATOM   1101 C  CA  . GLY B 1 63  ? 3.077   -1.709  9.821   1.00 51.78 ? 41  GLY B CA  1 
ATOM   1102 C  C   . GLY B 1 63  ? 1.978   -2.539  9.233   1.00 52.12 ? 41  GLY B C   1 
ATOM   1103 O  O   . GLY B 1 63  ? 1.980   -2.778  8.008   1.00 51.80 ? 41  GLY B O   1 
ATOM   1104 N  N   . VAL B 1 64  ? 1.051   -2.982  10.099  1.00 51.57 ? 42  VAL B N   1 
ATOM   1105 C  CA  . VAL B 1 64  ? -0.066  -3.817  9.669   1.00 52.14 ? 42  VAL B CA  1 
ATOM   1106 C  C   . VAL B 1 64  ? -1.297  -2.979  9.632   1.00 52.53 ? 42  VAL B C   1 
ATOM   1107 O  O   . VAL B 1 64  ? -1.511  -2.178  10.524  1.00 53.72 ? 42  VAL B O   1 
ATOM   1108 C  CB  . VAL B 1 64  ? -0.275  -5.187  10.533  1.00 52.16 ? 42  VAL B CB  1 
ATOM   1109 C  CG1 . VAL B 1 64  ? -0.310  -4.928  11.985  1.00 52.94 ? 42  VAL B CG1 1 
ATOM   1110 C  CG2 . VAL B 1 64  ? -1.551  -5.888  10.166  1.00 50.19 ? 42  VAL B CG2 1 
ATOM   1111 N  N   . TYR B 1 65  ? -2.123  -3.164  8.619   1.00 52.53 ? 43  TYR B N   1 
ATOM   1112 C  CA  . TYR B 1 65  ? -3.263  -2.299  8.465   1.00 52.80 ? 43  TYR B CA  1 
ATOM   1113 C  C   . TYR B 1 65  ? -4.511  -3.169  8.336   1.00 54.29 ? 43  TYR B C   1 
ATOM   1114 O  O   . TYR B 1 65  ? -4.440  -4.304  7.851   1.00 54.51 ? 43  TYR B O   1 
ATOM   1115 C  CB  . TYR B 1 65  ? -3.052  -1.364  7.235   1.00 52.54 ? 43  TYR B CB  1 
ATOM   1116 C  CG  . TYR B 1 65  ? -1.984  -0.282  7.453   1.00 49.08 ? 43  TYR B CG  1 
ATOM   1117 C  CD1 . TYR B 1 65  ? -0.645  -0.617  7.589   1.00 45.56 ? 43  TYR B CD1 1 
ATOM   1118 C  CD2 . TYR B 1 65  ? -2.340  1.087   7.520   1.00 48.19 ? 43  TYR B CD2 1 
ATOM   1119 C  CE1 . TYR B 1 65  ? 0.329   0.340   7.799   1.00 47.89 ? 43  TYR B CE1 1 
ATOM   1120 C  CE2 . TYR B 1 65  ? -1.387  2.088   7.728   1.00 45.50 ? 43  TYR B CE2 1 
ATOM   1121 C  CZ  . TYR B 1 65  ? -0.052  1.700   7.863   1.00 49.77 ? 43  TYR B CZ  1 
ATOM   1122 O  OH  . TYR B 1 65  ? 0.922   2.626   8.087   1.00 49.52 ? 43  TYR B OH  1 
ATOM   1123 N  N   . GLN B 1 66  ? -5.654  -2.645  8.770   1.00 55.13 ? 44  GLN B N   1 
ATOM   1124 C  CA  . GLN B 1 66  ? -6.899  -3.351  8.592   1.00 56.29 ? 44  GLN B CA  1 
ATOM   1125 C  C   . GLN B 1 66  ? -7.748  -2.649  7.579   1.00 56.79 ? 44  GLN B C   1 
ATOM   1126 O  O   . GLN B 1 66  ? -7.844  -1.421  7.619   1.00 55.98 ? 44  GLN B O   1 
ATOM   1127 C  CB  . GLN B 1 66  ? -7.663  -3.389  9.903   1.00 56.97 ? 44  GLN B CB  1 
ATOM   1128 C  CG  . GLN B 1 66  ? -8.984  -4.202  9.898   1.00 58.20 ? 44  GLN B CG  1 
ATOM   1129 C  CD  . GLN B 1 66  ? -9.407  -4.520  11.353  1.00 65.09 ? 44  GLN B CD  1 
ATOM   1130 O  OE1 . GLN B 1 66  ? -9.327  -3.647  12.239  1.00 62.51 ? 44  GLN B OE1 1 
ATOM   1131 N  NE2 . GLN B 1 66  ? -9.816  -5.787  11.618  1.00 68.12 ? 44  GLN B NE2 1 
ATOM   1132 N  N   . GLU B 1 67  ? -8.413  -3.430  6.715   1.00 57.59 ? 45  GLU B N   1 
ATOM   1133 C  CA  . GLU B 1 67  ? -9.260  -2.821  5.708   1.00 58.45 ? 45  GLU B CA  1 
ATOM   1134 C  C   . GLU B 1 67  ? -10.528 -2.292  6.338   1.00 59.09 ? 45  GLU B C   1 
ATOM   1135 O  O   . GLU B 1 67  ? -11.168 -2.967  7.129   1.00 59.92 ? 45  GLU B O   1 
ATOM   1136 C  CB  . GLU B 1 67  ? -9.548  -3.701  4.491   1.00 56.94 ? 45  GLU B CB  1 
ATOM   1137 C  CG  . GLU B 1 67  ? -10.561 -2.958  3.700   1.00 59.35 ? 45  GLU B CG  1 
ATOM   1138 C  CD  . GLU B 1 67  ? -10.743 -3.357  2.279   1.00 61.42 ? 45  GLU B CD  1 
ATOM   1139 O  OE1 . GLU B 1 67  ? -10.538 -4.533  1.995   1.00 63.62 ? 45  GLU B OE1 1 
ATOM   1140 O  OE2 . GLU B 1 67  ? -11.150 -2.485  1.446   1.00 63.14 ? 45  GLU B OE2 1 
ATOM   1141 N  N   . LEU B 1 68  ? -10.880 -1.071  5.981   1.00 60.70 ? 46  LEU B N   1 
ATOM   1142 C  CA  . LEU B 1 68  ? -12.047 -0.417  6.542   1.00 62.15 ? 46  LEU B CA  1 
ATOM   1143 C  C   . LEU B 1 68  ? -13.340 -1.166  6.333   1.00 64.79 ? 46  LEU B C   1 
ATOM   1144 O  O   . LEU B 1 68  ? -14.068 -1.435  7.287   1.00 66.11 ? 46  LEU B O   1 
ATOM   1145 C  CB  . LEU B 1 68  ? -12.188 0.981   5.985   1.00 61.25 ? 46  LEU B CB  1 
ATOM   1146 C  CG  . LEU B 1 68  ? -11.792 2.039   7.008   1.00 58.16 ? 46  LEU B CG  1 
ATOM   1147 C  CD1 . LEU B 1 68  ? -10.364 1.893   7.504   1.00 54.21 ? 46  LEU B CD1 1 
ATOM   1148 C  CD2 . LEU B 1 68  ? -12.066 3.359   6.387   1.00 54.22 ? 46  LEU B CD2 1 
ATOM   1149 N  N   . GLU B 1 69  ? -13.660 -1.534  5.110   1.00 67.35 ? 47  GLU B N   1 
ATOM   1150 C  CA  . GLU B 1 69  ? -14.907 -2.308  4.957   1.00 70.04 ? 47  GLU B CA  1 
ATOM   1151 C  C   . GLU B 1 69  ? -14.869 -3.658  5.788   1.00 71.16 ? 47  GLU B C   1 
ATOM   1152 O  O   . GLU B 1 69  ? -15.827 -3.973  6.514   1.00 71.13 ? 47  GLU B O   1 
ATOM   1153 C  CB  . GLU B 1 69  ? -15.285 -2.521  3.421   1.00 69.19 ? 47  GLU B CB  1 
ATOM   1154 N  N   . ASN B 1 70  ? -13.708 -4.355  5.750   1.00 72.14 ? 48  ASN B N   1 
ATOM   1155 C  CA  . ASN B 1 70  ? -13.535 -5.808  6.060   1.00 71.35 ? 48  ASN B CA  1 
ATOM   1156 C  C   . ASN B 1 70  ? -12.538 -6.122  7.161   1.00 70.51 ? 48  ASN B C   1 
ATOM   1157 O  O   . ASN B 1 70  ? -11.350 -6.218  6.893   1.00 70.78 ? 48  ASN B O   1 
ATOM   1158 C  CB  . ASN B 1 70  ? -13.009 -6.530  4.817   1.00 71.31 ? 48  ASN B CB  1 
ATOM   1159 C  CG  . ASN B 1 70  ? -13.770 -6.179  3.573   1.00 73.29 ? 48  ASN B CG  1 
ATOM   1160 O  OD1 . ASN B 1 70  ? -14.487 -5.180  3.548   1.00 74.56 ? 48  ASN B OD1 1 
ATOM   1161 N  ND2 . ASN B 1 70  ? -13.626 -6.991  2.519   1.00 74.20 ? 48  ASN B ND2 1 
ATOM   1162 N  N   . PRO B 1 71  ? -13.010 -6.378  8.377   1.00 69.81 ? 49  PRO B N   1 
ATOM   1163 C  CA  . PRO B 1 71  ? -12.095 -6.579  9.521   1.00 69.08 ? 49  PRO B CA  1 
ATOM   1164 C  C   . PRO B 1 71  ? -11.231 -7.839  9.453   1.00 68.57 ? 49  PRO B C   1 
ATOM   1165 O  O   . PRO B 1 71  ? -10.344 -8.040  10.285  1.00 67.85 ? 49  PRO B O   1 
ATOM   1166 C  CB  . PRO B 1 71  ? -13.046 -6.669  10.729  1.00 69.17 ? 49  PRO B CB  1 
ATOM   1167 C  CG  . PRO B 1 71  ? -14.359 -7.136  10.157  1.00 69.51 ? 49  PRO B CG  1 
ATOM   1168 C  CD  . PRO B 1 71  ? -14.426 -6.592  8.729   1.00 69.82 ? 49  PRO B CD  1 
ATOM   1169 N  N   . GLU B 1 72  ? -11.502 -8.704  8.492   1.00 68.24 ? 50  GLU B N   1 
ATOM   1170 C  CA  . GLU B 1 72  ? -10.673 -9.920  8.312   1.00 68.44 ? 50  GLU B CA  1 
ATOM   1171 C  C   . GLU B 1 72  ? -9.388  -9.721  7.449   1.00 66.68 ? 50  GLU B C   1 
ATOM   1172 O  O   . GLU B 1 72  ? -8.408  -10.460 7.591   1.00 65.55 ? 50  GLU B O   1 
ATOM   1173 C  CB  . GLU B 1 72  ? -11.557 -11.011 7.702   1.00 69.95 ? 50  GLU B CB  1 
ATOM   1174 C  CG  . GLU B 1 72  ? -12.981 -10.491 7.257   1.00 74.40 ? 50  GLU B CG  1 
ATOM   1175 C  CD  . GLU B 1 72  ? -13.126 -10.100 5.757   1.00 79.74 ? 50  GLU B CD  1 
ATOM   1176 O  OE1 . GLU B 1 72  ? -12.572 -10.783 4.841   1.00 80.57 ? 50  GLU B OE1 1 
ATOM   1177 O  OE2 . GLU B 1 72  ? -13.867 -9.116  5.496   1.00 82.25 ? 50  GLU B OE2 1 
ATOM   1178 N  N   . ILE B 1 73  ? -9.450  -8.749  6.530   1.00 64.54 ? 51  ILE B N   1 
ATOM   1179 C  CA  . ILE B 1 73  ? -8.341  -8.369  5.677   1.00 62.22 ? 51  ILE B CA  1 
ATOM   1180 C  C   . ILE B 1 73  ? -7.334  -7.529  6.494   1.00 61.28 ? 51  ILE B C   1 
ATOM   1181 O  O   . ILE B 1 73  ? -7.646  -6.396  6.883   1.00 61.12 ? 51  ILE B O   1 
ATOM   1182 C  CB  . ILE B 1 73  ? -8.848  -7.502  4.465   1.00 62.50 ? 51  ILE B CB  1 
ATOM   1183 C  CG1 . ILE B 1 73  ? -10.018 -8.156  3.707   1.00 60.63 ? 51  ILE B CG1 1 
ATOM   1184 C  CG2 . ILE B 1 73  ? -7.709  -7.100  3.550   1.00 59.20 ? 51  ILE B CG2 1 
ATOM   1185 C  CD1 . ILE B 1 73  ? -9.683  -9.460  2.978   1.00 59.86 ? 51  ILE B CD1 1 
ATOM   1186 N  N   . LEU B 1 74  ? -6.142  -8.097  6.722   1.00 59.34 ? 52  LEU B N   1 
ATOM   1187 C  CA  . LEU B 1 74  ? -5.007  -7.463  7.415   1.00 57.84 ? 52  LEU B CA  1 
ATOM   1188 C  C   . LEU B 1 74  ? -3.714  -7.421  6.541   1.00 56.60 ? 52  LEU B C   1 
ATOM   1189 O  O   . LEU B 1 74  ? -3.099  -8.452  6.203   1.00 56.27 ? 52  LEU B O   1 
ATOM   1190 C  CB  . LEU B 1 74  ? -4.728  -8.174  8.732   1.00 57.85 ? 52  LEU B CB  1 
ATOM   1191 C  CG  . LEU B 1 74  ? -5.392  -7.732  10.042  1.00 60.63 ? 52  LEU B CG  1 
ATOM   1192 C  CD1 . LEU B 1 74  ? -6.757  -7.116  9.885   1.00 61.93 ? 52  LEU B CD1 1 
ATOM   1193 C  CD2 . LEU B 1 74  ? -5.535  -8.911  10.912  1.00 60.36 ? 52  LEU B CD2 1 
ATOM   1194 N  N   . THR B 1 75  ? -3.311  -6.209  6.173   1.00 54.17 ? 53  THR B N   1 
ATOM   1195 C  CA  . THR B 1 75  ? -2.282  -6.049  5.202   1.00 51.21 ? 53  THR B CA  1 
ATOM   1196 C  C   . THR B 1 75  ? -1.035  -5.493  5.804   1.00 51.30 ? 53  THR B C   1 
ATOM   1197 O  O   . THR B 1 75  ? -1.045  -4.745  6.789   1.00 50.63 ? 53  THR B O   1 
ATOM   1198 C  CB  . THR B 1 75  ? -2.781  -5.186  4.115   1.00 51.35 ? 53  THR B CB  1 
ATOM   1199 O  OG1 . THR B 1 75  ? -3.896  -5.838  3.475   1.00 49.79 ? 53  THR B OG1 1 
ATOM   1200 C  CG2 . THR B 1 75  ? -1.708  -4.926  3.119   1.00 49.21 ? 53  THR B CG2 1 
HETATM 1201 N  N   . MSE B 1 76  ? 0.077   -5.896  5.238   1.00 51.54 ? 54  MSE B N   1 
HETATM 1202 C  CA  . MSE B 1 76  ? 1.326   -5.361  5.681   1.00 52.42 ? 54  MSE B CA  1 
HETATM 1203 C  C   . MSE B 1 76  ? 1.688   -4.338  4.627   1.00 51.86 ? 54  MSE B C   1 
HETATM 1204 O  O   . MSE B 1 76  ? 1.714   -4.667  3.418   1.00 51.66 ? 54  MSE B O   1 
HETATM 1205 C  CB  . MSE B 1 76  ? 2.315   -6.465  5.620   1.00 54.10 ? 54  MSE B CB  1 
HETATM 1206 C  CG  . MSE B 1 76  ? 3.462   -6.358  6.545   1.00 59.55 ? 54  MSE B CG  1 
HETATM 1207 SE SE  . MSE B 1 76  ? 2.833   -7.041  8.229   0.50 79.69 ? 54  MSE B SE  1 
HETATM 1208 C  CE  . MSE B 1 76  ? 1.318   -8.280  7.686   1.00 56.35 ? 54  MSE B CE  1 
ATOM   1209 N  N   . LEU B 1 77  ? 1.886   -3.098  5.070   1.00 50.16 ? 55  LEU B N   1 
ATOM   1210 C  CA  . LEU B 1 77  ? 2.392   -2.037  4.202   1.00 49.30 ? 55  LEU B CA  1 
ATOM   1211 C  C   . LEU B 1 77  ? 3.801   -1.705  4.575   1.00 49.34 ? 55  LEU B C   1 
ATOM   1212 O  O   . LEU B 1 77  ? 4.106   -1.480  5.754   1.00 49.60 ? 55  LEU B O   1 
ATOM   1213 C  CB  . LEU B 1 77  ? 1.520   -0.802  4.266   1.00 48.33 ? 55  LEU B CB  1 
ATOM   1214 C  CG  . LEU B 1 77  ? 0.066   -1.105  3.844   1.00 48.40 ? 55  LEU B CG  1 
ATOM   1215 C  CD1 . LEU B 1 77  ? -0.720  0.187   3.802   1.00 44.89 ? 55  LEU B CD1 1 
ATOM   1216 C  CD2 . LEU B 1 77  ? -0.099  -1.811  2.497   1.00 43.63 ? 55  LEU B CD2 1 
ATOM   1217 N  N   . GLU B 1 78  ? 4.683   -1.690  3.582   1.00 49.90 ? 56  GLU B N   1 
ATOM   1218 C  CA  . GLU B 1 78  ? 6.097   -1.512  3.871   1.00 52.01 ? 56  GLU B CA  1 
ATOM   1219 C  C   . GLU B 1 78  ? 6.916   -0.683  2.879   1.00 52.70 ? 56  GLU B C   1 
ATOM   1220 O  O   . GLU B 1 78  ? 6.637   -0.675  1.693   1.00 53.01 ? 56  GLU B O   1 
ATOM   1221 C  CB  . GLU B 1 78  ? 6.776   -2.864  3.987   1.00 52.85 ? 56  GLU B CB  1 
ATOM   1222 C  CG  . GLU B 1 78  ? 5.886   -4.020  4.310   1.00 56.84 ? 56  GLU B CG  1 
ATOM   1223 C  CD  . GLU B 1 78  ? 6.613   -5.352  4.237   1.00 61.16 ? 56  GLU B CD  1 
ATOM   1224 O  OE1 . GLU B 1 78  ? 5.938   -6.414  4.350   1.00 66.08 ? 56  GLU B OE1 1 
ATOM   1225 O  OE2 . GLU B 1 78  ? 7.853   -5.351  4.087   1.00 59.13 ? 56  GLU B OE2 1 
ATOM   1226 N  N   . GLU B 1 79  ? 7.975   -0.045  3.380   1.00 53.24 ? 57  GLU B N   1 
ATOM   1227 C  CA  . GLU B 1 79  ? 8.909   0.682   2.556   1.00 53.30 ? 57  GLU B CA  1 
ATOM   1228 C  C   . GLU B 1 79  ? 10.346  0.317   2.942   1.00 53.70 ? 57  GLU B C   1 
ATOM   1229 O  O   . GLU B 1 79  ? 10.682  0.358   4.128   1.00 53.38 ? 57  GLU B O   1 
ATOM   1230 C  CB  . GLU B 1 79  ? 8.672   2.117   2.821   1.00 52.75 ? 57  GLU B CB  1 
ATOM   1231 C  CG  . GLU B 1 79  ? 8.935   2.893   1.664   1.00 57.89 ? 57  GLU B CG  1 
ATOM   1232 C  CD  . GLU B 1 79  ? 8.668   4.370   1.873   1.00 65.33 ? 57  GLU B CD  1 
ATOM   1233 O  OE1 . GLU B 1 79  ? 7.846   4.774   2.769   1.00 67.07 ? 57  GLU B OE1 1 
ATOM   1234 O  OE2 . GLU B 1 79  ? 9.295   5.123   1.098   1.00 66.06 ? 57  GLU B OE2 1 
ATOM   1235 N  N   . TRP B 1 80  ? 11.155  -0.042  1.938   1.00 53.91 ? 58  TRP B N   1 
ATOM   1236 C  CA  . TRP B 1 80  ? 12.521  -0.499  2.058   1.00 55.48 ? 58  TRP B CA  1 
ATOM   1237 C  C   . TRP B 1 80  ? 13.451  0.391   1.196   1.00 57.79 ? 58  TRP B C   1 
ATOM   1238 O  O   . TRP B 1 80  ? 13.054  0.834   0.103   1.00 58.38 ? 58  TRP B O   1 
ATOM   1239 C  CB  . TRP B 1 80  ? 12.629  -1.948  1.595   1.00 55.31 ? 58  TRP B CB  1 
ATOM   1240 C  CG  . TRP B 1 80  ? 11.911  -2.862  2.545   1.00 59.05 ? 58  TRP B CG  1 
ATOM   1241 C  CD1 . TRP B 1 80  ? 10.586  -3.269  2.465   1.00 58.69 ? 58  TRP B CD1 1 
ATOM   1242 C  CD2 . TRP B 1 80  ? 12.417  -3.421  3.779   1.00 60.09 ? 58  TRP B CD2 1 
ATOM   1243 N  NE1 . TRP B 1 80  ? 10.269  -4.046  3.547   1.00 56.54 ? 58  TRP B NE1 1 
ATOM   1244 C  CE2 . TRP B 1 80  ? 11.359  -4.159  4.371   1.00 58.53 ? 58  TRP B CE2 1 
ATOM   1245 C  CE3 . TRP B 1 80  ? 13.659  -3.376  4.441   1.00 62.13 ? 58  TRP B CE3 1 
ATOM   1246 C  CZ2 . TRP B 1 80  ? 11.502  -4.847  5.604   1.00 59.46 ? 58  TRP B CZ2 1 
ATOM   1247 C  CZ3 . TRP B 1 80  ? 13.794  -4.073  5.679   1.00 62.36 ? 58  TRP B CZ3 1 
ATOM   1248 C  CH2 . TRP B 1 80  ? 12.721  -4.802  6.228   1.00 60.32 ? 58  TRP B CH2 1 
ATOM   1249 N  N   . LYS B 1 81  ? 14.674  0.674   1.657   1.00 58.53 ? 59  LYS B N   1 
ATOM   1250 C  CA  . LYS B 1 81  ? 15.548  1.542   0.872   1.00 60.31 ? 59  LYS B CA  1 
ATOM   1251 C  C   . LYS B 1 81  ? 15.871  0.925   -0.528  1.00 61.06 ? 59  LYS B C   1 
ATOM   1252 O  O   . LYS B 1 81  ? 16.045  1.656   -1.513  1.00 60.95 ? 59  LYS B O   1 
ATOM   1253 C  CB  . LYS B 1 81  ? 16.826  1.992   1.666   1.00 60.60 ? 59  LYS B CB  1 
ATOM   1254 N  N   . ASP B 1 82  ? 15.892  -0.405  -0.623  1.00 61.94 ? 60  ASP B N   1 
ATOM   1255 C  CA  . ASP B 1 82  ? 16.230  -1.088  -1.903  1.00 63.52 ? 60  ASP B CA  1 
ATOM   1256 C  C   . ASP B 1 82  ? 15.901  -2.575  -1.850  1.00 63.92 ? 60  ASP B C   1 
ATOM   1257 O  O   . ASP B 1 82  ? 15.633  -3.117  -0.763  1.00 63.06 ? 60  ASP B O   1 
ATOM   1258 C  CB  . ASP B 1 82  ? 17.726  -0.920  -2.286  1.00 63.85 ? 60  ASP B CB  1 
ATOM   1259 C  CG  . ASP B 1 82  ? 18.730  -1.288  -1.112  1.00 66.17 ? 60  ASP B CG  1 
ATOM   1260 O  OD1 . ASP B 1 82  ? 18.535  -2.285  -0.345  1.00 68.38 ? 60  ASP B OD1 1 
ATOM   1261 O  OD2 . ASP B 1 82  ? 19.745  -0.566  -0.960  1.00 66.62 ? 60  ASP B OD2 1 
ATOM   1262 N  N   . GLU B 1 83  ? 15.993  -3.227  -3.015  1.00 64.97 ? 61  GLU B N   1 
ATOM   1263 C  CA  . GLU B 1 83  ? 15.700  -4.655  -3.168  1.00 66.86 ? 61  GLU B CA  1 
ATOM   1264 C  C   . GLU B 1 83  ? 16.475  -5.524  -2.203  1.00 67.09 ? 61  GLU B C   1 
ATOM   1265 O  O   . GLU B 1 83  ? 15.895  -6.373  -1.496  1.00 67.67 ? 61  GLU B O   1 
ATOM   1266 C  CB  . GLU B 1 83  ? 16.013  -5.093  -4.580  1.00 67.50 ? 61  GLU B CB  1 
ATOM   1267 C  CG  . GLU B 1 83  ? 14.856  -5.859  -5.258  1.00 72.89 ? 61  GLU B CG  1 
ATOM   1268 C  CD  . GLU B 1 83  ? 14.875  -5.706  -6.806  1.00 78.73 ? 61  GLU B CD  1 
ATOM   1269 O  OE1 . GLU B 1 83  ? 14.954  -6.772  -7.480  1.00 82.23 ? 61  GLU B OE1 1 
ATOM   1270 O  OE2 . GLU B 1 83  ? 14.822  -4.545  -7.346  1.00 78.05 ? 61  GLU B OE2 1 
ATOM   1271 N  N   . GLY B 1 84  ? 17.790  -5.287  -2.185  1.00 67.31 ? 62  GLY B N   1 
ATOM   1272 C  CA  . GLY B 1 84  ? 18.737  -5.987  -1.335  1.00 66.24 ? 62  GLY B CA  1 
ATOM   1273 C  C   . GLY B 1 84  ? 18.194  -5.982  0.069   1.00 66.27 ? 62  GLY B C   1 
ATOM   1274 O  O   . GLY B 1 84  ? 18.091  -7.049  0.680   1.00 66.85 ? 62  GLY B O   1 
ATOM   1275 N  N   . SER B 1 85  ? 17.804  -4.807  0.590   1.00 65.07 ? 63  SER B N   1 
ATOM   1276 C  CA  . SER B 1 85  ? 17.315  -4.754  1.984   1.00 63.62 ? 63  SER B CA  1 
ATOM   1277 C  C   . SER B 1 85  ? 16.145  -5.701  2.211   1.00 63.47 ? 63  SER B C   1 
ATOM   1278 O  O   . SER B 1 85  ? 16.071  -6.379  3.254   1.00 62.81 ? 63  SER B O   1 
ATOM   1279 C  CB  . SER B 1 85  ? 16.936  -3.339  2.413   1.00 63.01 ? 63  SER B CB  1 
ATOM   1280 O  OG  . SER B 1 85  ? 17.913  -2.441  1.980   1.00 59.99 ? 63  SER B OG  1 
ATOM   1281 N  N   . LEU B 1 86  ? 15.249  -5.749  1.222   1.00 63.32 ? 64  LEU B N   1 
ATOM   1282 C  CA  . LEU B 1 86  ? 14.090  -6.561  1.337   1.00 63.62 ? 64  LEU B CA  1 
ATOM   1283 C  C   . LEU B 1 86  ? 14.484  -8.028  1.278   1.00 65.77 ? 64  LEU B C   1 
ATOM   1284 O  O   . LEU B 1 86  ? 14.031  -8.812  2.117   1.00 66.73 ? 64  LEU B O   1 
ATOM   1285 C  CB  . LEU B 1 86  ? 13.116  -6.187  0.275   1.00 62.63 ? 64  LEU B CB  1 
ATOM   1286 C  CG  . LEU B 1 86  ? 11.895  -7.076  0.243   1.00 59.77 ? 64  LEU B CG  1 
ATOM   1287 C  CD1 . LEU B 1 86  ? 11.052  -6.796  1.452   1.00 59.92 ? 64  LEU B CD1 1 
ATOM   1288 C  CD2 . LEU B 1 86  ? 11.160  -6.735  -0.993  1.00 54.63 ? 64  LEU B CD2 1 
ATOM   1289 N  N   . ASP B 1 87  ? 15.368  -8.398  0.350   1.00 67.37 ? 65  ASP B N   1 
ATOM   1290 C  CA  . ASP B 1 87  ? 15.987  -9.734  0.385   1.00 69.51 ? 65  ASP B CA  1 
ATOM   1291 C  C   . ASP B 1 87  ? 16.523  -10.189 1.745   1.00 69.14 ? 65  ASP B C   1 
ATOM   1292 O  O   . ASP B 1 87  ? 16.239  -11.301 2.177   1.00 69.50 ? 65  ASP B O   1 
ATOM   1293 C  CB  . ASP B 1 87  ? 17.096  -9.836  -0.647  1.00 70.85 ? 65  ASP B CB  1 
ATOM   1294 C  CG  . ASP B 1 87  ? 16.559  -10.107 -2.046  1.00 77.19 ? 65  ASP B CG  1 
ATOM   1295 O  OD1 . ASP B 1 87  ? 16.884  -9.291  -2.972  1.00 82.35 ? 65  ASP B OD1 1 
ATOM   1296 O  OD2 . ASP B 1 87  ? 15.810  -11.138 -2.212  1.00 82.30 ? 65  ASP B OD2 1 
ATOM   1297 N  N   . GLN B 1 88  ? 17.310  -9.342  2.397   1.00 69.04 ? 66  GLN B N   1 
ATOM   1298 C  CA  . GLN B 1 88  ? 17.750  -9.592  3.762   1.00 70.21 ? 66  GLN B CA  1 
ATOM   1299 C  C   . GLN B 1 88  ? 16.546  -9.861  4.665   1.00 69.57 ? 66  GLN B C   1 
ATOM   1300 O  O   . GLN B 1 88  ? 16.487  -10.908 5.339   1.00 70.17 ? 66  GLN B O   1 
ATOM   1301 C  CB  . GLN B 1 88  ? 18.525  -8.396  4.344   1.00 71.25 ? 66  GLN B CB  1 
ATOM   1302 C  CG  . GLN B 1 88  ? 20.038  -8.558  4.517   1.00 76.34 ? 66  GLN B CG  1 
ATOM   1303 C  CD  . GLN B 1 88  ? 20.772  -7.185  4.492   1.00 84.78 ? 66  GLN B CD  1 
ATOM   1304 O  OE1 . GLN B 1 88  ? 21.350  -6.750  5.504   1.00 86.66 ? 66  GLN B OE1 1 
ATOM   1305 N  NE2 . GLN B 1 88  ? 20.736  -6.497  3.323   1.00 85.48 ? 66  GLN B NE2 1 
ATOM   1306 N  N   . HIS B 1 89  ? 15.599  -8.920  4.690   1.00 67.97 ? 67  HIS B N   1 
ATOM   1307 C  CA  . HIS B 1 89  ? 14.440  -9.028  5.556   1.00 66.32 ? 67  HIS B CA  1 
ATOM   1308 C  C   . HIS B 1 89  ? 13.707  -10.370 5.431   1.00 66.24 ? 67  HIS B C   1 
ATOM   1309 O  O   . HIS B 1 89  ? 13.367  -11.007 6.441   1.00 65.28 ? 67  HIS B O   1 
ATOM   1310 C  CB  . HIS B 1 89  ? 13.477  -7.905  5.263   1.00 65.86 ? 67  HIS B CB  1 
ATOM   1311 C  CG  . HIS B 1 89  ? 12.105  -8.159  5.778   1.00 62.11 ? 67  HIS B CG  1 
ATOM   1312 N  ND1 . HIS B 1 89  ? 11.812  -8.170  7.120   1.00 60.12 ? 67  HIS B ND1 1 
ATOM   1313 C  CD2 . HIS B 1 89  ? 10.939  -8.411  5.135   1.00 58.40 ? 67  HIS B CD2 1 
ATOM   1314 C  CE1 . HIS B 1 89  ? 10.521  -8.414  7.289   1.00 57.26 ? 67  HIS B CE1 1 
ATOM   1315 N  NE2 . HIS B 1 89  ? 9.966   -8.546  6.097   1.00 56.69 ? 67  HIS B NE2 1 
ATOM   1316 N  N   . ILE B 1 90  ? 13.462  -10.817 4.205   1.00 65.98 ? 68  ILE B N   1 
ATOM   1317 C  CA  . ILE B 1 90  ? 12.722  -12.061 4.087   1.00 66.29 ? 68  ILE B CA  1 
ATOM   1318 C  C   . ILE B 1 90  ? 13.629  -13.271 4.311   1.00 67.51 ? 68  ILE B C   1 
ATOM   1319 O  O   . ILE B 1 90  ? 13.186  -14.427 4.204   1.00 68.57 ? 68  ILE B O   1 
ATOM   1320 C  CB  . ILE B 1 90  ? 11.941  -12.182 2.801   1.00 65.19 ? 68  ILE B CB  1 
ATOM   1321 C  CG1 . ILE B 1 90  ? 12.888  -12.172 1.628   1.00 66.02 ? 68  ILE B CG1 1 
ATOM   1322 C  CG2 . ILE B 1 90  ? 10.955  -11.066 2.688   1.00 63.68 ? 68  ILE B CG2 1 
ATOM   1323 C  CD1 . ILE B 1 90  ? 12.644  -13.292 0.684   1.00 64.68 ? 68  ILE B CD1 1 
ATOM   1324 N  N   . ARG B 1 91  ? 14.886  -13.010 4.644   1.00 67.82 ? 69  ARG B N   1 
ATOM   1325 C  CA  . ARG B 1 91  ? 15.776  -14.075 5.073   1.00 68.94 ? 69  ARG B CA  1 
ATOM   1326 C  C   . ARG B 1 91  ? 16.120  -14.021 6.579   1.00 69.61 ? 69  ARG B C   1 
ATOM   1327 O  O   . ARG B 1 91  ? 16.612  -14.996 7.139   1.00 70.37 ? 69  ARG B O   1 
ATOM   1328 C  CB  . ARG B 1 91  ? 17.011  -14.098 4.178   1.00 68.96 ? 69  ARG B CB  1 
ATOM   1329 C  CG  . ARG B 1 91  ? 16.633  -14.674 2.827   1.00 71.29 ? 69  ARG B CG  1 
ATOM   1330 C  CD  . ARG B 1 91  ? 17.624  -14.485 1.725   1.00 74.89 ? 69  ARG B CD  1 
ATOM   1331 N  NE  . ARG B 1 91  ? 17.315  -15.417 0.631   1.00 80.20 ? 69  ARG B NE  1 
ATOM   1332 C  CZ  . ARG B 1 91  ? 16.702  -15.103 -0.522  1.00 83.32 ? 69  ARG B CZ  1 
ATOM   1333 N  NH1 . ARG B 1 91  ? 16.297  -13.858 -0.804  1.00 84.85 ? 69  ARG B NH1 1 
ATOM   1334 N  NH2 . ARG B 1 91  ? 16.490  -16.052 -1.419  1.00 84.65 ? 69  ARG B NH2 1 
ATOM   1335 N  N   . SER B 1 92  ? 15.838  -12.900 7.248   1.00 69.48 ? 70  SER B N   1 
ATOM   1336 C  CA  . SER B 1 92  ? 16.098  -12.779 8.672   1.00 69.23 ? 70  SER B CA  1 
ATOM   1337 C  C   . SER B 1 92  ? 15.548  -13.964 9.486   1.00 69.44 ? 70  SER B C   1 
ATOM   1338 O  O   . SER B 1 92  ? 14.658  -14.693 9.036   1.00 69.05 ? 70  SER B O   1 
ATOM   1339 C  CB  . SER B 1 92  ? 15.555  -11.438 9.190   1.00 69.20 ? 70  SER B CB  1 
ATOM   1340 O  OG  . SER B 1 92  ? 14.127  -11.433 9.293   1.00 69.79 ? 70  SER B OG  1 
ATOM   1341 N  N   . ASP B 1 93  ? 16.085  -14.138 10.693  1.00 70.40 ? 71  ASP B N   1 
ATOM   1342 C  CA  . ASP B 1 93  ? 15.584  -15.136 11.659  1.00 71.06 ? 71  ASP B CA  1 
ATOM   1343 C  C   . ASP B 1 93  ? 14.111  -14.940 11.997  1.00 70.69 ? 71  ASP B C   1 
ATOM   1344 O  O   . ASP B 1 93  ? 13.278  -15.877 11.858  1.00 70.71 ? 71  ASP B O   1 
ATOM   1345 C  CB  . ASP B 1 93  ? 16.445  -15.162 12.936  1.00 71.50 ? 71  ASP B CB  1 
ATOM   1346 C  CG  . ASP B 1 93  ? 17.956  -15.536 12.644  1.00 76.43 ? 71  ASP B CG  1 
ATOM   1347 O  OD1 . ASP B 1 93  ? 18.253  -16.332 11.698  1.00 80.25 ? 71  ASP B OD1 1 
ATOM   1348 O  OD2 . ASP B 1 93  ? 18.859  -15.028 13.358  1.00 79.02 ? 71  ASP B OD2 1 
ATOM   1349 N  N   . HIS B 1 94  ? 13.770  -13.730 12.434  1.00 69.79 ? 72  HIS B N   1 
ATOM   1350 C  CA  . HIS B 1 94  ? 12.393  -13.467 12.857  1.00 68.84 ? 72  HIS B CA  1 
ATOM   1351 C  C   . HIS B 1 94  ? 11.414  -13.632 11.679  1.00 68.00 ? 72  HIS B C   1 
ATOM   1352 O  O   . HIS B 1 94  ? 10.275  -14.120 11.837  1.00 67.51 ? 72  HIS B O   1 
ATOM   1353 C  CB  . HIS B 1 94  ? 12.270  -12.097 13.539  1.00 69.10 ? 72  HIS B CB  1 
ATOM   1354 C  CG  . HIS B 1 94  ? 12.792  -10.957 12.717  1.00 70.31 ? 72  HIS B CG  1 
ATOM   1355 N  ND1 . HIS B 1 94  ? 14.141  -10.767 12.469  1.00 71.32 ? 72  HIS B ND1 1 
ATOM   1356 C  CD2 . HIS B 1 94  ? 12.147  -9.950  12.077  1.00 69.98 ? 72  HIS B CD2 1 
ATOM   1357 C  CE1 . HIS B 1 94  ? 14.303  -9.686  11.725  1.00 70.39 ? 72  HIS B CE1 1 
ATOM   1358 N  NE2 . HIS B 1 94  ? 13.109  -9.178  11.469  1.00 72.12 ? 72  HIS B NE2 1 
ATOM   1359 N  N   . PHE B 1 95  ? 11.852  -13.278 10.476  1.00 66.82 ? 73  PHE B N   1 
ATOM   1360 C  CA  . PHE B 1 95  ? 10.945  -13.518 9.377   1.00 65.78 ? 73  PHE B CA  1 
ATOM   1361 C  C   . PHE B 1 95  ? 10.748  -15.031 9.202   1.00 65.19 ? 73  PHE B C   1 
ATOM   1362 O  O   . PHE B 1 95  ? 9.616   -15.516 9.123   1.00 64.66 ? 73  PHE B O   1 
ATOM   1363 C  CB  . PHE B 1 95  ? 11.393  -12.850 8.077   1.00 65.86 ? 73  PHE B CB  1 
ATOM   1364 C  CG  . PHE B 1 95  ? 10.393  -13.000 7.004   1.00 65.32 ? 73  PHE B CG  1 
ATOM   1365 C  CD1 . PHE B 1 95  ? 9.207   -12.292 7.055   1.00 62.82 ? 73  PHE B CD1 1 
ATOM   1366 C  CD2 . PHE B 1 95  ? 10.579  -13.945 5.992   1.00 67.54 ? 73  PHE B CD2 1 
ATOM   1367 C  CE1 . PHE B 1 95  ? 8.225   -12.481 6.075   1.00 65.23 ? 73  PHE B CE1 1 
ATOM   1368 C  CE2 . PHE B 1 95  ? 9.594   -14.160 4.996   1.00 67.05 ? 73  PHE B CE2 1 
ATOM   1369 C  CZ  . PHE B 1 95  ? 8.406   -13.415 5.046   1.00 65.02 ? 73  PHE B CZ  1 
ATOM   1370 N  N   . LYS B 1 96  ? 11.864  -15.764 9.183   1.00 64.56 ? 74  LYS B N   1 
ATOM   1371 C  CA  . LYS B 1 96  ? 11.824  -17.202 8.983   1.00 63.94 ? 74  LYS B CA  1 
ATOM   1372 C  C   . LYS B 1 96  ? 11.089  -17.887 10.136  1.00 63.48 ? 74  LYS B C   1 
ATOM   1373 O  O   . LYS B 1 96  ? 10.410  -18.908 9.922   1.00 64.10 ? 74  LYS B O   1 
ATOM   1374 C  CB  . LYS B 1 96  ? 13.221  -17.794 8.647   1.00 64.06 ? 74  LYS B CB  1 
ATOM   1375 N  N   . GLU B 1 97  ? 11.135  -17.288 11.323  1.00 62.93 ? 75  GLU B N   1 
ATOM   1376 C  CA  . GLU B 1 97  ? 10.454  -17.877 12.484  1.00 62.80 ? 75  GLU B CA  1 
ATOM   1377 C  C   . GLU B 1 97  ? 8.944   -17.635 12.526  1.00 62.84 ? 75  GLU B C   1 
ATOM   1378 O  O   . GLU B 1 97  ? 8.186   -18.511 12.986  1.00 62.92 ? 75  GLU B O   1 
ATOM   1379 C  CB  . GLU B 1 97  ? 11.106  -17.434 13.818  1.00 63.38 ? 75  GLU B CB  1 
ATOM   1380 N  N   . ILE B 1 98  ? 8.499   -16.458 12.050  1.00 62.38 ? 76  ILE B N   1 
ATOM   1381 C  CA  . ILE B 1 98  ? 7.131   -16.011 12.315  1.00 61.43 ? 76  ILE B CA  1 
ATOM   1382 C  C   . ILE B 1 98  ? 6.232   -16.121 11.078  1.00 62.00 ? 76  ILE B C   1 
ATOM   1383 O  O   . ILE B 1 98  ? 4.999   -16.388 11.153  1.00 60.50 ? 76  ILE B O   1 
ATOM   1384 C  CB  . ILE B 1 98  ? 7.166   -14.589 12.871  1.00 61.69 ? 76  ILE B CB  1 
ATOM   1385 C  CG1 . ILE B 1 98  ? 8.219   -14.497 13.962  1.00 60.85 ? 76  ILE B CG1 1 
ATOM   1386 C  CG2 . ILE B 1 98  ? 5.844   -14.185 13.433  1.00 60.27 ? 76  ILE B CG2 1 
ATOM   1387 C  CD1 . ILE B 1 98  ? 8.657   -13.103 14.244  1.00 63.74 ? 76  ILE B CD1 1 
ATOM   1388 N  N   . PHE B 1 99  ? 6.866   -15.952 9.928   1.00 62.68 ? 77  PHE B N   1 
ATOM   1389 C  CA  . PHE B 1 99  ? 6.112   -16.005 8.706   1.00 64.77 ? 77  PHE B CA  1 
ATOM   1390 C  C   . PHE B 1 99  ? 5.282   -17.287 8.605   1.00 66.10 ? 77  PHE B C   1 
ATOM   1391 O  O   . PHE B 1 99  ? 4.078   -17.198 8.443   1.00 66.46 ? 77  PHE B O   1 
ATOM   1392 C  CB  . PHE B 1 99  ? 6.985   -15.772 7.481   1.00 64.75 ? 77  PHE B CB  1 
ATOM   1393 C  CG  . PHE B 1 99  ? 6.205   -15.717 6.219   1.00 65.38 ? 77  PHE B CG  1 
ATOM   1394 C  CD1 . PHE B 1 99  ? 5.303   -14.666 5.989   1.00 66.49 ? 77  PHE B CD1 1 
ATOM   1395 C  CD2 . PHE B 1 99  ? 6.352   -16.716 5.259   1.00 64.76 ? 77  PHE B CD2 1 
ATOM   1396 C  CE1 . PHE B 1 99  ? 4.543   -14.604 4.790   1.00 66.54 ? 77  PHE B CE1 1 
ATOM   1397 C  CE2 . PHE B 1 99  ? 5.621   -16.690 4.068   1.00 64.62 ? 77  PHE B CE2 1 
ATOM   1398 C  CZ  . PHE B 1 99  ? 4.700   -15.625 3.824   1.00 66.52 ? 77  PHE B CZ  1 
ATOM   1399 N  N   . PRO B 1 100 ? 5.914   -18.483 8.763   1.00 67.94 ? 78  PRO B N   1 
ATOM   1400 C  CA  . PRO B 1 100 ? 5.102   -19.706 8.742   1.00 68.36 ? 78  PRO B CA  1 
ATOM   1401 C  C   . PRO B 1 100 ? 3.998   -19.734 9.825   1.00 69.11 ? 78  PRO B C   1 
ATOM   1402 O  O   . PRO B 1 100 ? 2.879   -20.227 9.541   1.00 69.57 ? 78  PRO B O   1 
ATOM   1403 C  CB  . PRO B 1 100 ? 6.135   -20.819 8.961   1.00 69.33 ? 78  PRO B CB  1 
ATOM   1404 C  CG  . PRO B 1 100 ? 7.512   -20.164 8.656   1.00 69.33 ? 78  PRO B CG  1 
ATOM   1405 C  CD  . PRO B 1 100 ? 7.344   -18.765 9.068   1.00 67.72 ? 78  PRO B CD  1 
ATOM   1406 N  N   . LEU B 1 101 ? 4.262   -19.193 11.021  1.00 68.72 ? 79  LEU B N   1 
ATOM   1407 C  CA  . LEU B 1 101 ? 3.210   -19.182 12.051  1.00 69.26 ? 79  LEU B CA  1 
ATOM   1408 C  C   . LEU B 1 101 ? 2.038   -18.290 11.665  1.00 70.29 ? 79  LEU B C   1 
ATOM   1409 O  O   . LEU B 1 101 ? 0.861   -18.609 11.982  1.00 70.98 ? 79  LEU B O   1 
ATOM   1410 C  CB  . LEU B 1 101 ? 3.726   -18.810 13.446  1.00 69.45 ? 79  LEU B CB  1 
ATOM   1411 C  CG  . LEU B 1 101 ? 5.008   -19.447 14.067  1.00 69.51 ? 79  LEU B CG  1 
ATOM   1412 C  CD1 . LEU B 1 101 ? 5.184   -18.952 15.509  1.00 67.97 ? 79  LEU B CD1 1 
ATOM   1413 C  CD2 . LEU B 1 101 ? 5.064   -20.981 14.019  1.00 67.06 ? 79  LEU B CD2 1 
ATOM   1414 N  N   . LEU B 1 102 ? 2.353   -17.184 10.974  1.00 70.36 ? 80  LEU B N   1 
ATOM   1415 C  CA  . LEU B 1 102 ? 1.339   -16.290 10.420  1.00 69.79 ? 80  LEU B CA  1 
ATOM   1416 C  C   . LEU B 1 102 ? 0.431   -17.042 9.504   1.00 70.54 ? 80  LEU B C   1 
ATOM   1417 O  O   . LEU B 1 102 ? -0.791  -16.946 9.649   1.00 70.61 ? 80  LEU B O   1 
ATOM   1418 C  CB  . LEU B 1 102 ? 1.987   -15.177 9.610   1.00 69.67 ? 80  LEU B CB  1 
ATOM   1419 C  CG  . LEU B 1 102 ? 2.143   -13.758 10.150  1.00 68.78 ? 80  LEU B CG  1 
ATOM   1420 C  CD1 . LEU B 1 102 ? 1.661   -13.528 11.603  1.00 66.14 ? 80  LEU B CD1 1 
ATOM   1421 C  CD2 . LEU B 1 102 ? 3.596   -13.306 9.953   1.00 68.94 ? 80  LEU B CD2 1 
ATOM   1422 N  N   . SER B 1 103 ? 1.003   -17.803 8.568   1.00 71.20 ? 81  SER B N   1 
ATOM   1423 C  CA  . SER B 1 103 ? 0.149   -18.521 7.600   1.00 73.42 ? 81  SER B CA  1 
ATOM   1424 C  C   . SER B 1 103 ? -0.805  -19.596 8.184   1.00 73.84 ? 81  SER B C   1 
ATOM   1425 O  O   . SER B 1 103 ? -1.772  -19.978 7.526   1.00 72.84 ? 81  SER B O   1 
ATOM   1426 C  CB  . SER B 1 103 ? 0.976   -19.119 6.479   1.00 73.55 ? 81  SER B CB  1 
ATOM   1427 O  OG  . SER B 1 103 ? 1.601   -20.272 6.952   1.00 75.41 ? 81  SER B OG  1 
ATOM   1428 N  N   . GLU B 1 104 ? -0.495  -20.077 9.396   1.00 75.27 ? 82  GLU B N   1 
ATOM   1429 C  CA  . GLU B 1 104 ? -1.430  -20.842 10.233  1.00 76.68 ? 82  GLU B CA  1 
ATOM   1430 C  C   . GLU B 1 104 ? -2.802  -20.176 10.357  1.00 76.56 ? 82  GLU B C   1 
ATOM   1431 O  O   . GLU B 1 104 ? -3.840  -20.880 10.522  1.00 76.12 ? 82  GLU B O   1 
ATOM   1432 C  CB  . GLU B 1 104 ? -0.862  -21.081 11.640  1.00 77.10 ? 82  GLU B CB  1 
ATOM   1433 C  CG  . GLU B 1 104 ? 0.076   -22.298 11.745  1.00 81.20 ? 82  GLU B CG  1 
ATOM   1434 C  CD  . GLU B 1 104 ? -0.485  -23.549 11.021  1.00 89.00 ? 82  GLU B CD  1 
ATOM   1435 O  OE1 . GLU B 1 104 ? 0.229   -24.075 10.108  1.00 90.02 ? 82  GLU B OE1 1 
ATOM   1436 O  OE2 . GLU B 1 104 ? -1.636  -23.986 11.344  1.00 90.06 ? 82  GLU B OE2 1 
ATOM   1437 N  N   . CYS B 1 105 ? -2.815  -18.838 10.247  1.00 75.67 ? 83  CYS B N   1 
ATOM   1438 C  CA  . CYS B 1 105 ? -4.030  -18.071 10.538  1.00 74.82 ? 83  CYS B CA  1 
ATOM   1439 C  C   . CYS B 1 105 ? -4.910  -17.725 9.319   1.00 74.43 ? 83  CYS B C   1 
ATOM   1440 O  O   . CYS B 1 105 ? -6.036  -17.263 9.465   1.00 74.26 ? 83  CYS B O   1 
ATOM   1441 C  CB  . CYS B 1 105 ? -3.673  -16.839 11.351  1.00 74.63 ? 83  CYS B CB  1 
ATOM   1442 S  SG  . CYS B 1 105 ? -2.339  -17.068 12.640  1.00 75.43 ? 83  CYS B SG  1 
ATOM   1443 N  N   . LEU B 1 106 ? -4.421  -18.026 8.131   1.00 74.22 ? 84  LEU B N   1 
ATOM   1444 C  CA  . LEU B 1 106 ? -5.000  -17.519 6.910   1.00 75.47 ? 84  LEU B CA  1 
ATOM   1445 C  C   . LEU B 1 106 ? -6.059  -18.395 6.284   1.00 76.65 ? 84  LEU B C   1 
ATOM   1446 O  O   . LEU B 1 106 ? -6.089  -19.576 6.556   1.00 77.07 ? 84  LEU B O   1 
ATOM   1447 C  CB  . LEU B 1 106 ? -3.893  -17.362 5.893   1.00 74.83 ? 84  LEU B CB  1 
ATOM   1448 C  CG  . LEU B 1 106 ? -3.115  -16.062 5.947   1.00 75.97 ? 84  LEU B CG  1 
ATOM   1449 C  CD1 . LEU B 1 106 ? -3.191  -15.329 7.317   1.00 72.47 ? 84  LEU B CD1 1 
ATOM   1450 C  CD2 . LEU B 1 106 ? -1.693  -16.362 5.483   1.00 75.78 ? 84  LEU B CD2 1 
ATOM   1451 N  N   . ASP B 1 107 ? -6.896  -17.827 5.403   1.00 77.92 ? 85  ASP B N   1 
ATOM   1452 C  CA  . ASP B 1 107 ? -7.790  -18.634 4.551   1.00 78.85 ? 85  ASP B CA  1 
ATOM   1453 C  C   . ASP B 1 107 ? -7.237  -18.894 3.154   1.00 78.47 ? 85  ASP B C   1 
ATOM   1454 O  O   . ASP B 1 107 ? -7.603  -19.891 2.525   1.00 78.89 ? 85  ASP B O   1 
ATOM   1455 C  CB  . ASP B 1 107 ? -9.178  -18.025 4.460   1.00 79.49 ? 85  ASP B CB  1 
ATOM   1456 C  CG  . ASP B 1 107 ? -10.014 -18.284 5.733   1.00 84.93 ? 85  ASP B CG  1 
ATOM   1457 O  OD1 . ASP B 1 107 ? -9.819  -19.344 6.394   1.00 88.97 ? 85  ASP B OD1 1 
ATOM   1458 O  OD2 . ASP B 1 107 ? -10.869 -17.427 6.090   1.00 89.51 ? 85  ASP B OD2 1 
ATOM   1459 N  N   . LYS B 1 108 ? -6.374  -17.994 2.674   1.00 77.26 ? 86  LYS B N   1 
ATOM   1460 C  CA  . LYS B 1 108 ? -5.632  -18.208 1.446   1.00 75.33 ? 86  LYS B CA  1 
ATOM   1461 C  C   . LYS B 1 108 ? -4.152  -17.972 1.680   1.00 75.42 ? 86  LYS B C   1 
ATOM   1462 O  O   . LYS B 1 108 ? -3.751  -17.524 2.775   1.00 75.36 ? 86  LYS B O   1 
ATOM   1463 C  CB  . LYS B 1 108 ? -6.147  -17.333 0.280   1.00 75.12 ? 86  LYS B CB  1 
ATOM   1464 C  CG  . LYS B 1 108 ? -7.276  -16.317 0.547   1.00 72.91 ? 86  LYS B CG  1 
ATOM   1465 C  CD  . LYS B 1 108 ? -7.687  -15.642 -0.777  1.00 68.36 ? 86  LYS B CD  1 
ATOM   1466 N  N   . GLU B 1 109 ? -3.337  -18.300 0.662   1.00 75.00 ? 87  GLU B N   1 
ATOM   1467 C  CA  . GLU B 1 109 ? -1.933  -17.861 0.622   1.00 73.64 ? 87  GLU B CA  1 
ATOM   1468 C  C   . GLU B 1 109 ? -2.021  -16.341 0.558   1.00 72.87 ? 87  GLU B C   1 
ATOM   1469 O  O   . GLU B 1 109 ? -2.856  -15.799 -0.183  1.00 72.38 ? 87  GLU B O   1 
ATOM   1470 C  CB  . GLU B 1 109 ? -1.167  -18.394 -0.604  1.00 73.76 ? 87  GLU B CB  1 
ATOM   1471 N  N   . THR B 1 110 ? -1.180  -15.688 1.371   1.00 71.29 ? 88  THR B N   1 
ATOM   1472 C  CA  . THR B 1 110 ? -1.058  -14.252 1.467   1.00 69.20 ? 88  THR B CA  1 
ATOM   1473 C  C   . THR B 1 110 ? -0.608  -13.643 0.136   1.00 67.87 ? 88  THR B C   1 
ATOM   1474 O  O   . THR B 1 110 ? 0.331   -14.119 -0.504  1.00 67.41 ? 88  THR B O   1 
ATOM   1475 C  CB  . THR B 1 110 ? -0.078  -13.898 2.589   1.00 69.22 ? 88  THR B CB  1 
ATOM   1476 O  OG1 . THR B 1 110 ? 0.235   -12.500 2.539   1.00 72.24 ? 88  THR B OG1 1 
ATOM   1477 C  CG2 . THR B 1 110 ? 1.192   -14.641 2.425   1.00 70.17 ? 88  THR B CG2 1 
ATOM   1478 N  N   . GLU B 1 111 ? -1.289  -12.575 -0.269  1.00 66.31 ? 89  GLU B N   1 
ATOM   1479 C  CA  . GLU B 1 111 ? -1.097  -11.995 -1.591  1.00 64.51 ? 89  GLU B CA  1 
ATOM   1480 C  C   . GLU B 1 111 ? -0.106  -10.799 -1.566  1.00 62.52 ? 89  GLU B C   1 
ATOM   1481 O  O   . GLU B 1 111 ? -0.427  -9.732  -1.055  1.00 62.33 ? 89  GLU B O   1 
ATOM   1482 C  CB  . GLU B 1 111 ? -2.458  -11.592 -2.120  1.00 63.95 ? 89  GLU B CB  1 
ATOM   1483 C  CG  . GLU B 1 111 ? -2.430  -10.967 -3.503  1.00 67.68 ? 89  GLU B CG  1 
ATOM   1484 C  CD  . GLU B 1 111 ? -3.715  -10.148 -3.832  1.00 74.71 ? 89  GLU B CD  1 
ATOM   1485 O  OE1 . GLU B 1 111 ? -3.591  -9.190  -4.661  1.00 73.67 ? 89  GLU B OE1 1 
ATOM   1486 O  OE2 . GLU B 1 111 ? -4.834  -10.461 -3.275  1.00 77.88 ? 89  GLU B OE2 1 
ATOM   1487 N  N   . ILE B 1 112 ? 1.076   -10.986 -2.143  1.00 60.57 ? 90  ILE B N   1 
ATOM   1488 C  CA  . ILE B 1 112 ? 2.212   -10.052 -1.978  1.00 59.28 ? 90  ILE B CA  1 
ATOM   1489 C  C   . ILE B 1 112 ? 2.551   -9.282  -3.241  1.00 58.87 ? 90  ILE B C   1 
ATOM   1490 O  O   . ILE B 1 112 ? 2.730   -9.891  -4.285  1.00 58.58 ? 90  ILE B O   1 
ATOM   1491 C  CB  . ILE B 1 112 ? 3.487   -10.823 -1.599  1.00 59.34 ? 90  ILE B CB  1 
ATOM   1492 C  CG1 . ILE B 1 112 ? 3.275   -11.554 -0.283  1.00 59.62 ? 90  ILE B CG1 1 
ATOM   1493 C  CG2 . ILE B 1 112 ? 4.685   -9.911  -1.515  1.00 57.73 ? 90  ILE B CG2 1 
ATOM   1494 C  CD1 . ILE B 1 112 ? 4.439   -12.316 0.152   1.00 63.14 ? 90  ILE B CD1 1 
ATOM   1495 N  N   . ASN B 1 113 ? 2.637   -7.952  -3.159  1.00 58.12 ? 91  ASN B N   1 
ATOM   1496 C  CA  . ASN B 1 113 ? 3.088   -7.163  -4.303  1.00 57.67 ? 91  ASN B CA  1 
ATOM   1497 C  C   . ASN B 1 113 ? 4.218   -6.269  -3.958  1.00 57.33 ? 91  ASN B C   1 
ATOM   1498 O  O   . ASN B 1 113 ? 4.188   -5.524  -2.958  1.00 57.23 ? 91  ASN B O   1 
ATOM   1499 C  CB  . ASN B 1 113 ? 1.974   -6.343  -4.878  1.00 58.31 ? 91  ASN B CB  1 
ATOM   1500 C  CG  . ASN B 1 113 ? 0.835   -7.199  -5.355  1.00 60.55 ? 91  ASN B CG  1 
ATOM   1501 O  OD1 . ASN B 1 113 ? -0.251  -7.177  -4.800  1.00 58.42 ? 91  ASN B OD1 1 
ATOM   1502 N  ND2 . ASN B 1 113 ? 1.098   -7.991  -6.390  1.00 65.13 ? 91  ASN B ND2 1 
ATOM   1503 N  N   . ILE B 1 114 ? 5.205   -6.262  -4.824  1.00 56.97 ? 92  ILE B N   1 
ATOM   1504 C  CA  . ILE B 1 114 ? 6.360   -5.416  -4.665  1.00 56.84 ? 92  ILE B CA  1 
ATOM   1505 C  C   . ILE B 1 114 ? 6.373   -4.325  -5.698  1.00 55.94 ? 92  ILE B C   1 
ATOM   1506 O  O   . ILE B 1 114 ? 6.252   -4.581  -6.863  1.00 55.91 ? 92  ILE B O   1 
ATOM   1507 C  CB  . ILE B 1 114 ? 7.622   -6.226  -4.826  1.00 57.42 ? 92  ILE B CB  1 
ATOM   1508 C  CG1 . ILE B 1 114 ? 7.330   -7.660  -4.493  1.00 56.70 ? 92  ILE B CG1 1 
ATOM   1509 C  CG2 . ILE B 1 114 ? 8.665   -5.755  -3.851  1.00 57.91 ? 92  ILE B CG2 1 
ATOM   1510 C  CD1 . ILE B 1 114 ? 7.752   -7.993  -3.099  1.00 59.73 ? 92  ILE B CD1 1 
ATOM   1511 N  N   . TYR B 1 115 ? 6.541   -3.102  -5.249  1.00 54.73 ? 93  TYR B N   1 
ATOM   1512 C  CA  . TYR B 1 115 ? 6.372   -1.966  -6.102  1.00 54.73 ? 93  TYR B CA  1 
ATOM   1513 C  C   . TYR B 1 115 ? 7.586   -1.076  -6.148  1.00 54.94 ? 93  TYR B C   1 
ATOM   1514 O  O   . TYR B 1 115 ? 8.301   -0.951  -5.200  1.00 54.39 ? 93  TYR B O   1 
ATOM   1515 C  CB  . TYR B 1 115 ? 5.196   -1.150  -5.617  1.00 53.85 ? 93  TYR B CB  1 
ATOM   1516 C  CG  . TYR B 1 115 ? 3.843   -1.757  -5.858  1.00 52.03 ? 93  TYR B CG  1 
ATOM   1517 C  CD1 . TYR B 1 115 ? 3.201   -1.601  -7.052  1.00 47.85 ? 93  TYR B CD1 1 
ATOM   1518 C  CD2 . TYR B 1 115 ? 3.191   -2.440  -4.869  1.00 50.82 ? 93  TYR B CD2 1 
ATOM   1519 C  CE1 . TYR B 1 115 ? 1.966   -2.133  -7.265  1.00 45.86 ? 93  TYR B CE1 1 
ATOM   1520 C  CE2 . TYR B 1 115 ? 1.955   -2.973  -5.081  1.00 48.86 ? 93  TYR B CE2 1 
ATOM   1521 C  CZ  . TYR B 1 115 ? 1.360   -2.813  -6.284  1.00 50.43 ? 93  TYR B CZ  1 
ATOM   1522 O  OH  . TYR B 1 115 ? 0.137   -3.339  -6.493  1.00 53.36 ? 93  TYR B OH  1 
ATOM   1523 N  N   . ARG B 1 116 ? 7.794   -0.454  -7.288  1.00 56.00 ? 94  ARG B N   1 
ATOM   1524 C  CA  . ARG B 1 116 ? 8.831   0.518   -7.473  1.00 57.13 ? 94  ARG B CA  1 
ATOM   1525 C  C   . ARG B 1 116 ? 8.141   1.786   -7.883  1.00 56.81 ? 94  ARG B C   1 
ATOM   1526 O  O   . ARG B 1 116 ? 7.220   1.730   -8.633  1.00 57.99 ? 94  ARG B O   1 
ATOM   1527 C  CB  . ARG B 1 116 ? 9.742   0.053   -8.582  1.00 20.00 ? 94  ARG B CB  1 
ATOM   1528 C  CG  . ARG B 1 116 ? 9.493   0.773   -9.876  1.00 20.00 ? 94  ARG B CG  1 
ATOM   1529 C  CD  . ARG B 1 116 ? 9.640   -0.113  -11.099 1.00 20.00 ? 94  ARG B CD  1 
ATOM   1530 N  NE  . ARG B 1 116 ? 10.714  -1.078  -10.992 1.00 20.00 ? 94  ARG B NE  1 
ATOM   1531 C  CZ  . ARG B 1 116 ? 10.858  -2.088  -11.824 1.00 20.00 ? 94  ARG B CZ  1 
ATOM   1532 N  NH1 . ARG B 1 116 ? 10.001  -2.242  -12.801 1.00 20.00 ? 94  ARG B NH1 1 
ATOM   1533 N  NH2 . ARG B 1 116 ? 11.852  -2.935  -11.683 1.00 20.00 ? 94  ARG B NH2 1 
ATOM   1534 N  N   . LYS B 1 117 ? 8.543   2.922   -7.358  1.00 56.03 ? 95  LYS B N   1 
ATOM   1535 C  CA  . LYS B 1 117 ? 7.881   4.170   -7.669  1.00 56.02 ? 95  LYS B CA  1 
ATOM   1536 C  C   . LYS B 1 117 ? 8.113   4.666   -9.072  1.00 57.39 ? 95  LYS B C   1 
ATOM   1537 O  O   . LYS B 1 117 ? 9.191   4.540   -9.595  1.00 57.28 ? 95  LYS B O   1 
ATOM   1538 C  CB  . LYS B 1 117 ? 8.327   5.228   -6.702  1.00 20.00 ? 95  LYS B CB  1 
ATOM   1539 C  CG  . LYS B 1 117 ? 7.525   6.483   -6.798  1.00 20.00 ? 95  LYS B CG  1 
ATOM   1540 C  CD  . LYS B 1 117 ? 8.206   7.547   -6.007  1.00 20.00 ? 95  LYS B CD  1 
ATOM   1541 C  CE  . LYS B 1 117 ? 7.208   8.352   -5.241  1.00 20.00 ? 95  LYS B CE  1 
ATOM   1542 N  NZ  . LYS B 1 117 ? 6.517   9.268   -6.165  1.00 20.00 ? 95  LYS B NZ  1 
ATOM   1543 N  N   . LYS B 1 118 ? 7.095   5.262   -9.671  1.00 58.31 ? 96  LYS B N   1 
ATOM   1544 C  CA  . LYS B 1 118 ? 7.164   5.709   -11.053 1.00 58.03 ? 96  LYS B CA  1 
ATOM   1545 C  C   . LYS B 1 118 ? 7.093   7.213   -11.193 1.00 58.54 ? 96  LYS B C   1 
ATOM   1546 O  O   . LYS B 1 118 ? 6.157   7.840   -10.733 1.00 59.69 ? 96  LYS B O   1 
ATOM   1547 C  CB  . LYS B 1 118 ? 6.050   5.080   -11.867 1.00 57.89 ? 96  LYS B CB  1 
ATOM   1548 C  CG  . LYS B 1 118 ? 6.265   3.620   -12.178 1.00 56.86 ? 96  LYS B CG  1 
ATOM   1549 C  CD  . LYS B 1 118 ? 7.315   3.422   -13.243 1.00 57.62 ? 96  LYS B CD  1 
HETATM 1550 O  O   . HOH C 2 .   ? -1.505  1.399   16.086  1.00 62.07 ? 101 HOH A O   1 
HETATM 1551 O  O   . HOH C 2 .   ? -3.321  -10.263 -17.959 1.00 76.07 ? 102 HOH A O   1 
HETATM 1552 O  O   . HOH C 2 .   ? 0.199   10.264  9.137   1.00 53.74 ? 103 HOH A O   1 
HETATM 1553 O  O   . HOH D 2 .   ? 6.681   -9.318  3.323   1.00 59.54 ? 101 HOH B O   1 
HETATM 1554 O  O   . HOH D 2 .   ? 4.030   9.260   -12.628 1.00 54.59 ? 102 HOH B O   1 
# 
